data_6FMO
#
_entry.id   6FMO
#
_cell.length_a   154.310
_cell.length_b   154.310
_cell.length_c   178.876
_cell.angle_alpha   90.00
_cell.angle_beta   90.00
_cell.angle_gamma   120.00
#
_symmetry.space_group_name_H-M   'P 31 1 2'
#
loop_
_entity.id
_entity.type
_entity.pdbx_description
1 polymer 'Sterol 14alpha-demethylase'
2 non-polymer 'PROTOPORPHYRIN IX CONTAINING FE'
3 non-polymer Obtusifoliol
4 water water
#
_entity_poly.entity_id   1
_entity_poly.type   'polypeptide(L)'
_entity_poly.pdbx_seq_one_letter_code
;MFIEAIVLGLTALILYSVYSVKSFNTTRPTLPPVYPVTVPFLGHIVQFGKNPLEFMQRCKRDLKSGVFTISIGGQRVTIV
GDPHEHSRFFSPRNEILSPREVYTFMTPVFGEGVAYAAPYPRMREQLNFLAEELTIAKFQNFVPAIQHEVRKFMAENWKE
DEGVINLLEDCGAMIINTACQCLFGEDLRKRLNARHFAQLLSKMESSLIPAAVFMPWLLRLPLPQSARCREARAELQKIL
GEIIVAREKEEASKDNNTSDLLGGLLKAVYRDGTRMSLHEVCGMIVAAMFAGQHTSTITTSWSMLHLMHPKNKKWLDKLH
KEIDEFPAQLNYDNVMDEMPFAERCVRESIRRDPPLLMVMRMVKAEVKVGSYVVPKGDIIACSPLLSHHDEEAFPNPRLW
DPERDEKVDGAFIGFGAGVHKCIGQKFALLQVKTILATAFREYDFQLLRDEVPDPDYHTMVVGPTLNQCLVKYTRKKKLP
SHHHH
;
_entity_poly.pdbx_strand_id   A,B,C,D
#
# COMPACT_ATOMS: atom_id res chain seq x y z
N LEU A 31 -25.98 -10.64 -42.58
CA LEU A 31 -25.73 -10.92 -41.13
C LEU A 31 -26.96 -10.63 -40.27
N PRO A 32 -27.65 -9.51 -40.52
CA PRO A 32 -28.85 -9.24 -39.73
C PRO A 32 -30.09 -9.91 -40.34
N PRO A 33 -31.02 -10.36 -39.48
CA PRO A 33 -32.20 -11.08 -39.96
C PRO A 33 -33.24 -10.17 -40.61
N VAL A 34 -34.23 -10.79 -41.25
CA VAL A 34 -35.32 -10.06 -41.90
C VAL A 34 -36.61 -10.86 -41.84
N TYR A 35 -37.73 -10.18 -41.66
CA TYR A 35 -39.04 -10.82 -41.59
C TYR A 35 -39.60 -11.01 -42.98
N PRO A 36 -40.42 -12.06 -43.19
CA PRO A 36 -40.97 -12.32 -44.51
C PRO A 36 -41.91 -11.22 -45.00
N VAL A 37 -41.76 -10.84 -46.26
CA VAL A 37 -42.54 -9.77 -46.86
C VAL A 37 -43.58 -10.30 -47.85
N THR A 38 -44.82 -10.42 -47.39
CA THR A 38 -45.91 -10.88 -48.25
C THR A 38 -46.19 -9.84 -49.34
N VAL A 39 -46.48 -8.62 -48.91
CA VAL A 39 -46.67 -7.50 -49.82
C VAL A 39 -45.39 -6.67 -49.87
N PRO A 40 -44.77 -6.58 -51.06
CA PRO A 40 -43.47 -5.91 -51.15
C PRO A 40 -43.50 -4.40 -50.89
N PHE A 41 -44.43 -3.69 -51.51
CA PHE A 41 -44.45 -2.23 -51.43
C PHE A 41 -44.97 -1.71 -50.09
N LEU A 42 -46.08 -2.26 -49.62
CA LEU A 42 -46.66 -1.84 -48.35
C LEU A 42 -45.75 -2.22 -47.19
N GLY A 43 -45.30 -3.46 -47.20
CA GLY A 43 -44.46 -3.98 -46.12
C GLY A 43 -45.28 -4.46 -44.95
N HIS A 44 -44.75 -4.27 -43.74
CA HIS A 44 -45.40 -4.74 -42.52
C HIS A 44 -46.20 -3.62 -41.84
N ILE A 45 -46.23 -2.46 -42.48
CA ILE A 45 -46.89 -1.29 -41.92
C ILE A 45 -48.35 -1.58 -41.57
N VAL A 46 -48.90 -2.63 -42.17
CA VAL A 46 -50.28 -3.04 -41.91
C VAL A 46 -50.41 -3.59 -40.49
N GLN A 47 -49.58 -4.58 -40.18
CA GLN A 47 -49.59 -5.21 -38.86
C GLN A 47 -49.07 -4.27 -37.78
N PHE A 48 -47.93 -3.64 -38.06
CA PHE A 48 -47.32 -2.69 -37.13
C PHE A 48 -48.34 -1.65 -36.67
N GLY A 49 -49.21 -1.25 -37.60
CA GLY A 49 -50.26 -0.27 -37.29
C GLY A 49 -51.37 -0.85 -36.44
N LYS A 50 -51.80 -2.07 -36.76
CA LYS A 50 -52.87 -2.74 -36.03
C LYS A 50 -52.44 -3.00 -34.58
N ASN A 51 -51.23 -3.54 -34.43
CA ASN A 51 -50.63 -3.75 -33.12
C ASN A 51 -49.11 -3.84 -33.24
N PRO A 52 -48.41 -2.82 -32.74
CA PRO A 52 -46.94 -2.82 -32.83
C PRO A 52 -46.27 -3.67 -31.76
N LEU A 53 -46.93 -3.79 -30.61
CA LEU A 53 -46.40 -4.59 -29.51
C LEU A 53 -46.38 -6.07 -29.88
N GLU A 54 -47.51 -6.58 -30.35
CA GLU A 54 -47.64 -8.00 -30.67
C GLU A 54 -46.96 -8.36 -31.98
N PHE A 55 -46.89 -7.42 -32.91
CA PHE A 55 -46.18 -7.66 -34.17
C PHE A 55 -44.68 -7.80 -33.92
N MET A 56 -44.13 -6.86 -33.15
CA MET A 56 -42.70 -6.85 -32.88
C MET A 56 -42.30 -8.05 -32.01
N GLN A 57 -43.14 -8.38 -31.04
CA GLN A 57 -42.91 -9.55 -30.19
C GLN A 57 -42.98 -10.82 -31.03
N ARG A 58 -43.85 -10.82 -32.02
CA ARG A 58 -44.01 -11.95 -32.92
C ARG A 58 -42.84 -12.03 -33.90
N CYS A 59 -42.29 -10.88 -34.27
CA CYS A 59 -41.10 -10.84 -35.11
C CYS A 59 -39.91 -11.42 -34.35
N LYS A 60 -39.76 -10.97 -33.12
CA LYS A 60 -38.68 -11.40 -32.22
C LYS A 60 -38.79 -12.89 -31.90
N ARG A 61 -40.01 -13.33 -31.62
CA ARG A 61 -40.27 -14.70 -31.17
C ARG A 61 -40.04 -15.71 -32.30
N ASP A 62 -40.61 -15.44 -33.47
CA ASP A 62 -40.53 -16.37 -34.60
C ASP A 62 -39.14 -16.39 -35.24
N LEU A 63 -38.54 -15.22 -35.40
CA LEU A 63 -37.19 -15.12 -35.96
C LEU A 63 -36.15 -15.71 -35.02
N LYS A 64 -36.51 -15.79 -33.74
CA LYS A 64 -35.61 -16.33 -32.71
C LYS A 64 -34.35 -15.48 -32.61
N SER A 65 -34.55 -14.18 -32.41
CA SER A 65 -33.45 -13.23 -32.23
C SER A 65 -33.99 -11.91 -31.69
N GLY A 66 -33.19 -11.25 -30.86
CA GLY A 66 -33.57 -9.96 -30.29
C GLY A 66 -33.48 -8.85 -31.31
N VAL A 67 -32.46 -8.92 -32.16
CA VAL A 67 -32.26 -7.94 -33.23
C VAL A 67 -32.76 -8.48 -34.56
N PHE A 68 -33.50 -7.63 -35.29
CA PHE A 68 -34.04 -8.02 -36.58
C PHE A 68 -34.37 -6.81 -37.45
N THR A 69 -34.69 -7.07 -38.71
CA THR A 69 -35.01 -6.02 -39.67
C THR A 69 -36.40 -6.22 -40.29
N ILE A 70 -37.09 -5.11 -40.54
CA ILE A 70 -38.35 -5.15 -41.26
C ILE A 70 -38.38 -4.06 -42.33
N SER A 71 -39.14 -4.30 -43.39
CA SER A 71 -39.24 -3.37 -44.49
C SER A 71 -40.53 -2.55 -44.43
N ILE A 72 -40.38 -1.26 -44.18
CA ILE A 72 -41.51 -0.33 -44.18
C ILE A 72 -41.36 0.64 -45.35
N GLY A 73 -42.08 0.36 -46.43
CA GLY A 73 -42.01 1.21 -47.63
C GLY A 73 -40.66 1.15 -48.32
N GLY A 74 -40.19 -0.06 -48.56
CA GLY A 74 -38.93 -0.28 -49.26
C GLY A 74 -37.74 0.32 -48.53
N GLN A 75 -37.84 0.41 -47.22
CA GLN A 75 -36.76 0.93 -46.38
C GLN A 75 -36.47 -0.03 -45.23
N ARG A 76 -35.23 -0.50 -45.16
CA ARG A 76 -34.81 -1.44 -44.14
C ARG A 76 -34.81 -0.79 -42.76
N VAL A 77 -35.72 -1.22 -41.90
CA VAL A 77 -35.79 -0.74 -40.53
C VAL A 77 -35.31 -1.84 -39.57
N THR A 78 -34.11 -1.65 -39.03
CA THR A 78 -33.52 -2.62 -38.10
C THR A 78 -33.88 -2.27 -36.66
N ILE A 79 -34.68 -3.13 -36.03
CA ILE A 79 -35.13 -2.91 -34.66
C ILE A 79 -34.27 -3.67 -33.65
N VAL A 80 -33.85 -2.97 -32.60
CA VAL A 80 -33.11 -3.58 -31.51
C VAL A 80 -34.07 -3.97 -30.39
N GLY A 81 -34.31 -5.26 -30.25
CA GLY A 81 -35.25 -5.79 -29.26
C GLY A 81 -34.55 -6.52 -28.12
N ASP A 82 -33.22 -6.48 -28.14
CA ASP A 82 -32.44 -7.11 -27.08
C ASP A 82 -31.94 -6.05 -26.10
N PRO A 83 -32.46 -6.07 -24.87
CA PRO A 83 -32.11 -5.05 -23.89
C PRO A 83 -30.61 -4.94 -23.62
N HIS A 84 -29.91 -6.05 -23.76
CA HIS A 84 -28.47 -6.08 -23.49
C HIS A 84 -27.68 -5.27 -24.52
N GLU A 85 -28.26 -5.05 -25.69
CA GLU A 85 -27.57 -4.35 -26.76
C GLU A 85 -27.95 -2.88 -26.84
N HIS A 86 -28.76 -2.41 -25.89
CA HIS A 86 -29.16 -1.00 -25.86
C HIS A 86 -27.95 -0.09 -26.00
N SER A 87 -26.87 -0.45 -25.30
CA SER A 87 -25.65 0.34 -25.28
C SER A 87 -25.11 0.59 -26.69
N ARG A 88 -25.34 -0.35 -27.59
CA ARG A 88 -24.90 -0.21 -28.98
C ARG A 88 -25.69 0.89 -29.69
N PHE A 89 -26.99 0.92 -29.42
CA PHE A 89 -27.89 1.87 -30.08
C PHE A 89 -27.68 3.31 -29.62
N PHE A 90 -27.67 3.52 -28.31
CA PHE A 90 -27.69 4.87 -27.75
C PHE A 90 -26.32 5.54 -27.63
N SER A 91 -25.25 4.75 -27.67
CA SER A 91 -23.92 5.27 -27.39
C SER A 91 -23.32 6.10 -28.53
N PRO A 92 -23.24 5.52 -29.73
CA PRO A 92 -22.54 6.17 -30.84
C PRO A 92 -22.92 7.63 -31.07
N ARG A 93 -21.98 8.39 -31.61
CA ARG A 93 -22.16 9.82 -31.84
C ARG A 93 -23.16 10.08 -32.96
N ASN A 94 -23.46 11.37 -33.20
CA ASN A 94 -24.39 11.77 -34.23
C ASN A 94 -23.92 11.35 -35.62
N GLU A 95 -22.62 11.38 -35.84
CA GLU A 95 -22.04 11.09 -37.15
C GLU A 95 -22.24 9.63 -37.56
N ILE A 96 -22.16 8.73 -36.58
CA ILE A 96 -22.32 7.30 -36.84
C ILE A 96 -23.80 6.93 -36.95
N LEU A 97 -24.59 7.40 -35.99
CA LEU A 97 -26.04 7.21 -36.02
C LEU A 97 -26.74 8.55 -35.83
N SER A 98 -27.28 9.09 -36.92
CA SER A 98 -27.94 10.39 -36.88
C SER A 98 -29.44 10.29 -36.67
N PRO A 99 -30.00 11.18 -35.84
CA PRO A 99 -31.43 11.23 -35.61
C PRO A 99 -32.14 12.20 -36.53
N ARG A 100 -31.37 13.12 -37.11
CA ARG A 100 -31.93 14.22 -37.88
C ARG A 100 -32.79 13.73 -39.05
N GLU A 101 -32.16 13.04 -39.98
CA GLU A 101 -32.83 12.66 -41.23
C GLU A 101 -33.86 11.55 -41.04
N VAL A 102 -34.03 11.08 -39.81
CA VAL A 102 -35.13 10.17 -39.50
C VAL A 102 -36.28 10.93 -38.85
N TYR A 103 -35.94 12.02 -38.16
CA TYR A 103 -36.95 12.84 -37.50
C TYR A 103 -37.26 14.11 -38.28
N THR A 104 -37.24 14.01 -39.60
CA THR A 104 -37.64 15.11 -40.46
C THR A 104 -39.15 15.29 -40.46
N PHE A 105 -39.86 14.21 -40.10
CA PHE A 105 -41.32 14.23 -40.04
C PHE A 105 -41.83 15.22 -39.00
N MET A 106 -40.94 15.68 -38.13
CA MET A 106 -41.34 16.51 -36.99
C MET A 106 -41.40 18.00 -37.34
N THR A 107 -40.79 18.38 -38.45
CA THR A 107 -40.72 19.80 -38.84
C THR A 107 -42.10 20.38 -39.16
N PRO A 108 -43.00 19.57 -39.72
CA PRO A 108 -44.36 20.05 -39.91
C PRO A 108 -45.06 20.44 -38.62
N VAL A 109 -44.50 20.05 -37.48
CA VAL A 109 -45.15 20.31 -36.20
C VAL A 109 -44.58 21.55 -35.51
N PHE A 110 -43.27 21.72 -35.60
CA PHE A 110 -42.61 22.89 -35.01
C PHE A 110 -42.37 23.97 -36.06
N GLY A 111 -41.78 23.57 -37.19
CA GLY A 111 -41.48 24.48 -38.27
C GLY A 111 -40.05 24.34 -38.75
N GLU A 112 -39.51 25.40 -39.35
CA GLU A 112 -38.13 25.44 -39.78
C GLU A 112 -37.25 26.12 -38.73
N GLY A 113 -36.02 25.65 -38.61
CA GLY A 113 -35.07 26.19 -37.64
C GLY A 113 -35.36 25.73 -36.23
N VAL A 114 -36.24 24.75 -36.11
CA VAL A 114 -36.61 24.18 -34.81
C VAL A 114 -36.44 22.66 -34.83
N ALA A 115 -36.11 22.11 -33.66
CA ALA A 115 -35.83 20.69 -33.53
C ALA A 115 -34.74 20.26 -34.52
N TYR A 116 -35.04 19.26 -35.34
CA TYR A 116 -34.00 18.61 -36.13
C TYR A 116 -33.85 19.20 -37.54
N ALA A 117 -34.35 20.41 -37.72
CA ALA A 117 -34.21 21.11 -38.99
C ALA A 117 -32.78 21.62 -39.13
N ALA A 118 -32.32 22.30 -38.08
CA ALA A 118 -30.94 22.77 -38.03
C ALA A 118 -30.01 21.60 -37.75
N PRO A 119 -28.73 21.75 -38.08
CA PRO A 119 -27.72 20.78 -37.65
C PRO A 119 -27.34 20.99 -36.18
N TYR A 120 -26.27 20.32 -35.75
CA TYR A 120 -25.82 20.38 -34.37
C TYR A 120 -25.92 21.79 -33.78
N PRO A 121 -25.25 22.76 -34.42
CA PRO A 121 -25.05 24.05 -33.75
C PRO A 121 -26.35 24.73 -33.33
N ARG A 122 -27.24 24.97 -34.28
CA ARG A 122 -28.46 25.72 -33.97
C ARG A 122 -29.42 24.92 -33.09
N MET A 123 -29.46 23.60 -33.27
CA MET A 123 -30.30 22.79 -32.39
C MET A 123 -29.72 22.83 -30.98
N ARG A 124 -28.40 22.78 -30.86
CA ARG A 124 -27.74 22.90 -29.57
C ARG A 124 -28.00 24.28 -28.97
N GLU A 125 -27.96 25.30 -29.82
CA GLU A 125 -28.31 26.65 -29.40
C GLU A 125 -29.70 26.85 -28.78
N GLN A 126 -30.71 26.31 -29.45
CA GLN A 126 -32.07 26.31 -28.88
C GLN A 126 -32.26 25.39 -27.66
N LEU A 127 -31.48 24.32 -27.68
CA LEU A 127 -31.53 23.29 -26.66
C LEU A 127 -31.05 23.96 -25.37
N ASN A 128 -29.96 24.71 -25.47
CA ASN A 128 -29.39 25.35 -24.28
C ASN A 128 -30.20 26.56 -23.83
N PHE A 129 -31.03 27.12 -24.71
CA PHE A 129 -31.97 28.15 -24.31
C PHE A 129 -33.01 27.53 -23.38
N LEU A 130 -33.44 26.32 -23.71
CA LEU A 130 -34.37 25.56 -22.90
C LEU A 130 -33.70 25.15 -21.59
N ALA A 131 -32.48 24.63 -21.71
CA ALA A 131 -31.70 24.20 -20.56
C ALA A 131 -31.47 25.34 -19.58
N GLU A 132 -31.30 26.54 -20.12
CA GLU A 132 -31.08 27.74 -19.31
C GLU A 132 -32.26 28.02 -18.39
N GLU A 133 -33.45 27.63 -18.84
CA GLU A 133 -34.68 27.83 -18.07
C GLU A 133 -35.02 26.64 -17.19
N LEU A 134 -34.17 25.63 -17.20
CA LEU A 134 -34.45 24.35 -16.56
C LEU A 134 -33.34 23.99 -15.59
N THR A 135 -32.78 25.01 -14.94
CA THR A 135 -31.62 24.85 -14.07
C THR A 135 -32.00 24.52 -12.63
N ILE A 136 -31.03 24.03 -11.87
CA ILE A 136 -31.22 23.68 -10.47
C ILE A 136 -31.75 24.85 -9.64
N ALA A 137 -31.42 26.06 -10.08
CA ALA A 137 -31.82 27.28 -9.39
C ALA A 137 -33.28 27.62 -9.64
N LYS A 138 -33.72 27.46 -10.88
CA LYS A 138 -35.07 27.83 -11.28
C LYS A 138 -36.13 26.83 -10.83
N PHE A 139 -35.71 25.68 -10.34
CA PHE A 139 -36.65 24.65 -9.87
C PHE A 139 -37.28 24.99 -8.50
N GLN A 140 -36.77 26.03 -7.86
CA GLN A 140 -37.29 26.43 -6.56
C GLN A 140 -38.70 26.99 -6.68
N ASN A 141 -38.98 27.62 -7.82
CA ASN A 141 -40.30 28.21 -8.07
C ASN A 141 -41.31 27.18 -8.55
N PHE A 142 -40.82 26.14 -9.21
CA PHE A 142 -41.66 25.19 -9.94
C PHE A 142 -42.74 24.53 -9.10
N VAL A 143 -42.38 24.01 -7.93
CA VAL A 143 -43.34 23.28 -7.11
C VAL A 143 -44.47 24.19 -6.60
N PRO A 144 -44.12 25.36 -6.05
CA PRO A 144 -45.18 26.29 -5.66
C PRO A 144 -46.03 26.72 -6.86
N ALA A 145 -45.37 27.01 -7.97
CA ALA A 145 -46.04 27.46 -9.18
C ALA A 145 -46.98 26.37 -9.72
N ILE A 146 -46.47 25.15 -9.80
CA ILE A 146 -47.26 24.01 -10.27
C ILE A 146 -48.45 23.77 -9.36
N GLN A 147 -48.19 23.65 -8.07
CA GLN A 147 -49.22 23.27 -7.11
C GLN A 147 -50.36 24.29 -7.03
N HIS A 148 -50.03 25.57 -7.20
CA HIS A 148 -51.05 26.61 -7.25
C HIS A 148 -51.94 26.41 -8.47
N GLU A 149 -51.31 26.28 -9.63
CA GLU A 149 -52.01 26.08 -10.90
C GLU A 149 -52.95 24.88 -10.86
N VAL A 150 -52.53 23.81 -10.21
CA VAL A 150 -53.34 22.60 -10.10
C VAL A 150 -54.60 22.91 -9.30
N ARG A 151 -54.40 23.37 -8.07
CA ARG A 151 -55.50 23.71 -7.18
C ARG A 151 -56.49 24.69 -7.82
N LYS A 152 -55.96 25.64 -8.59
CA LYS A 152 -56.80 26.54 -9.37
C LYS A 152 -57.73 25.75 -10.28
N PHE A 153 -57.13 24.99 -11.20
CA PHE A 153 -57.87 24.19 -12.15
C PHE A 153 -58.84 23.24 -11.45
N MET A 154 -58.44 22.73 -10.30
CA MET A 154 -59.28 21.80 -9.56
C MET A 154 -60.55 22.47 -9.05
N ALA A 155 -60.42 23.70 -8.56
CA ALA A 155 -61.58 24.45 -8.07
C ALA A 155 -62.42 24.98 -9.22
N GLU A 156 -61.79 25.09 -10.40
CA GLU A 156 -62.43 25.65 -11.57
C GLU A 156 -63.27 24.62 -12.31
N ASN A 157 -62.70 23.45 -12.57
CA ASN A 157 -63.36 22.42 -13.34
C ASN A 157 -64.07 21.37 -12.48
N TRP A 158 -63.42 20.97 -11.38
CA TRP A 158 -64.04 20.05 -10.44
C TRP A 158 -64.69 20.85 -9.31
N LYS A 159 -65.91 21.30 -9.55
CA LYS A 159 -66.57 22.27 -8.68
C LYS A 159 -67.39 21.62 -7.57
N GLU A 160 -68.22 20.65 -7.92
CA GLU A 160 -69.08 19.98 -6.94
C GLU A 160 -68.27 19.05 -6.04
N ASP A 161 -68.91 18.57 -4.98
CA ASP A 161 -68.28 17.64 -4.05
C ASP A 161 -68.03 16.29 -4.71
N GLU A 162 -68.93 15.92 -5.63
CA GLU A 162 -68.74 14.74 -6.47
C GLU A 162 -68.92 15.17 -7.91
N GLY A 163 -68.68 14.25 -8.85
CA GLY A 163 -68.84 14.56 -10.27
C GLY A 163 -68.08 13.61 -11.17
N VAL A 164 -68.36 13.70 -12.47
CA VAL A 164 -67.76 12.81 -13.45
C VAL A 164 -67.08 13.58 -14.58
N ILE A 165 -65.85 13.18 -14.90
CA ILE A 165 -65.08 13.82 -15.95
C ILE A 165 -64.01 12.87 -16.48
N ASN A 166 -63.74 12.95 -17.78
CA ASN A 166 -62.69 12.12 -18.37
C ASN A 166 -61.33 12.75 -18.05
N LEU A 167 -60.39 11.91 -17.66
CA LEU A 167 -59.15 12.35 -17.04
C LEU A 167 -58.13 12.87 -18.05
N LEU A 168 -58.02 12.17 -19.17
CA LEU A 168 -57.00 12.48 -20.17
C LEU A 168 -57.07 13.92 -20.66
N GLU A 169 -58.28 14.42 -20.88
CA GLU A 169 -58.47 15.78 -21.37
C GLU A 169 -58.33 16.82 -20.26
N ASP A 170 -58.87 16.50 -19.09
CA ASP A 170 -58.72 17.39 -17.93
C ASP A 170 -57.26 17.53 -17.52
N CYS A 171 -56.50 16.46 -17.62
CA CYS A 171 -55.07 16.50 -17.31
C CYS A 171 -54.31 17.30 -18.37
N GLY A 172 -54.65 17.06 -19.63
CA GLY A 172 -54.05 17.79 -20.75
C GLY A 172 -54.12 19.30 -20.53
N ALA A 173 -55.19 19.75 -19.90
CA ALA A 173 -55.34 21.16 -19.54
C ALA A 173 -54.49 21.47 -18.33
N MET A 174 -54.69 20.71 -17.26
CA MET A 174 -53.87 20.81 -16.06
C MET A 174 -52.42 21.10 -16.43
N ILE A 175 -51.83 20.19 -17.20
CA ILE A 175 -50.41 20.23 -17.50
C ILE A 175 -50.03 21.42 -18.39
N ILE A 176 -50.95 21.85 -19.25
CA ILE A 176 -50.67 22.98 -20.14
C ILE A 176 -50.43 24.24 -19.32
N ASN A 177 -51.10 24.33 -18.16
CA ASN A 177 -50.87 25.44 -17.25
C ASN A 177 -49.55 25.28 -16.51
N THR A 178 -49.39 24.15 -15.85
CA THR A 178 -48.20 23.89 -15.03
C THR A 178 -46.93 23.92 -15.86
N ALA A 179 -47.02 23.44 -17.10
CA ALA A 179 -45.87 23.45 -18.01
C ALA A 179 -45.54 24.88 -18.41
N CYS A 180 -46.58 25.61 -18.83
CA CYS A 180 -46.43 26.99 -19.26
C CYS A 180 -45.96 27.88 -18.11
N GLN A 181 -46.58 27.71 -16.95
CA GLN A 181 -46.27 28.51 -15.77
C GLN A 181 -44.78 28.42 -15.42
N CYS A 182 -44.21 27.24 -15.56
CA CYS A 182 -42.82 27.00 -15.17
C CYS A 182 -41.82 27.44 -16.23
N LEU A 183 -42.13 27.21 -17.49
CA LEU A 183 -41.20 27.49 -18.58
C LEU A 183 -41.30 28.92 -19.09
N PHE A 184 -42.52 29.35 -19.41
CA PHE A 184 -42.74 30.64 -20.04
C PHE A 184 -43.14 31.73 -19.04
N GLY A 185 -43.59 31.30 -17.88
CA GLY A 185 -43.88 32.22 -16.79
C GLY A 185 -45.32 32.67 -16.76
N GLU A 186 -45.57 33.67 -15.90
CA GLU A 186 -46.92 34.08 -15.55
C GLU A 186 -47.62 34.83 -16.69
N ASP A 187 -46.83 35.45 -17.57
CA ASP A 187 -47.38 36.28 -18.63
C ASP A 187 -48.15 35.47 -19.67
N LEU A 188 -47.64 34.30 -20.02
CA LEU A 188 -48.30 33.47 -21.03
C LEU A 188 -49.48 32.69 -20.46
N ARG A 189 -49.24 31.93 -19.41
CA ARG A 189 -50.32 31.22 -18.73
C ARG A 189 -51.59 32.07 -18.68
N LYS A 190 -51.40 33.39 -18.59
CA LYS A 190 -52.49 34.35 -18.52
C LYS A 190 -53.16 34.54 -19.88
N ARG A 191 -52.36 34.78 -20.91
CA ARG A 191 -52.86 35.01 -22.26
C ARG A 191 -53.59 33.79 -22.80
N LEU A 192 -52.95 32.63 -22.71
CA LEU A 192 -53.49 31.40 -23.27
C LEU A 192 -54.87 31.03 -22.72
N ASN A 193 -54.97 30.99 -21.40
CA ASN A 193 -56.24 30.79 -20.69
C ASN A 193 -57.12 29.64 -21.17
N ALA A 194 -58.42 29.93 -21.25
CA ALA A 194 -59.43 28.93 -21.53
C ALA A 194 -59.25 28.32 -22.92
N ARG A 195 -58.71 29.09 -23.85
CA ARG A 195 -58.43 28.58 -25.21
C ARG A 195 -57.32 27.52 -25.23
N HIS A 196 -56.21 27.80 -24.54
CA HIS A 196 -55.11 26.87 -24.43
C HIS A 196 -55.41 25.77 -23.42
N PHE A 197 -56.08 26.16 -22.33
CA PHE A 197 -56.65 25.25 -21.36
C PHE A 197 -57.33 24.06 -22.03
N ALA A 198 -58.05 24.34 -23.12
CA ALA A 198 -58.68 23.29 -23.91
C ALA A 198 -58.20 23.26 -25.37
N GLN A 199 -58.04 24.44 -25.97
CA GLN A 199 -57.60 24.50 -27.37
C GLN A 199 -56.14 24.18 -27.71
N LEU A 200 -55.21 24.82 -27.04
CA LEU A 200 -53.80 24.48 -27.24
C LEU A 200 -53.61 23.00 -26.93
N LEU A 201 -54.31 22.52 -25.90
CA LEU A 201 -54.37 21.10 -25.58
C LEU A 201 -54.83 20.33 -26.82
N SER A 202 -55.99 20.74 -27.34
CA SER A 202 -56.58 20.09 -28.51
C SER A 202 -55.77 20.34 -29.77
N LYS A 203 -55.24 21.55 -29.91
CA LYS A 203 -54.39 21.90 -31.04
C LYS A 203 -53.16 21.01 -31.08
N MET A 204 -52.73 20.54 -29.91
CA MET A 204 -51.60 19.62 -29.82
C MET A 204 -52.06 18.18 -29.96
N GLU A 205 -53.08 17.81 -29.19
CA GLU A 205 -53.68 16.48 -29.31
C GLU A 205 -54.00 16.19 -30.77
N SER A 206 -54.40 17.24 -31.49
CA SER A 206 -54.71 17.13 -32.91
C SER A 206 -53.49 16.74 -33.74
N SER A 207 -52.38 17.39 -33.47
CA SER A 207 -51.17 17.27 -34.29
C SER A 207 -50.67 15.84 -34.51
N LEU A 208 -50.95 14.94 -33.59
CA LEU A 208 -50.40 13.59 -33.65
C LEU A 208 -50.75 12.85 -34.93
N ILE A 209 -49.79 12.10 -35.46
CA ILE A 209 -49.98 11.30 -36.68
C ILE A 209 -49.18 10.01 -36.62
N PRO A 210 -49.82 8.90 -37.00
CA PRO A 210 -49.34 7.53 -36.95
C PRO A 210 -49.00 6.91 -38.29
N ALA A 211 -47.96 6.08 -38.27
CA ALA A 211 -47.45 5.35 -39.42
C ALA A 211 -47.02 6.31 -40.53
N ALA A 212 -46.55 7.48 -40.13
CA ALA A 212 -46.07 8.43 -41.14
C ALA A 212 -44.57 8.66 -40.94
N VAL A 213 -44.09 8.50 -39.72
CA VAL A 213 -42.67 8.67 -39.43
C VAL A 213 -41.79 7.82 -40.33
N PHE A 214 -42.13 6.54 -40.44
CA PHE A 214 -41.36 5.62 -41.27
C PHE A 214 -41.41 6.04 -42.73
N MET A 215 -42.54 6.63 -43.11
CA MET A 215 -42.74 7.17 -44.46
C MET A 215 -42.93 8.67 -44.37
N PRO A 216 -41.83 9.44 -44.33
CA PRO A 216 -41.98 10.89 -44.30
C PRO A 216 -42.56 11.49 -45.58
N TRP A 217 -42.58 10.73 -46.67
CA TRP A 217 -43.15 11.20 -47.93
C TRP A 217 -44.66 11.43 -47.91
N LEU A 218 -45.36 10.69 -47.05
CA LEU A 218 -46.82 10.75 -47.00
C LEU A 218 -47.32 12.09 -46.48
N LEU A 219 -46.70 12.57 -45.41
CA LEU A 219 -47.20 13.78 -44.75
C LEU A 219 -46.96 15.04 -45.57
N ARG A 220 -46.15 14.92 -46.61
CA ARG A 220 -45.70 16.09 -47.36
C ARG A 220 -46.87 16.77 -48.07
N LEU A 221 -47.56 16.01 -48.92
CA LEU A 221 -48.67 16.56 -49.68
C LEU A 221 -49.95 16.62 -48.85
N PRO A 222 -50.51 15.46 -48.47
CA PRO A 222 -51.76 15.27 -47.71
C PRO A 222 -51.64 14.92 -46.22
N LEU A 223 -51.18 15.84 -45.36
CA LEU A 223 -51.25 15.57 -43.93
C LEU A 223 -52.66 15.91 -43.46
N PRO A 224 -53.22 15.11 -42.54
CA PRO A 224 -54.64 15.23 -42.21
C PRO A 224 -55.08 16.59 -41.65
N GLN A 225 -54.40 17.08 -40.62
CA GLN A 225 -54.79 18.34 -39.99
C GLN A 225 -53.63 19.26 -39.63
N SER A 226 -52.50 18.66 -39.28
CA SER A 226 -51.34 19.42 -38.80
C SER A 226 -50.94 20.55 -39.76
N ALA A 227 -51.42 20.48 -40.99
CA ALA A 227 -51.16 21.53 -41.98
C ALA A 227 -51.93 22.80 -41.60
N ARG A 228 -53.16 22.62 -41.14
CA ARG A 228 -53.95 23.77 -40.69
C ARG A 228 -53.72 24.04 -39.21
N CYS A 229 -53.69 22.98 -38.41
CA CYS A 229 -53.71 23.15 -36.95
C CYS A 229 -52.45 23.84 -36.43
N ARG A 230 -51.30 23.44 -36.95
CA ARG A 230 -50.03 24.01 -36.53
C ARG A 230 -49.93 25.48 -36.92
N GLU A 231 -50.52 25.80 -38.07
CA GLU A 231 -50.50 27.18 -38.56
C GLU A 231 -51.57 28.02 -37.86
N ALA A 232 -52.70 27.40 -37.55
CA ALA A 232 -53.77 28.05 -36.80
C ALA A 232 -53.26 28.30 -35.38
N ARG A 233 -52.55 27.31 -34.86
CA ARG A 233 -51.93 27.44 -33.55
C ARG A 233 -50.88 28.55 -33.61
N ALA A 234 -50.13 28.57 -34.71
CA ALA A 234 -49.07 29.54 -34.93
C ALA A 234 -49.60 30.96 -34.85
N GLU A 235 -50.85 31.15 -35.25
CA GLU A 235 -51.47 32.49 -35.27
C GLU A 235 -51.67 33.03 -33.86
N LEU A 236 -52.41 32.29 -33.04
CA LEU A 236 -52.80 32.76 -31.71
C LEU A 236 -51.65 33.29 -30.87
N GLN A 237 -50.48 32.69 -30.99
CA GLN A 237 -49.34 33.11 -30.18
C GLN A 237 -48.43 34.10 -30.89
N LYS A 238 -48.56 34.20 -32.20
CA LYS A 238 -47.88 35.25 -32.96
C LYS A 238 -48.53 36.59 -32.64
N ILE A 239 -49.84 36.53 -32.35
CA ILE A 239 -50.61 37.73 -32.03
C ILE A 239 -50.25 38.23 -30.63
N LEU A 240 -50.13 37.31 -29.69
CA LEU A 240 -49.79 37.68 -28.31
C LEU A 240 -48.28 37.91 -28.17
N GLY A 241 -47.53 37.48 -29.17
CA GLY A 241 -46.10 37.76 -29.23
C GLY A 241 -45.84 39.20 -29.65
N GLU A 242 -46.86 39.83 -30.24
CA GLU A 242 -46.75 41.20 -30.73
C GLU A 242 -47.27 42.22 -29.72
N ILE A 243 -48.19 41.81 -28.86
CA ILE A 243 -48.68 42.71 -27.82
C ILE A 243 -47.70 42.83 -26.66
N ILE A 244 -46.91 41.79 -26.43
CA ILE A 244 -46.06 41.71 -25.24
C ILE A 244 -45.07 42.87 -25.14
N VAL A 245 -44.80 43.53 -26.25
CA VAL A 245 -43.91 44.70 -26.25
C VAL A 245 -44.60 45.92 -25.66
N ALA A 246 -45.91 46.01 -25.86
CA ALA A 246 -46.68 47.16 -25.40
C ALA A 246 -47.14 47.00 -23.95
N ARG A 247 -47.15 45.77 -23.46
CA ARG A 247 -47.71 45.46 -22.15
C ARG A 247 -46.80 45.90 -21.01
N GLU A 248 -45.66 45.22 -20.85
CA GLU A 248 -44.78 45.47 -19.72
C GLU A 248 -43.80 46.62 -19.99
N LYS A 249 -43.32 47.24 -18.90
CA LYS A 249 -42.20 48.15 -18.98
C LYS A 249 -40.93 47.31 -19.13
N GLU A 250 -40.73 46.42 -18.17
CA GLU A 250 -39.64 45.43 -18.19
C GLU A 250 -38.34 45.95 -18.81
N GLU A 251 -37.96 47.17 -18.48
CA GLU A 251 -36.70 47.71 -18.98
C GLU A 251 -36.21 48.90 -18.16
N ALA A 252 -35.19 48.68 -17.35
CA ALA A 252 -34.46 49.73 -16.66
C ALA A 252 -35.22 50.35 -15.48
N SER A 253 -36.44 49.88 -15.25
CA SER A 253 -37.17 50.22 -14.03
C SER A 253 -36.85 49.21 -12.95
N LYS A 254 -36.49 48.00 -13.38
CA LYS A 254 -36.18 46.90 -12.48
C LYS A 254 -37.35 46.63 -11.55
N ASP A 255 -38.56 46.65 -12.08
CA ASP A 255 -39.76 46.38 -11.30
C ASP A 255 -40.15 44.90 -11.34
N ASN A 256 -39.61 44.18 -12.32
CA ASN A 256 -39.70 42.72 -12.35
C ASN A 256 -38.52 42.11 -13.08
N ASN A 257 -37.74 41.31 -12.36
CA ASN A 257 -36.59 40.62 -12.94
C ASN A 257 -37.06 39.39 -13.72
N THR A 258 -37.40 39.61 -14.98
CA THR A 258 -37.97 38.56 -15.83
C THR A 258 -36.89 37.86 -16.66
N SER A 259 -36.56 36.63 -16.26
CA SER A 259 -35.62 35.81 -17.01
C SER A 259 -36.35 34.62 -17.62
N ASP A 260 -37.61 34.85 -17.97
CA ASP A 260 -38.46 33.81 -18.58
C ASP A 260 -37.89 33.35 -19.92
N LEU A 261 -38.54 32.36 -20.51
CA LEU A 261 -38.06 31.79 -21.78
C LEU A 261 -38.34 32.72 -22.94
N LEU A 262 -39.62 33.09 -23.12
CA LEU A 262 -40.05 33.83 -24.30
C LEU A 262 -39.31 35.15 -24.48
N GLY A 263 -39.35 35.99 -23.46
CA GLY A 263 -38.70 37.29 -23.52
C GLY A 263 -37.27 37.18 -24.03
N GLY A 264 -36.52 36.28 -23.41
CA GLY A 264 -35.14 36.03 -23.79
C GLY A 264 -35.01 35.31 -25.13
N LEU A 265 -36.09 34.65 -25.54
CA LEU A 265 -36.09 33.85 -26.76
C LEU A 265 -36.23 34.70 -28.02
N LEU A 266 -36.91 35.83 -27.91
CA LEU A 266 -37.05 36.74 -29.05
C LEU A 266 -35.97 37.81 -29.02
N LYS A 267 -35.36 38.01 -27.84
CA LYS A 267 -34.21 38.91 -27.71
C LYS A 267 -32.95 38.22 -28.19
N ALA A 268 -32.98 36.89 -28.24
CA ALA A 268 -31.80 36.08 -28.51
C ALA A 268 -31.24 36.25 -29.92
N VAL A 269 -29.92 36.16 -30.01
CA VAL A 269 -29.22 36.17 -31.29
C VAL A 269 -28.36 34.91 -31.40
N TYR A 270 -28.37 34.30 -32.58
CA TYR A 270 -27.62 33.08 -32.82
C TYR A 270 -26.13 33.35 -32.84
N ARG A 271 -25.34 32.28 -32.95
CA ARG A 271 -23.89 32.36 -32.98
C ARG A 271 -23.40 32.96 -34.28
N ASP A 272 -24.16 32.77 -35.35
CA ASP A 272 -23.77 33.24 -36.68
C ASP A 272 -24.24 34.65 -36.97
N GLY A 273 -24.90 35.28 -36.00
CA GLY A 273 -25.31 36.69 -36.12
C GLY A 273 -26.78 36.91 -36.38
N THR A 274 -27.45 35.94 -36.99
CA THR A 274 -28.87 36.07 -37.31
C THR A 274 -29.73 35.91 -36.05
N ARG A 275 -30.87 36.60 -36.03
CA ARG A 275 -31.78 36.57 -34.90
C ARG A 275 -32.94 35.61 -35.17
N MET A 276 -33.74 35.37 -34.14
CA MET A 276 -34.91 34.50 -34.25
C MET A 276 -36.01 35.16 -35.05
N SER A 277 -36.56 34.41 -36.01
CA SER A 277 -37.71 34.89 -36.80
C SER A 277 -38.98 34.85 -35.96
N LEU A 278 -39.99 35.62 -36.38
CA LEU A 278 -41.28 35.58 -35.72
C LEU A 278 -41.94 34.22 -35.94
N HIS A 279 -41.73 33.67 -37.14
CA HIS A 279 -42.24 32.34 -37.46
C HIS A 279 -41.47 31.26 -36.72
N GLU A 280 -40.22 31.56 -36.36
CA GLU A 280 -39.38 30.62 -35.63
C GLU A 280 -39.68 30.61 -34.12
N VAL A 281 -39.64 31.77 -33.49
CA VAL A 281 -39.90 31.85 -32.06
C VAL A 281 -41.27 31.23 -31.73
N CYS A 282 -42.22 31.44 -32.62
CA CYS A 282 -43.53 30.80 -32.53
C CYS A 282 -43.35 29.28 -32.49
N GLY A 283 -42.59 28.75 -33.45
CA GLY A 283 -42.35 27.33 -33.55
C GLY A 283 -41.67 26.73 -32.33
N MET A 284 -40.84 27.52 -31.66
CA MET A 284 -40.17 27.06 -30.45
C MET A 284 -41.14 26.97 -29.27
N ILE A 285 -41.89 28.05 -29.04
CA ILE A 285 -42.88 28.09 -27.98
C ILE A 285 -43.81 26.89 -28.07
N VAL A 286 -44.11 26.47 -29.30
CA VAL A 286 -44.92 25.30 -29.54
C VAL A 286 -44.21 24.04 -29.04
N ALA A 287 -42.95 23.89 -29.44
CA ALA A 287 -42.16 22.71 -29.08
C ALA A 287 -41.97 22.59 -27.57
N ALA A 288 -41.57 23.66 -26.93
CA ALA A 288 -41.36 23.66 -25.48
C ALA A 288 -42.61 23.18 -24.76
N MET A 289 -43.77 23.63 -25.22
CA MET A 289 -45.05 23.25 -24.63
C MET A 289 -45.39 21.79 -24.94
N PHE A 290 -45.04 21.35 -26.15
CA PHE A 290 -45.31 19.97 -26.56
C PHE A 290 -44.60 18.99 -25.64
N ALA A 291 -43.29 19.13 -25.52
CA ALA A 291 -42.48 18.29 -24.65
C ALA A 291 -42.95 18.40 -23.20
N GLY A 292 -43.24 19.64 -22.79
CA GLY A 292 -43.67 19.91 -21.42
C GLY A 292 -45.05 19.39 -21.07
N GLN A 293 -45.86 19.05 -22.08
CA GLN A 293 -47.26 18.72 -21.83
C GLN A 293 -47.70 17.34 -22.31
N HIS A 294 -47.38 16.99 -23.54
CA HIS A 294 -48.01 15.83 -24.16
C HIS A 294 -47.59 14.50 -23.54
N THR A 295 -46.28 14.27 -23.45
CA THR A 295 -45.77 13.04 -22.83
C THR A 295 -46.07 13.03 -21.33
N SER A 296 -46.02 14.21 -20.72
CA SER A 296 -46.21 14.33 -19.28
C SER A 296 -47.67 14.09 -18.88
N THR A 297 -48.60 14.57 -19.70
CA THR A 297 -50.01 14.41 -19.39
C THR A 297 -50.42 12.95 -19.54
N ILE A 298 -49.96 12.31 -20.61
CA ILE A 298 -50.14 10.88 -20.79
C ILE A 298 -49.68 10.14 -19.54
N THR A 299 -48.45 10.47 -19.12
CA THR A 299 -47.84 9.83 -17.96
C THR A 299 -48.60 10.14 -16.67
N THR A 300 -49.06 11.38 -16.54
CA THR A 300 -49.84 11.77 -15.37
C THR A 300 -51.12 10.96 -15.29
N SER A 301 -51.75 10.73 -16.44
CA SER A 301 -53.01 10.01 -16.51
C SER A 301 -52.80 8.55 -16.14
N TRP A 302 -51.97 7.85 -16.91
CA TRP A 302 -51.63 6.46 -16.63
C TRP A 302 -51.41 6.25 -15.14
N SER A 303 -50.59 7.11 -14.55
CA SER A 303 -50.22 7.00 -13.13
C SER A 303 -51.47 7.00 -12.26
N MET A 304 -52.32 8.00 -12.45
CA MET A 304 -53.54 8.16 -11.65
C MET A 304 -54.49 6.98 -11.88
N LEU A 305 -54.67 6.60 -13.14
CA LEU A 305 -55.51 5.46 -13.50
C LEU A 305 -55.11 4.23 -12.70
N HIS A 306 -53.80 3.98 -12.66
CA HIS A 306 -53.25 2.82 -11.95
C HIS A 306 -53.46 2.91 -10.45
N LEU A 307 -53.34 4.12 -9.90
CA LEU A 307 -53.42 4.33 -8.46
C LEU A 307 -54.85 4.26 -7.94
N MET A 308 -55.82 4.58 -8.79
CA MET A 308 -57.22 4.65 -8.38
C MET A 308 -57.95 3.33 -8.59
N HIS A 309 -57.25 2.36 -9.18
CA HIS A 309 -57.82 1.03 -9.40
C HIS A 309 -57.90 0.30 -8.05
N PRO A 310 -58.85 -0.64 -7.91
CA PRO A 310 -59.02 -1.31 -6.62
C PRO A 310 -57.92 -2.32 -6.34
N LYS A 311 -57.40 -2.96 -7.38
CA LYS A 311 -56.34 -3.95 -7.24
C LYS A 311 -55.06 -3.32 -6.70
N ASN A 312 -54.96 -2.00 -6.87
CA ASN A 312 -53.77 -1.27 -6.45
C ASN A 312 -54.04 -0.37 -5.24
N LYS A 313 -55.01 -0.77 -4.42
CA LYS A 313 -55.31 -0.01 -3.20
C LYS A 313 -54.13 -0.08 -2.24
N LYS A 314 -53.48 -1.24 -2.20
CA LYS A 314 -52.31 -1.42 -1.35
C LYS A 314 -51.22 -0.41 -1.72
N TRP A 315 -51.16 -0.05 -3.00
CA TRP A 315 -50.22 0.96 -3.46
C TRP A 315 -50.73 2.35 -3.12
N LEU A 316 -52.01 2.60 -3.39
CA LEU A 316 -52.61 3.89 -3.08
C LEU A 316 -52.44 4.19 -1.59
N ASP A 317 -52.74 3.21 -0.74
CA ASP A 317 -52.53 3.34 0.69
C ASP A 317 -51.10 3.79 0.96
N LYS A 318 -50.15 3.15 0.29
CA LYS A 318 -48.73 3.46 0.44
C LYS A 318 -48.41 4.88 0.00
N LEU A 319 -49.07 5.34 -1.06
CA LEU A 319 -48.86 6.69 -1.58
C LEU A 319 -49.30 7.74 -0.57
N HIS A 320 -50.35 7.43 0.19
CA HIS A 320 -50.83 8.35 1.22
C HIS A 320 -49.88 8.43 2.41
N LYS A 321 -49.32 7.29 2.81
CA LYS A 321 -48.36 7.27 3.89
C LYS A 321 -47.20 8.22 3.57
N GLU A 322 -46.93 8.37 2.28
CA GLU A 322 -45.81 9.20 1.81
C GLU A 322 -46.14 10.69 1.84
N ILE A 323 -47.36 11.05 1.47
CA ILE A 323 -47.71 12.46 1.28
C ILE A 323 -48.56 13.07 2.39
N ASP A 324 -49.18 12.23 3.21
CA ASP A 324 -50.15 12.70 4.21
C ASP A 324 -49.54 13.56 5.31
N GLU A 325 -48.23 13.49 5.48
CA GLU A 325 -47.54 14.30 6.49
C GLU A 325 -46.96 15.59 5.93
N PHE A 326 -47.09 15.80 4.63
CA PHE A 326 -46.64 17.04 4.02
C PHE A 326 -47.53 18.21 4.44
N PRO A 327 -47.04 19.44 4.28
CA PRO A 327 -47.86 20.62 4.49
C PRO A 327 -48.66 20.96 3.23
N ALA A 328 -49.56 21.92 3.35
CA ALA A 328 -50.36 22.36 2.21
C ALA A 328 -49.45 22.91 1.12
N GLN A 329 -48.51 23.75 1.51
CA GLN A 329 -47.53 24.32 0.59
C GLN A 329 -46.32 23.42 0.46
N LEU A 330 -46.28 22.63 -0.61
CA LEU A 330 -45.13 21.77 -0.90
C LEU A 330 -43.95 22.63 -1.38
N ASN A 331 -42.75 22.06 -1.32
CA ASN A 331 -41.56 22.74 -1.80
C ASN A 331 -40.69 21.79 -2.62
N TYR A 332 -39.63 22.34 -3.20
CA TYR A 332 -38.70 21.56 -4.02
C TYR A 332 -38.20 20.32 -3.31
N ASP A 333 -37.77 20.48 -2.05
CA ASP A 333 -37.18 19.39 -1.29
C ASP A 333 -38.17 18.26 -1.00
N ASN A 334 -39.45 18.62 -0.86
CA ASN A 334 -40.48 17.61 -0.59
C ASN A 334 -40.66 16.66 -1.78
N VAL A 335 -40.71 17.23 -2.98
CA VAL A 335 -40.98 16.45 -4.18
C VAL A 335 -39.75 15.63 -4.60
N MET A 336 -38.58 16.25 -4.51
CA MET A 336 -37.35 15.58 -4.90
C MET A 336 -36.90 14.57 -3.85
N ASP A 337 -36.61 15.06 -2.65
CA ASP A 337 -36.00 14.24 -1.60
C ASP A 337 -36.96 13.34 -0.86
N GLU A 338 -38.24 13.73 -0.78
CA GLU A 338 -39.18 13.05 0.12
C GLU A 338 -40.34 12.34 -0.57
N MET A 339 -40.24 12.12 -1.88
CA MET A 339 -41.26 11.38 -2.60
C MET A 339 -40.64 10.29 -3.47
N PRO A 340 -40.17 9.20 -2.84
CA PRO A 340 -39.59 8.00 -3.43
C PRO A 340 -40.54 7.03 -4.13
N PHE A 341 -41.66 6.74 -3.49
CA PHE A 341 -42.65 5.80 -4.01
C PHE A 341 -43.48 6.42 -5.13
N ALA A 342 -43.82 7.69 -4.99
CA ALA A 342 -44.56 8.41 -6.02
C ALA A 342 -43.79 8.36 -7.33
N GLU A 343 -42.48 8.58 -7.26
CA GLU A 343 -41.62 8.50 -8.44
C GLU A 343 -41.64 7.08 -9.00
N ARG A 344 -41.61 6.09 -8.10
CA ARG A 344 -41.69 4.69 -8.52
C ARG A 344 -42.95 4.43 -9.33
N CYS A 345 -44.07 4.98 -8.87
CA CYS A 345 -45.34 4.82 -9.56
C CYS A 345 -45.29 5.49 -10.93
N VAL A 346 -44.71 6.68 -10.98
CA VAL A 346 -44.60 7.44 -12.22
C VAL A 346 -43.70 6.72 -13.23
N ARG A 347 -42.57 6.21 -12.77
CA ARG A 347 -41.63 5.53 -13.65
C ARG A 347 -42.20 4.23 -14.18
N GLU A 348 -42.80 3.44 -13.28
CA GLU A 348 -43.37 2.15 -13.67
C GLU A 348 -44.52 2.33 -14.66
N SER A 349 -45.22 3.46 -14.55
CA SER A 349 -46.29 3.78 -15.49
C SER A 349 -45.70 4.09 -16.86
N ILE A 350 -44.56 4.78 -16.87
CA ILE A 350 -43.83 5.05 -18.11
C ILE A 350 -43.17 3.76 -18.61
N ARG A 351 -42.94 2.84 -17.69
CA ARG A 351 -42.31 1.56 -18.02
C ARG A 351 -43.29 0.68 -18.78
N ARG A 352 -44.49 0.56 -18.24
CA ARG A 352 -45.52 -0.31 -18.80
C ARG A 352 -46.00 0.17 -20.17
N ASP A 353 -46.31 1.47 -20.26
CA ASP A 353 -46.84 2.05 -21.49
C ASP A 353 -46.04 3.29 -21.88
N PRO A 354 -44.84 3.09 -22.43
CA PRO A 354 -43.95 4.20 -22.80
C PRO A 354 -44.56 5.10 -23.86
N PRO A 355 -44.66 6.41 -23.57
CA PRO A 355 -45.29 7.35 -24.49
C PRO A 355 -44.66 7.35 -25.89
N LEU A 356 -43.34 7.24 -25.98
CA LEU A 356 -42.70 7.20 -27.29
C LEU A 356 -42.28 5.77 -27.62
N LEU A 357 -42.93 5.18 -28.61
CA LEU A 357 -42.71 3.77 -28.95
C LEU A 357 -41.32 3.52 -29.53
N MET A 358 -40.98 4.28 -30.56
CA MET A 358 -39.78 4.00 -31.35
C MET A 358 -38.81 5.16 -31.40
N VAL A 359 -37.63 4.96 -30.83
CA VAL A 359 -36.50 5.87 -31.01
C VAL A 359 -35.74 5.38 -32.23
N MET A 360 -35.33 6.31 -33.09
CA MET A 360 -34.78 5.95 -34.40
C MET A 360 -33.54 6.76 -34.76
N ARG A 361 -32.71 6.19 -35.63
CA ARG A 361 -31.49 6.85 -36.10
C ARG A 361 -31.18 6.44 -37.54
N MET A 362 -30.68 7.41 -38.32
CA MET A 362 -30.18 7.11 -39.65
C MET A 362 -28.78 6.50 -39.53
N VAL A 363 -28.64 5.28 -40.04
CA VAL A 363 -27.36 4.58 -40.01
C VAL A 363 -26.42 5.17 -41.05
N LYS A 364 -25.64 6.17 -40.63
CA LYS A 364 -24.67 6.80 -41.53
C LYS A 364 -23.30 6.13 -41.46
N ALA A 365 -23.24 4.98 -40.80
CA ALA A 365 -22.04 4.17 -40.76
C ALA A 365 -22.31 2.80 -40.12
N GLU A 366 -21.62 1.78 -40.59
CA GLU A 366 -21.76 0.43 -40.06
C GLU A 366 -21.60 0.39 -38.54
N VAL A 367 -22.34 -0.52 -37.91
CA VAL A 367 -22.24 -0.72 -36.47
C VAL A 367 -22.54 -2.17 -36.10
N LYS A 368 -21.72 -2.74 -35.22
CA LYS A 368 -21.97 -4.09 -34.70
C LYS A 368 -23.04 -4.04 -33.63
N VAL A 369 -23.96 -5.00 -33.69
CA VAL A 369 -25.04 -5.09 -32.72
C VAL A 369 -25.23 -6.56 -32.35
N GLY A 370 -24.45 -7.01 -31.38
CA GLY A 370 -24.40 -8.42 -31.02
C GLY A 370 -23.58 -9.18 -32.05
N SER A 371 -24.12 -10.30 -32.51
CA SER A 371 -23.42 -11.13 -33.50
C SER A 371 -23.53 -10.55 -34.90
N TYR A 372 -24.52 -9.70 -35.12
CA TYR A 372 -24.81 -9.17 -36.45
C TYR A 372 -24.12 -7.83 -36.71
N VAL A 373 -24.29 -7.34 -37.94
CA VAL A 373 -23.85 -6.00 -38.31
C VAL A 373 -25.01 -5.27 -38.99
N VAL A 374 -25.17 -4.00 -38.65
CA VAL A 374 -26.17 -3.15 -39.31
C VAL A 374 -25.44 -2.20 -40.27
N PRO A 375 -25.85 -2.20 -41.55
CA PRO A 375 -25.11 -1.51 -42.59
C PRO A 375 -25.52 -0.06 -42.77
N LYS A 376 -24.65 0.70 -43.42
CA LYS A 376 -24.90 2.10 -43.74
C LYS A 376 -26.18 2.24 -44.56
N GLY A 377 -26.92 3.33 -44.33
CA GLY A 377 -28.13 3.62 -45.08
C GLY A 377 -29.41 3.13 -44.42
N ASP A 378 -29.28 2.27 -43.43
CA ASP A 378 -30.43 1.72 -42.73
C ASP A 378 -31.07 2.72 -41.77
N ILE A 379 -32.32 2.46 -41.41
CA ILE A 379 -32.94 3.09 -40.26
C ILE A 379 -32.83 2.11 -39.10
N ILE A 380 -31.88 2.36 -38.19
CA ILE A 380 -31.80 1.54 -36.97
C ILE A 380 -32.67 2.19 -35.89
N ALA A 381 -33.47 1.37 -35.22
CA ALA A 381 -34.40 1.86 -34.22
C ALA A 381 -34.38 0.98 -32.98
N CYS A 382 -34.83 1.55 -31.87
CA CYS A 382 -34.92 0.83 -30.61
C CYS A 382 -36.22 1.21 -29.91
N SER A 383 -37.02 0.20 -29.57
CA SER A 383 -38.36 0.44 -29.04
C SER A 383 -38.44 0.31 -27.52
N PRO A 384 -38.71 1.42 -26.84
CA PRO A 384 -39.08 1.33 -25.43
C PRO A 384 -40.24 0.36 -25.23
N LEU A 385 -41.24 0.41 -26.10
CA LEU A 385 -42.38 -0.49 -26.00
C LEU A 385 -41.92 -1.94 -25.98
N LEU A 386 -41.16 -2.33 -27.00
CA LEU A 386 -40.68 -3.69 -27.11
C LEU A 386 -39.80 -4.09 -25.93
N SER A 387 -38.78 -3.29 -25.67
CA SER A 387 -37.80 -3.60 -24.63
C SER A 387 -38.42 -3.68 -23.24
N HIS A 388 -39.40 -2.82 -22.95
CA HIS A 388 -40.07 -2.82 -21.66
C HIS A 388 -40.93 -4.07 -21.48
N HIS A 389 -41.14 -4.80 -22.58
CA HIS A 389 -41.95 -6.01 -22.55
C HIS A 389 -41.12 -7.27 -22.81
N ASP A 390 -39.80 -7.11 -22.78
CA ASP A 390 -38.90 -8.25 -22.80
C ASP A 390 -39.09 -9.03 -21.50
N GLU A 391 -39.10 -10.35 -21.59
CA GLU A 391 -39.45 -11.20 -20.46
C GLU A 391 -38.34 -11.27 -19.42
N GLU A 392 -37.10 -11.34 -19.88
CA GLU A 392 -35.95 -11.43 -18.98
C GLU A 392 -35.80 -10.17 -18.14
N ALA A 393 -35.92 -9.02 -18.80
CA ALA A 393 -35.77 -7.73 -18.14
C ALA A 393 -36.94 -7.43 -17.22
N PHE A 394 -38.16 -7.61 -17.75
CA PHE A 394 -39.37 -7.32 -17.00
C PHE A 394 -40.35 -8.49 -17.08
N PRO A 395 -40.39 -9.33 -16.03
CA PRO A 395 -41.29 -10.47 -16.02
C PRO A 395 -42.75 -10.07 -15.79
N ASN A 396 -43.66 -10.75 -16.48
CA ASN A 396 -45.08 -10.39 -16.47
C ASN A 396 -45.21 -8.90 -16.73
N PRO A 397 -44.72 -8.45 -17.89
CA PRO A 397 -44.54 -7.03 -18.19
C PRO A 397 -45.82 -6.19 -18.18
N ARG A 398 -46.97 -6.82 -18.32
CA ARG A 398 -48.24 -6.09 -18.31
C ARG A 398 -48.72 -5.78 -16.89
N LEU A 399 -48.02 -6.32 -15.89
CA LEU A 399 -48.35 -6.05 -14.50
C LEU A 399 -47.71 -4.75 -14.03
N TRP A 400 -48.55 -3.79 -13.66
CA TRP A 400 -48.07 -2.52 -13.11
C TRP A 400 -47.62 -2.73 -11.66
N ASP A 401 -46.33 -2.96 -11.50
CA ASP A 401 -45.73 -3.17 -10.18
C ASP A 401 -44.69 -2.09 -9.91
N PRO A 402 -45.07 -1.06 -9.13
CA PRO A 402 -44.20 0.10 -8.94
C PRO A 402 -42.90 -0.21 -8.19
N GLU A 403 -42.87 -1.32 -7.45
CA GLU A 403 -41.68 -1.68 -6.69
C GLU A 403 -40.81 -2.71 -7.40
N ARG A 404 -41.12 -2.98 -8.67
CA ARG A 404 -40.28 -3.85 -9.48
C ARG A 404 -39.01 -3.10 -9.87
N ASP A 405 -38.06 -3.83 -10.45
CA ASP A 405 -36.82 -3.23 -10.92
C ASP A 405 -36.32 -3.94 -12.18
N GLU A 406 -35.59 -3.21 -13.02
CA GLU A 406 -35.11 -3.78 -14.27
C GLU A 406 -34.12 -4.90 -14.01
N LYS A 407 -34.54 -6.13 -14.31
CA LYS A 407 -33.71 -7.31 -14.07
C LYS A 407 -32.54 -7.39 -15.04
N VAL A 408 -32.63 -6.64 -16.13
CA VAL A 408 -31.47 -6.39 -17.00
C VAL A 408 -31.10 -4.91 -16.89
N ASP A 409 -29.82 -4.64 -16.66
CA ASP A 409 -29.37 -3.26 -16.52
C ASP A 409 -29.49 -2.50 -17.84
N GLY A 410 -30.10 -1.32 -17.78
CA GLY A 410 -30.27 -0.47 -18.95
C GLY A 410 -31.43 -0.88 -19.83
N ALA A 411 -32.30 -1.75 -19.30
CA ALA A 411 -33.45 -2.23 -20.05
C ALA A 411 -34.47 -1.12 -20.25
N PHE A 412 -34.86 -0.49 -19.14
CA PHE A 412 -35.75 0.66 -19.19
C PHE A 412 -35.11 1.79 -20.00
N ILE A 413 -35.80 2.23 -21.03
CA ILE A 413 -35.33 3.33 -21.87
C ILE A 413 -36.46 4.33 -22.12
N GLY A 414 -37.39 4.40 -21.18
CA GLY A 414 -38.53 5.30 -21.26
C GLY A 414 -38.13 6.72 -21.64
N PHE A 415 -37.04 7.20 -21.05
CA PHE A 415 -36.53 8.53 -21.34
C PHE A 415 -35.33 8.48 -22.28
N GLY A 416 -35.16 7.35 -22.95
CA GLY A 416 -34.01 7.15 -23.82
C GLY A 416 -32.72 7.04 -23.02
N ALA A 417 -31.60 7.33 -23.68
CA ALA A 417 -30.29 7.21 -23.05
C ALA A 417 -29.19 7.67 -24.00
N GLY A 418 -27.95 7.64 -23.52
CA GLY A 418 -26.79 7.94 -24.35
C GLY A 418 -26.69 9.40 -24.72
N VAL A 419 -26.27 9.67 -25.95
CA VAL A 419 -26.03 11.04 -26.42
C VAL A 419 -27.29 11.89 -26.47
N HIS A 420 -28.44 11.25 -26.68
CA HIS A 420 -29.71 11.96 -26.82
C HIS A 420 -30.69 11.69 -25.68
N LYS A 421 -30.17 11.51 -24.47
CA LYS A 421 -31.03 11.25 -23.32
C LYS A 421 -31.88 12.48 -22.98
N CYS A 422 -33.13 12.23 -22.61
CA CYS A 422 -34.09 13.29 -22.34
C CYS A 422 -33.54 14.26 -21.30
N ILE A 423 -33.57 15.55 -21.61
CA ILE A 423 -33.07 16.58 -20.70
C ILE A 423 -34.19 17.19 -19.88
N GLY A 424 -35.42 16.72 -20.08
CA GLY A 424 -36.58 17.21 -19.35
C GLY A 424 -37.09 16.23 -18.33
N GLN A 425 -36.34 15.15 -18.13
CA GLN A 425 -36.72 14.08 -17.20
C GLN A 425 -36.99 14.60 -15.79
N LYS A 426 -36.12 15.47 -15.27
CA LYS A 426 -36.32 16.04 -13.94
C LYS A 426 -37.66 16.75 -13.85
N PHE A 427 -37.86 17.69 -14.77
CA PHE A 427 -39.06 18.51 -14.77
C PHE A 427 -40.33 17.67 -14.93
N ALA A 428 -40.27 16.71 -15.85
CA ALA A 428 -41.39 15.81 -16.11
C ALA A 428 -41.80 15.10 -14.83
N LEU A 429 -40.83 14.51 -14.16
CA LEU A 429 -41.07 13.79 -12.91
C LEU A 429 -41.52 14.74 -11.81
N LEU A 430 -40.99 15.95 -11.81
CA LEU A 430 -41.39 16.97 -10.85
C LEU A 430 -42.85 17.35 -11.05
N GLN A 431 -43.20 17.69 -12.29
CA GLN A 431 -44.59 17.99 -12.64
C GLN A 431 -45.53 16.92 -12.13
N VAL A 432 -45.33 15.70 -12.63
CA VAL A 432 -46.24 14.60 -12.37
C VAL A 432 -46.38 14.31 -10.88
N LYS A 433 -45.24 14.15 -10.20
CA LYS A 433 -45.23 13.84 -8.79
C LYS A 433 -45.95 14.92 -7.97
N THR A 434 -45.70 16.17 -8.33
CA THR A 434 -46.37 17.29 -7.67
C THR A 434 -47.88 17.21 -7.87
N ILE A 435 -48.29 17.01 -9.13
CA ILE A 435 -49.69 16.88 -9.46
C ILE A 435 -50.34 15.79 -8.62
N LEU A 436 -49.78 14.58 -8.69
CA LEU A 436 -50.27 13.45 -7.92
C LEU A 436 -50.43 13.82 -6.45
N ALA A 437 -49.43 14.50 -5.89
CA ALA A 437 -49.44 14.89 -4.49
C ALA A 437 -50.57 15.88 -4.20
N THR A 438 -50.72 16.87 -5.06
CA THR A 438 -51.71 17.92 -4.86
C THR A 438 -53.13 17.38 -5.03
N ALA A 439 -53.32 16.50 -6.01
CA ALA A 439 -54.63 15.97 -6.34
C ALA A 439 -55.11 14.94 -5.30
N PHE A 440 -54.32 13.89 -5.11
CA PHE A 440 -54.71 12.79 -4.22
C PHE A 440 -54.83 13.21 -2.76
N ARG A 441 -54.20 14.34 -2.41
CA ARG A 441 -54.33 14.88 -1.06
C ARG A 441 -55.75 15.40 -0.82
N GLU A 442 -56.33 15.98 -1.86
CA GLU A 442 -57.59 16.70 -1.73
C GLU A 442 -58.73 16.09 -2.54
N TYR A 443 -58.58 14.82 -2.93
CA TYR A 443 -59.60 14.14 -3.70
C TYR A 443 -59.47 12.61 -3.65
N ASP A 444 -60.51 11.94 -4.10
CA ASP A 444 -60.49 10.49 -4.29
C ASP A 444 -61.10 10.19 -5.66
N PHE A 445 -60.58 9.19 -6.35
CA PHE A 445 -60.99 8.93 -7.72
C PHE A 445 -61.51 7.50 -7.91
N GLN A 446 -62.58 7.38 -8.70
CA GLN A 446 -63.22 6.09 -8.97
C GLN A 446 -63.26 5.85 -10.47
N LEU A 447 -62.49 4.88 -10.93
CA LEU A 447 -62.40 4.55 -12.36
C LEU A 447 -63.66 3.82 -12.80
N LEU A 448 -64.40 4.45 -13.70
CA LEU A 448 -65.68 3.90 -14.17
C LEU A 448 -65.47 2.78 -15.19
N ARG A 449 -64.83 1.70 -14.73
CA ARG A 449 -64.54 0.54 -15.56
C ARG A 449 -64.08 -0.62 -14.69
N ASP A 450 -64.14 -1.82 -15.26
CA ASP A 450 -63.66 -3.02 -14.57
C ASP A 450 -62.15 -3.05 -14.60
N GLU A 451 -61.58 -2.81 -15.78
CA GLU A 451 -60.14 -2.85 -15.98
C GLU A 451 -59.59 -1.49 -16.37
N VAL A 452 -58.26 -1.38 -16.40
CA VAL A 452 -57.58 -0.16 -16.81
C VAL A 452 -57.62 0.00 -18.33
N PRO A 453 -57.66 1.24 -18.81
CA PRO A 453 -57.74 1.54 -20.24
C PRO A 453 -56.70 0.82 -21.09
N ASP A 454 -57.07 0.56 -22.34
CA ASP A 454 -56.15 -0.02 -23.30
C ASP A 454 -55.22 1.06 -23.86
N PRO A 455 -54.00 0.68 -24.27
CA PRO A 455 -53.17 1.66 -24.96
C PRO A 455 -53.64 1.88 -26.39
N ASP A 456 -53.96 3.13 -26.71
CA ASP A 456 -54.43 3.49 -28.04
C ASP A 456 -53.24 3.73 -28.98
N TYR A 457 -52.84 2.68 -29.69
CA TYR A 457 -51.65 2.73 -30.55
C TYR A 457 -51.89 3.40 -31.90
N HIS A 458 -53.04 4.02 -32.09
CA HIS A 458 -53.30 4.77 -33.32
C HIS A 458 -52.31 5.93 -33.43
N THR A 459 -52.14 6.65 -32.34
CA THR A 459 -51.13 7.70 -32.26
C THR A 459 -49.75 7.06 -32.08
N MET A 460 -48.73 7.64 -32.70
CA MET A 460 -47.36 7.19 -32.46
C MET A 460 -46.92 7.60 -31.06
N VAL A 461 -47.40 8.76 -30.60
CA VAL A 461 -47.25 9.17 -29.21
C VAL A 461 -48.39 8.55 -28.42
N VAL A 462 -48.11 7.42 -27.78
CA VAL A 462 -49.13 6.55 -27.21
C VAL A 462 -49.62 6.99 -25.83
N GLY A 463 -50.92 6.83 -25.60
CA GLY A 463 -51.54 7.12 -24.31
C GLY A 463 -52.80 6.30 -24.13
N PRO A 464 -53.41 6.37 -22.94
CA PRO A 464 -54.61 5.57 -22.71
C PRO A 464 -55.75 5.97 -23.63
N THR A 465 -56.59 5.01 -23.99
CA THR A 465 -57.70 5.25 -24.91
C THR A 465 -58.64 6.31 -24.34
N LEU A 466 -58.85 7.36 -25.13
CA LEU A 466 -59.57 8.56 -24.70
C LEU A 466 -60.93 8.26 -24.10
N ASN A 467 -61.74 7.47 -24.82
CA ASN A 467 -63.13 7.24 -24.43
C ASN A 467 -63.27 6.30 -23.24
N GLN A 468 -62.17 5.67 -22.84
CA GLN A 468 -62.18 4.73 -21.71
C GLN A 468 -61.80 5.41 -20.40
N CYS A 469 -61.49 6.70 -20.47
CA CYS A 469 -60.89 7.42 -19.35
C CYS A 469 -61.87 8.21 -18.50
N LEU A 470 -63.15 7.82 -18.51
CA LEU A 470 -64.15 8.51 -17.70
C LEU A 470 -64.01 8.12 -16.24
N VAL A 471 -64.06 9.11 -15.36
CA VAL A 471 -63.72 8.91 -13.94
C VAL A 471 -64.57 9.80 -13.03
N LYS A 472 -65.09 9.22 -11.95
CA LYS A 472 -65.80 9.99 -10.93
C LYS A 472 -64.82 10.53 -9.89
N TYR A 473 -64.80 11.85 -9.74
CA TYR A 473 -64.00 12.48 -8.69
C TYR A 473 -64.84 12.67 -7.43
N THR A 474 -64.19 12.62 -6.29
CA THR A 474 -64.89 12.73 -5.00
C THR A 474 -64.05 13.56 -4.03
N ARG A 475 -64.57 14.72 -3.66
CA ARG A 475 -63.83 15.63 -2.78
C ARG A 475 -63.63 15.02 -1.40
N LYS A 476 -62.45 15.27 -0.83
CA LYS A 476 -62.11 14.79 0.50
C LYS A 476 -62.49 15.83 1.56
N LYS A 477 -63.06 15.36 2.67
CA LYS A 477 -63.41 16.24 3.77
C LYS A 477 -63.14 15.58 5.12
N LYS A 478 -62.36 16.27 5.95
CA LYS A 478 -62.01 15.77 7.28
C LYS A 478 -63.23 15.67 8.19
N LEU B 31 -14.14 -18.79 -31.64
CA LEU B 31 -14.78 -17.46 -31.79
C LEU B 31 -14.12 -16.39 -30.90
N PRO B 32 -13.81 -16.73 -29.64
CA PRO B 32 -13.17 -15.74 -28.78
C PRO B 32 -11.65 -15.72 -28.95
N PRO B 33 -11.03 -14.53 -28.86
CA PRO B 33 -9.59 -14.39 -29.08
C PRO B 33 -8.75 -14.94 -27.93
N VAL B 34 -7.45 -15.04 -28.16
CA VAL B 34 -6.50 -15.50 -27.14
C VAL B 34 -5.14 -14.83 -27.33
N TYR B 35 -4.49 -14.51 -26.22
CA TYR B 35 -3.17 -13.87 -26.25
C TYR B 35 -2.08 -14.93 -26.37
N PRO B 36 -0.95 -14.57 -27.01
CA PRO B 36 0.14 -15.54 -27.19
C PRO B 36 0.76 -15.98 -25.87
N VAL B 37 1.01 -17.29 -25.75
CA VAL B 37 1.56 -17.86 -24.52
C VAL B 37 3.01 -18.27 -24.69
N THR B 38 3.93 -17.44 -24.19
CA THR B 38 5.35 -17.73 -24.23
C THR B 38 5.68 -18.92 -23.34
N VAL B 39 5.33 -18.78 -22.06
CA VAL B 39 5.49 -19.88 -21.11
C VAL B 39 4.15 -20.58 -20.91
N PRO B 40 4.09 -21.89 -21.25
CA PRO B 40 2.81 -22.59 -21.19
C PRO B 40 2.22 -22.75 -19.79
N PHE B 41 3.02 -23.20 -18.84
CA PHE B 41 2.51 -23.54 -17.51
C PHE B 41 2.22 -22.31 -16.65
N LEU B 42 3.15 -21.36 -16.62
CA LEU B 42 2.99 -20.14 -15.84
C LEU B 42 1.87 -19.28 -16.42
N GLY B 43 1.91 -19.09 -17.73
CA GLY B 43 0.95 -18.23 -18.42
C GLY B 43 1.36 -16.77 -18.36
N HIS B 44 0.37 -15.89 -18.26
CA HIS B 44 0.62 -14.45 -18.25
C HIS B 44 0.65 -13.90 -16.83
N ILE B 45 0.51 -14.79 -15.85
CA ILE B 45 0.47 -14.39 -14.44
C ILE B 45 1.68 -13.56 -14.05
N VAL B 46 2.75 -13.65 -14.83
CA VAL B 46 3.96 -12.87 -14.59
C VAL B 46 3.70 -11.39 -14.84
N GLN B 47 3.22 -11.08 -16.04
CA GLN B 47 2.93 -9.70 -16.43
C GLN B 47 1.74 -9.15 -15.65
N PHE B 48 0.66 -9.93 -15.62
CA PHE B 48 -0.56 -9.53 -14.91
C PHE B 48 -0.24 -9.09 -13.48
N GLY B 49 0.73 -9.77 -12.87
CA GLY B 49 1.16 -9.45 -11.52
C GLY B 49 1.97 -8.16 -11.45
N LYS B 50 2.89 -8.00 -12.40
CA LYS B 50 3.74 -6.81 -12.44
C LYS B 50 2.92 -5.56 -12.69
N ASN B 51 2.02 -5.65 -13.66
CA ASN B 51 1.07 -4.58 -13.94
C ASN B 51 -0.15 -5.13 -14.69
N PRO B 52 -1.30 -5.17 -14.02
CA PRO B 52 -2.51 -5.70 -14.65
C PRO B 52 -3.21 -4.68 -15.55
N LEU B 53 -3.05 -3.40 -15.23
CA LEU B 53 -3.65 -2.33 -16.02
C LEU B 53 -3.02 -2.27 -17.41
N GLU B 54 -1.69 -2.21 -17.45
CA GLU B 54 -0.96 -2.09 -18.71
C GLU B 54 -0.93 -3.38 -19.51
N PHE B 55 -0.95 -4.52 -18.81
CA PHE B 55 -0.99 -5.81 -19.49
C PHE B 55 -2.32 -6.01 -20.20
N MET B 56 -3.41 -5.74 -19.48
CA MET B 56 -4.75 -5.92 -20.04
C MET B 56 -5.03 -4.92 -21.15
N GLN B 57 -4.56 -3.69 -20.98
CA GLN B 57 -4.69 -2.66 -22.02
C GLN B 57 -3.87 -3.04 -23.25
N ARG B 58 -2.74 -3.70 -23.01
CA ARG B 58 -1.88 -4.16 -24.10
C ARG B 58 -2.48 -5.39 -24.78
N CYS B 59 -3.20 -6.21 -24.02
CA CYS B 59 -3.92 -7.35 -24.57
C CYS B 59 -5.04 -6.86 -25.49
N LYS B 60 -5.79 -5.90 -24.98
CA LYS B 60 -6.91 -5.30 -25.69
C LYS B 60 -6.44 -4.56 -26.95
N ARG B 61 -5.36 -3.81 -26.81
CA ARG B 61 -4.86 -2.96 -27.88
C ARG B 61 -4.27 -3.76 -29.04
N ASP B 62 -3.43 -4.74 -28.72
CA ASP B 62 -2.75 -5.54 -29.73
C ASP B 62 -3.69 -6.54 -30.40
N LEU B 63 -4.55 -7.19 -29.61
CA LEU B 63 -5.52 -8.14 -30.15
C LEU B 63 -6.58 -7.43 -30.98
N LYS B 64 -6.74 -6.13 -30.75
CA LYS B 64 -7.72 -5.33 -31.45
C LYS B 64 -9.14 -5.84 -31.19
N SER B 65 -9.48 -5.96 -29.92
CA SER B 65 -10.80 -6.39 -29.48
C SER B 65 -11.00 -6.11 -28.00
N GLY B 66 -12.23 -5.77 -27.63
CA GLY B 66 -12.55 -5.49 -26.23
C GLY B 66 -12.60 -6.76 -25.40
N VAL B 67 -13.14 -7.82 -26.00
CA VAL B 67 -13.22 -9.12 -25.34
C VAL B 67 -12.09 -10.03 -25.79
N PHE B 68 -11.46 -10.70 -24.82
CA PHE B 68 -10.35 -11.61 -25.11
C PHE B 68 -10.15 -12.63 -24.01
N THR B 69 -9.28 -13.61 -24.28
CA THR B 69 -8.99 -14.67 -23.33
C THR B 69 -7.49 -14.75 -23.02
N ILE B 70 -7.16 -15.07 -21.77
CA ILE B 70 -5.78 -15.32 -21.38
C ILE B 70 -5.71 -16.59 -20.54
N SER B 71 -4.56 -17.26 -20.60
CA SER B 71 -4.35 -18.50 -19.85
C SER B 71 -3.55 -18.27 -18.58
N ILE B 72 -4.20 -18.44 -17.43
CA ILE B 72 -3.55 -18.36 -16.13
C ILE B 72 -3.56 -19.74 -15.48
N GLY B 73 -2.42 -20.42 -15.59
CA GLY B 73 -2.28 -21.76 -15.02
C GLY B 73 -3.13 -22.80 -15.71
N GLY B 74 -3.05 -22.83 -17.04
CA GLY B 74 -3.77 -23.80 -17.85
C GLY B 74 -5.28 -23.67 -17.70
N GLN B 75 -5.73 -22.46 -17.42
CA GLN B 75 -7.16 -22.18 -17.28
C GLN B 75 -7.53 -20.96 -18.11
N ARG B 76 -8.48 -21.14 -19.03
CA ARG B 76 -8.93 -20.06 -19.90
C ARG B 76 -9.69 -18.99 -19.13
N VAL B 77 -9.09 -17.81 -19.02
CA VAL B 77 -9.74 -16.68 -18.36
C VAL B 77 -10.15 -15.65 -19.41
N THR B 78 -11.46 -15.57 -19.67
CA THR B 78 -12.00 -14.65 -20.66
C THR B 78 -12.39 -13.32 -20.01
N ILE B 79 -11.68 -12.26 -20.38
CA ILE B 79 -11.89 -10.95 -19.80
C ILE B 79 -12.78 -10.09 -20.70
N VAL B 80 -13.78 -9.46 -20.11
CA VAL B 80 -14.64 -8.52 -20.82
C VAL B 80 -14.12 -7.10 -20.64
N GLY B 81 -13.53 -6.55 -21.69
CA GLY B 81 -12.93 -5.21 -21.62
C GLY B 81 -13.72 -4.19 -22.42
N ASP B 82 -14.86 -4.61 -22.94
CA ASP B 82 -15.74 -3.74 -23.71
C ASP B 82 -16.89 -3.28 -22.83
N PRO B 83 -16.93 -1.99 -22.49
CA PRO B 83 -17.94 -1.47 -21.57
C PRO B 83 -19.37 -1.72 -22.06
N HIS B 84 -19.55 -1.76 -23.37
CA HIS B 84 -20.87 -1.95 -23.96
C HIS B 84 -21.43 -3.34 -23.69
N GLU B 85 -20.54 -4.30 -23.40
CA GLU B 85 -20.96 -5.68 -23.18
C GLU B 85 -21.09 -6.04 -21.71
N HIS B 86 -20.93 -5.05 -20.83
CA HIS B 86 -21.06 -5.28 -19.40
C HIS B 86 -22.36 -6.01 -19.08
N SER B 87 -23.44 -5.61 -19.76
CA SER B 87 -24.76 -6.18 -19.54
C SER B 87 -24.76 -7.70 -19.71
N ARG B 88 -23.89 -8.20 -20.60
CA ARG B 88 -23.78 -9.63 -20.81
C ARG B 88 -23.20 -10.33 -19.59
N PHE B 89 -22.20 -9.70 -18.99
CA PHE B 89 -21.48 -10.29 -17.87
C PHE B 89 -22.32 -10.34 -16.59
N PHE B 90 -22.91 -9.20 -16.23
CA PHE B 90 -23.56 -9.05 -14.94
C PHE B 90 -25.00 -9.55 -14.87
N SER B 91 -25.64 -9.68 -16.03
CA SER B 91 -27.07 -9.98 -16.06
C SER B 91 -27.41 -11.42 -15.72
N PRO B 92 -26.83 -12.39 -16.45
CA PRO B 92 -27.23 -13.79 -16.33
C PRO B 92 -27.31 -14.31 -14.90
N ARG B 93 -28.18 -15.29 -14.69
CA ARG B 93 -28.41 -15.87 -13.37
C ARG B 93 -27.21 -16.67 -12.89
N ASN B 94 -27.30 -17.17 -11.65
CA ASN B 94 -26.23 -17.94 -11.04
C ASN B 94 -25.94 -19.23 -11.81
N GLU B 95 -26.99 -19.83 -12.37
CA GLU B 95 -26.88 -21.11 -13.06
C GLU B 95 -26.05 -20.99 -14.33
N ILE B 96 -26.17 -19.88 -15.03
CA ILE B 96 -25.45 -19.66 -16.27
C ILE B 96 -24.02 -19.21 -15.99
N LEU B 97 -23.88 -18.23 -15.11
CA LEU B 97 -22.56 -17.76 -14.67
C LEU B 97 -22.50 -17.75 -13.15
N SER B 98 -21.78 -18.72 -12.57
CA SER B 98 -21.71 -18.85 -11.13
C SER B 98 -20.46 -18.16 -10.55
N PRO B 99 -20.63 -17.47 -9.41
CA PRO B 99 -19.51 -16.83 -8.74
C PRO B 99 -18.88 -17.72 -7.67
N ARG B 100 -19.64 -18.75 -7.26
CA ARG B 100 -19.23 -19.58 -6.13
C ARG B 100 -17.88 -20.25 -6.36
N GLU B 101 -17.82 -21.11 -7.36
CA GLU B 101 -16.62 -21.93 -7.59
C GLU B 101 -15.43 -21.14 -8.12
N VAL B 102 -15.60 -19.83 -8.32
CA VAL B 102 -14.46 -18.97 -8.63
C VAL B 102 -14.00 -18.23 -7.38
N TYR B 103 -14.92 -18.01 -6.45
CA TYR B 103 -14.61 -17.33 -5.20
C TYR B 103 -14.48 -18.32 -4.04
N THR B 104 -13.96 -19.51 -4.32
CA THR B 104 -13.70 -20.48 -3.26
C THR B 104 -12.45 -20.08 -2.47
N PHE B 105 -11.61 -19.26 -3.08
CA PHE B 105 -10.37 -18.79 -2.44
C PHE B 105 -10.67 -17.96 -1.20
N MET B 106 -11.93 -17.54 -1.06
CA MET B 106 -12.31 -16.62 0.00
C MET B 106 -12.67 -17.31 1.32
N THR B 107 -12.91 -18.62 1.26
CA THR B 107 -13.33 -19.37 2.43
C THR B 107 -12.24 -19.43 3.51
N PRO B 108 -10.97 -19.44 3.10
CA PRO B 108 -9.90 -19.35 4.09
C PRO B 108 -9.94 -18.07 4.91
N VAL B 109 -10.71 -17.09 4.47
CA VAL B 109 -10.74 -15.79 5.15
C VAL B 109 -11.93 -15.67 6.10
N PHE B 110 -13.08 -16.19 5.68
CA PHE B 110 -14.27 -16.16 6.51
C PHE B 110 -14.46 -17.48 7.24
N GLY B 111 -14.39 -18.58 6.49
CA GLY B 111 -14.56 -19.92 7.04
C GLY B 111 -15.57 -20.74 6.25
N GLU B 112 -16.18 -21.71 6.93
CA GLU B 112 -17.22 -22.53 6.30
C GLU B 112 -18.59 -22.01 6.69
N GLY B 113 -19.54 -22.14 5.77
CA GLY B 113 -20.92 -21.69 6.01
C GLY B 113 -21.04 -20.18 5.88
N VAL B 114 -19.99 -19.56 5.35
CA VAL B 114 -19.97 -18.11 5.15
C VAL B 114 -19.58 -17.78 3.72
N ALA B 115 -20.09 -16.66 3.23
CA ALA B 115 -19.86 -16.23 1.85
C ALA B 115 -20.33 -17.31 0.87
N TYR B 116 -19.42 -17.74 0.00
CA TYR B 116 -19.80 -18.59 -1.13
C TYR B 116 -19.64 -20.08 -0.85
N ALA B 117 -19.63 -20.44 0.43
CA ALA B 117 -19.52 -21.84 0.82
C ALA B 117 -20.85 -22.54 0.61
N ALA B 118 -21.84 -22.02 1.27
CA ALA B 118 -23.13 -22.60 1.19
C ALA B 118 -23.71 -22.25 -0.15
N PRO B 119 -24.90 -22.77 -0.39
CA PRO B 119 -25.73 -22.58 -1.57
C PRO B 119 -26.52 -21.29 -1.43
N TYR B 120 -27.50 -21.18 -2.30
CA TYR B 120 -28.34 -20.02 -2.31
C TYR B 120 -29.01 -19.87 -0.97
N PRO B 121 -29.34 -20.99 -0.37
CA PRO B 121 -30.16 -20.69 0.81
C PRO B 121 -29.37 -20.05 1.94
N ARG B 122 -28.29 -20.70 2.36
CA ARG B 122 -27.49 -20.22 3.48
C ARG B 122 -26.88 -18.86 3.19
N MET B 123 -26.35 -18.68 1.99
CA MET B 123 -25.75 -17.40 1.64
C MET B 123 -26.82 -16.32 1.60
N ARG B 124 -27.98 -16.65 1.05
CA ARG B 124 -29.09 -15.71 0.99
C ARG B 124 -29.58 -15.41 2.40
N GLU B 125 -29.63 -16.44 3.22
CA GLU B 125 -29.98 -16.28 4.64
C GLU B 125 -28.95 -15.41 5.35
N GLN B 126 -27.67 -15.64 5.07
CA GLN B 126 -26.59 -14.82 5.62
C GLN B 126 -26.78 -13.37 5.16
N LEU B 127 -27.05 -13.21 3.87
CA LEU B 127 -27.14 -11.91 3.23
C LEU B 127 -28.29 -11.06 3.78
N ASN B 128 -29.44 -11.68 3.99
CA ASN B 128 -30.61 -10.94 4.45
C ASN B 128 -30.52 -10.58 5.94
N PHE B 129 -29.66 -11.28 6.68
CA PHE B 129 -29.37 -10.89 8.06
C PHE B 129 -28.63 -9.56 8.04
N LEU B 130 -27.72 -9.43 7.09
CA LEU B 130 -26.96 -8.19 6.89
C LEU B 130 -27.90 -7.09 6.40
N ALA B 131 -28.72 -7.44 5.42
CA ALA B 131 -29.68 -6.49 4.84
C ALA B 131 -30.64 -5.97 5.90
N GLU B 132 -31.00 -6.84 6.83
CA GLU B 132 -31.91 -6.48 7.93
C GLU B 132 -31.33 -5.36 8.80
N GLU B 133 -30.00 -5.33 8.89
CA GLU B 133 -29.31 -4.32 9.68
C GLU B 133 -28.93 -3.08 8.87
N LEU B 134 -29.32 -3.08 7.61
CA LEU B 134 -28.89 -2.05 6.66
C LEU B 134 -30.09 -1.39 6.01
N THR B 135 -31.16 -1.24 6.79
CA THR B 135 -32.43 -0.74 6.28
C THR B 135 -32.54 0.79 6.35
N ILE B 136 -33.49 1.33 5.61
CA ILE B 136 -33.74 2.77 5.56
C ILE B 136 -33.99 3.35 6.95
N ALA B 137 -34.52 2.52 7.84
CA ALA B 137 -34.86 2.93 9.19
C ALA B 137 -33.63 3.03 10.08
N LYS B 138 -32.71 2.08 9.94
CA LYS B 138 -31.54 2.01 10.80
C LYS B 138 -30.45 3.01 10.42
N PHE B 139 -30.60 3.66 9.26
CA PHE B 139 -29.62 4.64 8.81
C PHE B 139 -29.70 5.98 9.55
N GLN B 140 -30.73 6.14 10.37
CA GLN B 140 -30.91 7.38 11.11
C GLN B 140 -29.84 7.53 12.18
N ASN B 141 -29.37 6.41 12.71
CA ASN B 141 -28.37 6.38 13.77
C ASN B 141 -26.96 6.53 13.20
N PHE B 142 -26.78 6.05 11.98
CA PHE B 142 -25.45 5.87 11.38
C PHE B 142 -24.60 7.15 11.33
N VAL B 143 -25.18 8.25 10.89
CA VAL B 143 -24.41 9.48 10.73
C VAL B 143 -23.93 10.03 12.07
N PRO B 144 -24.84 10.12 13.06
CA PRO B 144 -24.39 10.55 14.37
C PRO B 144 -23.36 9.58 14.97
N ALA B 145 -23.61 8.29 14.81
CA ALA B 145 -22.72 7.26 15.33
C ALA B 145 -21.35 7.32 14.68
N ILE B 146 -21.34 7.42 13.36
CA ILE B 146 -20.10 7.52 12.59
C ILE B 146 -19.31 8.78 12.99
N GLN B 147 -19.99 9.92 12.95
CA GLN B 147 -19.34 11.21 13.14
C GLN B 147 -18.72 11.34 14.53
N HIS B 148 -19.38 10.76 15.53
CA HIS B 148 -18.85 10.75 16.89
C HIS B 148 -17.55 9.94 16.92
N GLU B 149 -17.62 8.72 16.41
CA GLU B 149 -16.46 7.82 16.36
C GLU B 149 -15.25 8.45 15.67
N VAL B 150 -15.50 9.20 14.61
CA VAL B 150 -14.42 9.86 13.87
C VAL B 150 -13.74 10.89 14.77
N ARG B 151 -14.54 11.83 15.26
CA ARG B 151 -14.04 12.89 16.13
C ARG B 151 -13.27 12.35 17.33
N LYS B 152 -13.76 11.23 17.88
CA LYS B 152 -13.05 10.53 18.94
C LYS B 152 -11.63 10.18 18.48
N PHE B 153 -11.56 9.35 17.45
CA PHE B 153 -10.28 8.90 16.90
C PHE B 153 -9.39 10.09 16.53
N MET B 154 -10.00 11.16 16.05
CA MET B 154 -9.24 12.34 15.63
C MET B 154 -8.54 13.01 16.82
N ALA B 155 -9.24 13.10 17.94
CA ALA B 155 -8.69 13.70 19.15
C ALA B 155 -7.71 12.75 19.83
N GLU B 156 -7.86 11.46 19.53
CA GLU B 156 -7.05 10.41 20.16
C GLU B 156 -5.70 10.24 19.48
N ASN B 157 -5.71 10.15 18.15
CA ASN B 157 -4.48 9.90 17.39
C ASN B 157 -3.85 11.17 16.85
N TRP B 158 -4.67 12.09 16.38
CA TRP B 158 -4.17 13.40 15.93
C TRP B 158 -4.32 14.40 17.07
N LYS B 159 -3.31 14.41 17.95
CA LYS B 159 -3.41 15.13 19.22
C LYS B 159 -2.90 16.57 19.13
N GLU B 160 -1.72 16.76 18.56
CA GLU B 160 -1.13 18.09 18.46
C GLU B 160 -1.84 18.94 17.41
N ASP B 161 -1.52 20.23 17.40
CA ASP B 161 -2.11 21.17 16.43
C ASP B 161 -1.61 20.86 15.02
N GLU B 162 -0.37 20.39 14.93
CA GLU B 162 0.19 19.89 13.69
C GLU B 162 0.75 18.49 13.93
N GLY B 163 1.21 17.83 12.88
CA GLY B 163 1.77 16.49 13.03
C GLY B 163 1.78 15.70 11.74
N VAL B 164 2.48 14.57 11.76
CA VAL B 164 2.63 13.73 10.57
C VAL B 164 2.20 12.29 10.82
N ILE B 165 1.40 11.75 9.90
CA ILE B 165 0.90 10.39 10.03
C ILE B 165 0.49 9.85 8.66
N ASN B 166 0.73 8.56 8.44
CA ASN B 166 0.33 7.92 7.19
C ASN B 166 -1.17 7.65 7.22
N LEU B 167 -1.84 7.95 6.12
CA LEU B 167 -3.30 8.02 6.10
C LEU B 167 -3.96 6.65 6.02
N LEU B 168 -3.40 5.76 5.20
CA LEU B 168 -4.02 4.47 4.93
C LEU B 168 -4.26 3.65 6.20
N GLU B 169 -3.30 3.68 7.12
CA GLU B 169 -3.41 2.91 8.34
C GLU B 169 -4.29 3.60 9.38
N ASP B 170 -4.17 4.92 9.47
CA ASP B 170 -5.03 5.70 10.35
C ASP B 170 -6.50 5.61 9.94
N CYS B 171 -6.75 5.59 8.64
CA CYS B 171 -8.12 5.44 8.14
C CYS B 171 -8.64 4.03 8.42
N GLY B 172 -7.79 3.04 8.18
CA GLY B 172 -8.14 1.65 8.45
C GLY B 172 -8.69 1.46 9.86
N ALA B 173 -8.15 2.23 10.79
CA ALA B 173 -8.64 2.22 12.17
C ALA B 173 -9.95 3.00 12.25
N MET B 174 -9.91 4.24 11.79
CA MET B 174 -11.10 5.07 11.69
C MET B 174 -12.31 4.23 11.32
N ILE B 175 -12.22 3.59 10.16
CA ILE B 175 -13.34 2.88 9.56
C ILE B 175 -13.74 1.64 10.36
N ILE B 176 -12.77 1.01 11.02
CA ILE B 176 -13.06 -0.19 11.80
C ILE B 176 -14.02 0.14 12.94
N ASN B 177 -13.92 1.36 13.45
CA ASN B 177 -14.84 1.84 14.48
C ASN B 177 -16.20 2.17 13.88
N THR B 178 -16.22 3.02 12.87
CA THR B 178 -17.45 3.49 12.26
C THR B 178 -18.25 2.34 11.64
N ALA B 179 -17.54 1.37 11.09
CA ALA B 179 -18.18 0.18 10.51
C ALA B 179 -18.78 -0.67 11.61
N CYS B 180 -17.99 -0.93 12.65
CA CYS B 180 -18.44 -1.73 13.78
C CYS B 180 -19.59 -1.07 14.53
N GLN B 181 -19.43 0.23 14.79
CA GLN B 181 -20.43 1.01 15.52
C GLN B 181 -21.80 0.92 14.86
N CYS B 182 -21.84 0.93 13.54
CA CYS B 182 -23.10 0.94 12.80
C CYS B 182 -23.71 -0.44 12.64
N LEU B 183 -22.88 -1.45 12.40
CA LEU B 183 -23.37 -2.79 12.11
C LEU B 183 -23.58 -3.61 13.38
N PHE B 184 -22.57 -3.66 14.24
CA PHE B 184 -22.59 -4.53 15.42
C PHE B 184 -22.99 -3.78 16.69
N GLY B 185 -22.89 -2.46 16.65
CA GLY B 185 -23.36 -1.63 17.75
C GLY B 185 -22.29 -1.30 18.77
N GLU B 186 -22.75 -0.70 19.86
CA GLU B 186 -21.87 -0.09 20.85
C GLU B 186 -21.10 -1.11 21.68
N ASP B 187 -21.64 -2.32 21.82
CA ASP B 187 -21.05 -3.33 22.69
C ASP B 187 -19.72 -3.84 22.15
N LEU B 188 -19.63 -4.02 20.82
CA LEU B 188 -18.40 -4.53 20.21
C LEU B 188 -17.34 -3.44 20.08
N ARG B 189 -17.69 -2.33 19.42
CA ARG B 189 -16.76 -1.21 19.31
C ARG B 189 -15.98 -1.02 20.61
N LYS B 190 -16.63 -1.34 21.72
CA LYS B 190 -16.03 -1.19 23.05
C LYS B 190 -15.00 -2.29 23.32
N ARG B 191 -15.40 -3.54 23.08
CA ARG B 191 -14.53 -4.69 23.32
C ARG B 191 -13.28 -4.65 22.45
N LEU B 192 -13.49 -4.45 21.15
CA LEU B 192 -12.40 -4.49 20.18
C LEU B 192 -11.29 -3.47 20.48
N ASN B 193 -11.70 -2.22 20.67
CA ASN B 193 -10.81 -1.15 21.13
C ASN B 193 -9.49 -0.98 20.39
N ALA B 194 -8.44 -0.78 21.17
CA ALA B 194 -7.12 -0.44 20.64
C ALA B 194 -6.54 -1.60 19.85
N ARG B 195 -6.91 -2.82 20.20
CA ARG B 195 -6.46 -3.99 19.45
C ARG B 195 -7.02 -3.93 18.02
N HIS B 196 -8.34 -3.87 17.93
CA HIS B 196 -9.00 -3.85 16.62
C HIS B 196 -8.75 -2.53 15.90
N PHE B 197 -8.50 -1.55 16.73
CA PHE B 197 -8.26 -0.17 16.37
C PHE B 197 -7.06 -0.20 15.44
N ALA B 198 -6.13 -1.08 15.76
CA ALA B 198 -4.90 -1.30 14.98
C ALA B 198 -4.73 -2.77 14.59
N GLN B 199 -5.18 -3.68 15.45
CA GLN B 199 -4.91 -5.10 15.25
C GLN B 199 -5.88 -5.75 14.26
N LEU B 200 -7.17 -5.63 14.52
CA LEU B 200 -8.17 -6.16 13.58
C LEU B 200 -7.94 -5.52 12.21
N LEU B 201 -7.57 -4.24 12.22
CA LEU B 201 -7.15 -3.56 11.00
C LEU B 201 -6.00 -4.32 10.36
N SER B 202 -4.96 -4.56 11.15
CA SER B 202 -3.77 -5.26 10.67
C SER B 202 -4.07 -6.73 10.40
N LYS B 203 -4.88 -7.35 11.25
CA LYS B 203 -5.28 -8.75 11.06
C LYS B 203 -6.00 -8.90 9.73
N MET B 204 -6.66 -7.84 9.28
CA MET B 204 -7.35 -7.84 7.99
C MET B 204 -6.40 -7.43 6.88
N GLU B 205 -5.68 -6.33 7.08
CA GLU B 205 -4.66 -5.91 6.12
C GLU B 205 -3.72 -7.07 5.83
N SER B 206 -3.47 -7.88 6.85
CA SER B 206 -2.62 -9.06 6.73
C SER B 206 -3.24 -10.09 5.80
N SER B 207 -4.54 -10.33 5.99
CA SER B 207 -5.28 -11.36 5.28
C SER B 207 -5.17 -11.28 3.76
N LEU B 208 -4.94 -10.09 3.23
CA LEU B 208 -4.79 -9.93 1.79
C LEU B 208 -3.72 -10.85 1.21
N ILE B 209 -4.02 -11.40 0.03
CA ILE B 209 -3.11 -12.29 -0.67
C ILE B 209 -3.02 -11.79 -2.11
N PRO B 210 -1.79 -11.53 -2.58
CA PRO B 210 -1.58 -10.70 -3.76
C PRO B 210 -2.18 -11.22 -5.07
N ALA B 211 -1.95 -12.48 -5.44
CA ALA B 211 -2.30 -12.92 -6.79
C ALA B 211 -2.75 -14.37 -6.94
N ALA B 212 -3.30 -14.96 -5.89
CA ALA B 212 -3.61 -16.39 -5.90
C ALA B 212 -4.96 -16.74 -6.51
N VAL B 213 -5.91 -15.81 -6.46
CA VAL B 213 -7.30 -16.11 -6.82
C VAL B 213 -7.44 -16.92 -8.11
N PHE B 214 -6.68 -16.53 -9.13
CA PHE B 214 -6.74 -17.23 -10.41
C PHE B 214 -6.32 -18.69 -10.25
N MET B 215 -5.40 -18.93 -9.33
CA MET B 215 -4.98 -20.28 -8.95
C MET B 215 -5.40 -20.54 -7.49
N PRO B 216 -6.68 -20.87 -7.28
CA PRO B 216 -7.22 -20.93 -5.93
C PRO B 216 -6.71 -22.10 -5.08
N TRP B 217 -6.37 -23.20 -5.73
CA TRP B 217 -6.02 -24.42 -4.99
C TRP B 217 -4.65 -24.34 -4.33
N LEU B 218 -3.79 -23.43 -4.80
CA LEU B 218 -2.43 -23.34 -4.27
C LEU B 218 -2.40 -22.82 -2.83
N LEU B 219 -3.22 -21.84 -2.51
CA LEU B 219 -3.17 -21.23 -1.17
C LEU B 219 -3.64 -22.19 -0.06
N ARG B 220 -3.92 -23.43 -0.44
CA ARG B 220 -4.10 -24.52 0.52
C ARG B 220 -2.87 -24.53 1.43
N LEU B 221 -2.98 -25.22 2.56
CA LEU B 221 -1.99 -25.14 3.63
C LEU B 221 -0.56 -24.86 3.17
N PRO B 222 0.01 -25.75 2.34
CA PRO B 222 1.39 -25.59 1.90
C PRO B 222 1.56 -24.61 0.74
N LEU B 223 1.34 -23.36 1.12
CA LEU B 223 1.45 -22.14 0.35
C LEU B 223 2.01 -21.10 1.34
N PRO B 224 2.74 -20.09 0.85
CA PRO B 224 3.29 -19.16 1.84
C PRO B 224 2.36 -18.04 2.29
N GLN B 225 1.31 -18.37 3.03
CA GLN B 225 0.43 -17.33 3.54
C GLN B 225 0.18 -17.62 5.01
N SER B 226 -0.15 -16.59 5.76
CA SER B 226 -0.37 -16.77 7.20
C SER B 226 -1.86 -16.78 7.48
N ALA B 227 -2.53 -17.82 7.00
CA ALA B 227 -3.98 -17.92 7.13
C ALA B 227 -4.38 -18.25 8.56
N ARG B 228 -3.55 -19.05 9.23
CA ARG B 228 -3.81 -19.48 10.61
C ARG B 228 -3.42 -18.39 11.60
N CYS B 229 -2.37 -17.66 11.29
CA CYS B 229 -1.93 -16.55 12.12
C CYS B 229 -3.00 -15.46 12.17
N ARG B 230 -3.56 -15.15 11.00
CA ARG B 230 -4.60 -14.14 10.92
C ARG B 230 -5.89 -14.58 11.59
N GLU B 231 -6.09 -15.90 11.69
CA GLU B 231 -7.25 -16.46 12.38
C GLU B 231 -7.13 -16.37 13.90
N ALA B 232 -6.24 -15.51 14.37
CA ALA B 232 -6.27 -15.07 15.77
C ALA B 232 -7.51 -14.20 15.95
N ARG B 233 -8.02 -13.65 14.85
CA ARG B 233 -9.33 -13.01 14.84
C ARG B 233 -10.39 -13.98 15.34
N ALA B 234 -10.31 -15.22 14.87
CA ALA B 234 -11.24 -16.26 15.28
C ALA B 234 -11.23 -16.46 16.79
N GLU B 235 -10.05 -16.29 17.39
CA GLU B 235 -9.91 -16.43 18.83
C GLU B 235 -10.45 -15.22 19.57
N LEU B 236 -9.91 -14.05 19.26
CA LEU B 236 -10.18 -12.83 20.02
C LEU B 236 -11.66 -12.52 20.16
N GLN B 237 -12.44 -12.83 19.13
CA GLN B 237 -13.87 -12.52 19.16
C GLN B 237 -14.72 -13.71 19.60
N LYS B 238 -14.15 -14.90 19.57
CA LYS B 238 -14.80 -16.07 20.17
C LYS B 238 -14.78 -15.93 21.68
N ILE B 239 -13.74 -15.26 22.19
CA ILE B 239 -13.59 -15.05 23.62
C ILE B 239 -14.59 -13.99 24.12
N LEU B 240 -14.74 -12.91 23.35
CA LEU B 240 -15.68 -11.86 23.73
C LEU B 240 -17.11 -12.24 23.35
N GLY B 241 -17.24 -13.28 22.54
CA GLY B 241 -18.56 -13.83 22.21
C GLY B 241 -19.09 -14.68 23.36
N GLU B 242 -18.19 -15.08 24.25
CA GLU B 242 -18.55 -15.92 25.39
C GLU B 242 -18.82 -15.11 26.66
N ILE B 243 -18.21 -13.93 26.77
CA ILE B 243 -18.47 -13.06 27.91
C ILE B 243 -19.80 -12.33 27.77
N ILE B 244 -20.23 -12.08 26.54
CA ILE B 244 -21.40 -11.25 26.28
C ILE B 244 -22.66 -11.77 26.94
N VAL B 245 -22.69 -13.06 27.28
CA VAL B 245 -23.84 -13.65 27.96
C VAL B 245 -23.89 -13.23 29.43
N ALA B 246 -22.72 -13.05 30.02
CA ALA B 246 -22.60 -12.69 31.44
C ALA B 246 -22.72 -11.19 31.68
N ARG B 247 -22.50 -10.40 30.63
CA ARG B 247 -22.41 -8.96 30.76
C ARG B 247 -23.78 -8.30 30.94
N GLU B 248 -24.57 -8.30 29.88
CA GLU B 248 -25.87 -7.65 29.88
C GLU B 248 -26.97 -8.52 30.46
N LYS B 249 -28.02 -7.89 30.98
CA LYS B 249 -29.25 -8.60 31.33
C LYS B 249 -30.00 -8.89 30.04
N GLU B 250 -30.28 -7.84 29.28
CA GLU B 250 -30.86 -7.94 27.94
C GLU B 250 -31.86 -9.08 27.77
N GLU B 251 -32.74 -9.25 28.76
CA GLU B 251 -33.78 -10.28 28.64
C GLU B 251 -34.96 -10.04 29.60
N ALA B 252 -36.08 -9.62 29.02
CA ALA B 252 -37.35 -9.52 29.74
C ALA B 252 -37.42 -8.33 30.68
N SER B 253 -36.34 -7.56 30.77
CA SER B 253 -36.33 -6.32 31.52
C SER B 253 -36.70 -5.17 30.59
N LYS B 254 -36.41 -5.35 29.31
CA LYS B 254 -36.67 -4.35 28.29
C LYS B 254 -35.97 -3.03 28.65
N ASP B 255 -34.72 -3.14 29.10
CA ASP B 255 -33.93 -1.97 29.48
C ASP B 255 -33.10 -1.44 28.31
N ASN B 256 -32.92 -2.26 27.29
CA ASN B 256 -32.35 -1.81 26.02
C ASN B 256 -32.86 -2.64 24.85
N ASN B 257 -33.54 -1.97 23.91
CA ASN B 257 -34.05 -2.61 22.72
C ASN B 257 -32.93 -2.81 21.71
N THR B 258 -32.21 -3.92 21.84
CA THR B 258 -31.03 -4.20 21.02
C THR B 258 -31.40 -5.06 19.82
N SER B 259 -31.42 -4.45 18.64
CA SER B 259 -31.66 -5.18 17.39
C SER B 259 -30.39 -5.20 16.56
N ASP B 260 -29.24 -5.23 17.24
CA ASP B 260 -27.94 -5.26 16.59
C ASP B 260 -27.77 -6.52 15.75
N LEU B 261 -26.64 -6.61 15.05
CA LEU B 261 -26.37 -7.75 14.19
C LEU B 261 -26.00 -8.99 15.01
N LEU B 262 -25.00 -8.84 15.85
CA LEU B 262 -24.44 -9.97 16.60
C LEU B 262 -25.48 -10.69 17.44
N GLY B 263 -26.15 -9.95 18.32
CA GLY B 263 -27.15 -10.53 19.21
C GLY B 263 -28.13 -11.41 18.44
N GLY B 264 -28.67 -10.85 17.37
CA GLY B 264 -29.61 -11.57 16.52
C GLY B 264 -28.93 -12.64 15.68
N LEU B 265 -27.63 -12.53 15.51
CA LEU B 265 -26.87 -13.44 14.66
C LEU B 265 -26.58 -14.77 15.35
N LEU B 266 -26.44 -14.74 16.68
CA LEU B 266 -26.21 -15.98 17.43
C LEU B 266 -27.53 -16.56 17.94
N LYS B 267 -28.56 -15.72 17.99
CA LYS B 267 -29.92 -16.17 18.30
C LYS B 267 -30.56 -16.83 17.08
N ALA B 268 -30.02 -16.52 15.90
CA ALA B 268 -30.65 -16.92 14.64
C ALA B 268 -30.65 -18.42 14.41
N VAL B 269 -31.72 -18.87 13.76
CA VAL B 269 -31.86 -20.26 13.31
C VAL B 269 -32.11 -20.28 11.81
N TYR B 270 -31.43 -21.19 11.12
CA TYR B 270 -31.58 -21.31 9.67
C TYR B 270 -32.96 -21.84 9.30
N ARG B 271 -33.30 -21.75 8.02
CA ARG B 271 -34.62 -22.16 7.58
C ARG B 271 -34.86 -23.62 7.85
N ASP B 272 -33.81 -24.39 7.60
CA ASP B 272 -33.82 -25.83 7.75
C ASP B 272 -34.06 -26.32 9.17
N GLY B 273 -33.49 -25.61 10.12
CA GLY B 273 -33.58 -25.98 11.53
C GLY B 273 -32.30 -25.83 12.32
N THR B 274 -31.15 -25.95 11.65
CA THR B 274 -29.87 -25.86 12.32
C THR B 274 -29.54 -24.41 12.70
N ARG B 275 -28.81 -24.25 13.81
CA ARG B 275 -28.44 -22.93 14.30
C ARG B 275 -27.01 -22.57 13.90
N MET B 276 -26.63 -21.33 14.17
CA MET B 276 -25.29 -20.86 13.84
C MET B 276 -24.25 -21.46 14.77
N SER B 277 -23.17 -21.98 14.20
CA SER B 277 -22.06 -22.51 14.98
C SER B 277 -21.24 -21.37 15.58
N LEU B 278 -20.46 -21.69 16.62
CA LEU B 278 -19.56 -20.71 17.23
C LEU B 278 -18.46 -20.36 16.23
N HIS B 279 -18.03 -21.36 15.48
CA HIS B 279 -17.01 -21.18 14.44
C HIS B 279 -17.59 -20.38 13.27
N GLU B 280 -18.90 -20.48 13.07
CA GLU B 280 -19.56 -19.78 11.98
C GLU B 280 -19.86 -18.32 12.30
N VAL B 281 -20.53 -18.07 13.42
CA VAL B 281 -20.87 -16.69 13.80
C VAL B 281 -19.62 -15.83 13.85
N CYS B 282 -18.53 -16.43 14.31
CA CYS B 282 -17.22 -15.79 14.31
C CYS B 282 -16.85 -15.38 12.88
N GLY B 283 -16.95 -16.34 11.97
CA GLY B 283 -16.63 -16.13 10.57
C GLY B 283 -17.45 -15.04 9.91
N MET B 284 -18.70 -14.89 10.34
CA MET B 284 -19.57 -13.86 9.80
C MET B 284 -19.16 -12.47 10.27
N ILE B 285 -18.98 -12.33 11.58
CA ILE B 285 -18.57 -11.06 12.17
C ILE B 285 -17.30 -10.54 11.50
N VAL B 286 -16.43 -11.47 11.09
CA VAL B 286 -15.23 -11.13 10.37
C VAL B 286 -15.58 -10.55 8.99
N ALA B 287 -16.45 -11.25 8.27
CA ALA B 287 -16.84 -10.84 6.92
C ALA B 287 -17.52 -9.49 6.90
N ALA B 288 -18.51 -9.30 7.77
CA ALA B 288 -19.24 -8.04 7.85
C ALA B 288 -18.28 -6.87 8.03
N MET B 289 -17.28 -7.07 8.89
CA MET B 289 -16.27 -6.04 9.16
C MET B 289 -15.35 -5.84 7.97
N PHE B 290 -15.02 -6.92 7.27
CA PHE B 290 -14.15 -6.85 6.10
C PHE B 290 -14.75 -5.96 5.03
N ALA B 291 -15.96 -6.30 4.61
CA ALA B 291 -16.68 -5.52 3.61
C ALA B 291 -16.89 -4.08 4.08
N GLY B 292 -17.24 -3.94 5.36
CA GLY B 292 -17.50 -2.64 5.95
C GLY B 292 -16.28 -1.76 6.12
N GLN B 293 -15.09 -2.34 6.02
CA GLN B 293 -13.87 -1.59 6.33
C GLN B 293 -12.83 -1.53 5.21
N HIS B 294 -12.52 -2.66 4.59
CA HIS B 294 -11.33 -2.72 3.73
C HIS B 294 -11.48 -1.93 2.44
N THR B 295 -12.56 -2.17 1.70
CA THR B 295 -12.82 -1.42 0.48
C THR B 295 -13.14 0.04 0.78
N SER B 296 -13.82 0.27 1.90
CA SER B 296 -14.24 1.62 2.28
C SER B 296 -13.06 2.48 2.72
N THR B 297 -12.11 1.88 3.43
CA THR B 297 -10.95 2.63 3.91
C THR B 297 -10.04 3.01 2.75
N ILE B 298 -9.83 2.07 1.84
CA ILE B 298 -9.11 2.36 0.60
C ILE B 298 -9.74 3.58 -0.08
N THR B 299 -11.06 3.50 -0.24
CA THR B 299 -11.81 4.54 -0.92
C THR B 299 -11.75 5.87 -0.16
N THR B 300 -11.82 5.79 1.17
CA THR B 300 -11.72 6.98 2.01
C THR B 300 -10.37 7.66 1.83
N SER B 301 -9.32 6.85 1.72
CA SER B 301 -7.97 7.36 1.58
C SER B 301 -7.78 8.05 0.23
N TRP B 302 -7.97 7.28 -0.84
CA TRP B 302 -7.89 7.82 -2.19
C TRP B 302 -8.58 9.18 -2.29
N SER B 303 -9.80 9.24 -1.77
CA SER B 303 -10.61 10.45 -1.84
C SER B 303 -9.89 11.63 -1.20
N MET B 304 -9.41 11.43 0.03
CA MET B 304 -8.72 12.47 0.78
C MET B 304 -7.42 12.88 0.08
N LEU B 305 -6.65 11.88 -0.35
CA LEU B 305 -5.41 12.13 -1.08
C LEU B 305 -5.66 13.08 -2.25
N HIS B 306 -6.71 12.79 -3.00
CA HIS B 306 -7.06 13.59 -4.18
C HIS B 306 -7.49 15.00 -3.81
N LEU B 307 -8.20 15.14 -2.70
CA LEU B 307 -8.76 16.42 -2.29
C LEU B 307 -7.70 17.34 -1.68
N MET B 308 -6.66 16.77 -1.11
CA MET B 308 -5.63 17.54 -0.42
C MET B 308 -4.48 17.94 -1.34
N HIS B 309 -4.52 17.45 -2.58
CA HIS B 309 -3.50 17.78 -3.57
C HIS B 309 -3.70 19.24 -4.01
N PRO B 310 -2.63 19.91 -4.43
CA PRO B 310 -2.74 21.32 -4.79
C PRO B 310 -3.44 21.53 -6.12
N LYS B 311 -3.26 20.60 -7.06
CA LYS B 311 -3.89 20.68 -8.37
C LYS B 311 -5.41 20.62 -8.26
N ASN B 312 -5.89 20.08 -7.14
CA ASN B 312 -7.33 19.90 -6.92
C ASN B 312 -7.85 20.85 -5.85
N LYS B 313 -7.21 22.01 -5.70
CA LYS B 313 -7.68 23.01 -4.74
C LYS B 313 -9.04 23.54 -5.17
N LYS B 314 -9.22 23.70 -6.48
CA LYS B 314 -10.50 24.16 -7.02
C LYS B 314 -11.63 23.22 -6.61
N TRP B 315 -11.31 21.94 -6.48
CA TRP B 315 -12.28 20.96 -6.02
C TRP B 315 -12.46 21.04 -4.50
N LEU B 316 -11.33 21.12 -3.78
CA LEU B 316 -11.37 21.24 -2.33
C LEU B 316 -12.20 22.46 -1.93
N ASP B 317 -11.93 23.59 -2.59
CA ASP B 317 -12.71 24.80 -2.37
C ASP B 317 -14.20 24.49 -2.53
N LYS B 318 -14.53 23.76 -3.59
CA LYS B 318 -15.92 23.40 -3.87
C LYS B 318 -16.50 22.51 -2.78
N LEU B 319 -15.68 21.61 -2.24
CA LEU B 319 -16.12 20.71 -1.18
C LEU B 319 -16.48 21.47 0.08
N HIS B 320 -15.79 22.57 0.34
CA HIS B 320 -16.06 23.40 1.51
C HIS B 320 -17.37 24.18 1.33
N LYS B 321 -17.60 24.69 0.13
CA LYS B 321 -18.85 25.39 -0.15
C LYS B 321 -20.04 24.49 0.19
N GLU B 322 -19.83 23.18 0.04
CA GLU B 322 -20.89 22.20 0.25
C GLU B 322 -21.13 21.91 1.73
N ILE B 323 -20.05 21.84 2.52
CA ILE B 323 -20.16 21.39 3.91
C ILE B 323 -20.07 22.50 4.94
N ASP B 324 -19.56 23.67 4.55
CA ASP B 324 -19.29 24.74 5.51
C ASP B 324 -20.54 25.34 6.15
N GLU B 325 -21.71 25.10 5.56
CA GLU B 325 -22.96 25.59 6.11
C GLU B 325 -23.68 24.57 6.99
N PHE B 326 -23.13 23.36 7.07
CA PHE B 326 -23.70 22.33 7.93
C PHE B 326 -23.48 22.67 9.40
N PRO B 327 -24.25 22.04 10.29
CA PRO B 327 -24.00 22.16 11.71
C PRO B 327 -22.95 21.16 12.17
N ALA B 328 -22.53 21.26 13.42
CA ALA B 328 -21.56 20.33 13.99
C ALA B 328 -22.12 18.91 13.97
N GLN B 329 -23.37 18.78 14.39
CA GLN B 329 -24.06 17.50 14.39
C GLN B 329 -24.74 17.25 13.05
N LEU B 330 -24.10 16.46 12.18
CA LEU B 330 -24.70 16.09 10.91
C LEU B 330 -25.81 15.07 11.13
N ASN B 331 -26.68 14.93 10.13
CA ASN B 331 -27.76 13.95 10.19
C ASN B 331 -27.87 13.21 8.86
N TYR B 332 -28.76 12.21 8.84
CA TYR B 332 -28.99 11.40 7.65
C TYR B 332 -29.27 12.24 6.42
N ASP B 333 -30.16 13.22 6.56
CA ASP B 333 -30.59 14.04 5.43
C ASP B 333 -29.45 14.90 4.87
N ASN B 334 -28.53 15.31 5.74
CA ASN B 334 -27.40 16.13 5.30
C ASN B 334 -26.48 15.36 4.36
N VAL B 335 -26.17 14.12 4.73
CA VAL B 335 -25.22 13.31 3.98
C VAL B 335 -25.83 12.78 2.69
N MET B 336 -27.09 12.35 2.77
CA MET B 336 -27.77 11.80 1.59
C MET B 336 -28.20 12.90 0.64
N ASP B 337 -29.08 13.78 1.12
CA ASP B 337 -29.74 14.77 0.27
C ASP B 337 -28.88 15.99 -0.05
N GLU B 338 -27.95 16.34 0.84
CA GLU B 338 -27.26 17.62 0.73
C GLU B 338 -25.75 17.53 0.49
N MET B 339 -25.28 16.36 0.08
CA MET B 339 -23.86 16.22 -0.27
C MET B 339 -23.70 15.53 -1.62
N PRO B 340 -24.02 16.26 -2.71
CA PRO B 340 -23.89 15.91 -4.14
C PRO B 340 -22.47 15.82 -4.75
N PHE B 341 -21.61 16.78 -4.41
CA PHE B 341 -20.23 16.87 -4.90
C PHE B 341 -19.30 15.92 -4.15
N ALA B 342 -19.51 15.81 -2.83
CA ALA B 342 -18.72 14.90 -2.02
C ALA B 342 -18.85 13.47 -2.54
N GLU B 343 -20.08 13.08 -2.88
CA GLU B 343 -20.32 11.77 -3.47
C GLU B 343 -19.61 11.66 -4.81
N ARG B 344 -19.64 12.73 -5.59
CA ARG B 344 -18.94 12.77 -6.87
C ARG B 344 -17.46 12.47 -6.69
N CYS B 345 -16.86 13.07 -5.66
CA CYS B 345 -15.45 12.87 -5.36
C CYS B 345 -15.19 11.43 -4.97
N VAL B 346 -16.07 10.88 -4.15
CA VAL B 346 -15.96 9.51 -3.67
C VAL B 346 -16.08 8.52 -4.83
N ARG B 347 -17.06 8.72 -5.69
CA ARG B 347 -17.30 7.83 -6.81
C ARG B 347 -16.15 7.89 -7.82
N GLU B 348 -15.72 9.10 -8.15
CA GLU B 348 -14.63 9.28 -9.12
C GLU B 348 -13.33 8.67 -8.61
N SER B 349 -13.16 8.66 -7.30
CA SER B 349 -11.99 8.04 -6.68
C SER B 349 -12.06 6.52 -6.83
N ILE B 350 -13.27 5.99 -6.69
CA ILE B 350 -13.52 4.56 -6.91
C ILE B 350 -13.45 4.26 -8.40
N ARG B 351 -13.68 5.28 -9.21
CA ARG B 351 -13.66 5.14 -10.66
C ARG B 351 -12.22 4.97 -11.16
N ARG B 352 -11.36 5.87 -10.69
CA ARG B 352 -9.96 5.90 -11.12
C ARG B 352 -9.18 4.66 -10.66
N ASP B 353 -9.33 4.32 -9.38
CA ASP B 353 -8.60 3.20 -8.79
C ASP B 353 -9.55 2.27 -8.06
N PRO B 354 -10.30 1.45 -8.80
CA PRO B 354 -11.30 0.56 -8.22
C PRO B 354 -10.69 -0.48 -7.29
N PRO B 355 -11.17 -0.53 -6.04
CA PRO B 355 -10.62 -1.45 -5.04
C PRO B 355 -10.64 -2.91 -5.46
N LEU B 356 -11.69 -3.36 -6.13
CA LEU B 356 -11.73 -4.74 -6.63
C LEU B 356 -11.46 -4.76 -8.13
N LEU B 357 -10.31 -5.29 -8.52
CA LEU B 357 -9.88 -5.29 -9.91
C LEU B 357 -10.75 -6.15 -10.81
N MET B 358 -10.91 -7.41 -10.39
CA MET B 358 -11.52 -8.42 -11.25
C MET B 358 -12.74 -9.07 -10.59
N VAL B 359 -13.91 -8.86 -11.17
CA VAL B 359 -15.10 -9.61 -10.83
C VAL B 359 -15.11 -10.84 -11.75
N MET B 360 -15.43 -12.00 -11.18
CA MET B 360 -15.28 -13.26 -11.92
C MET B 360 -16.48 -14.19 -11.76
N ARG B 361 -16.65 -15.07 -12.73
CA ARG B 361 -17.73 -16.06 -12.70
C ARG B 361 -17.29 -17.36 -13.36
N MET B 362 -17.74 -18.48 -12.82
CA MET B 362 -17.55 -19.78 -13.47
C MET B 362 -18.58 -19.92 -14.59
N VAL B 363 -18.08 -20.12 -15.81
CA VAL B 363 -18.94 -20.30 -16.97
C VAL B 363 -19.56 -21.69 -16.94
N LYS B 364 -20.74 -21.80 -16.34
CA LYS B 364 -21.44 -23.08 -16.28
C LYS B 364 -22.40 -23.26 -17.45
N ALA B 365 -22.29 -22.36 -18.43
CA ALA B 365 -23.05 -22.47 -19.67
C ALA B 365 -22.58 -21.44 -20.69
N GLU B 366 -22.66 -21.79 -21.97
CA GLU B 366 -22.30 -20.89 -23.06
C GLU B 366 -23.01 -19.53 -22.93
N VAL B 367 -22.33 -18.48 -23.35
CA VAL B 367 -22.90 -17.14 -23.37
C VAL B 367 -22.32 -16.31 -24.51
N LYS B 368 -23.18 -15.61 -25.23
CA LYS B 368 -22.74 -14.68 -26.26
C LYS B 368 -22.25 -13.39 -25.63
N VAL B 369 -21.13 -12.89 -26.14
CA VAL B 369 -20.54 -11.65 -25.65
C VAL B 369 -20.05 -10.84 -26.86
N GLY B 370 -20.97 -10.10 -27.45
CA GLY B 370 -20.69 -9.41 -28.71
C GLY B 370 -20.74 -10.39 -29.86
N SER B 371 -19.74 -10.33 -30.72
CA SER B 371 -19.67 -11.21 -31.89
C SER B 371 -19.22 -12.63 -31.50
N TYR B 372 -18.55 -12.74 -30.36
CA TYR B 372 -17.96 -14.01 -29.93
C TYR B 372 -18.90 -14.82 -29.04
N VAL B 373 -18.44 -16.02 -28.70
CA VAL B 373 -19.11 -16.88 -27.72
C VAL B 373 -18.08 -17.35 -26.70
N VAL B 374 -18.47 -17.35 -25.43
CA VAL B 374 -17.64 -17.88 -24.36
C VAL B 374 -18.21 -19.23 -23.92
N PRO B 375 -17.36 -20.27 -23.93
CA PRO B 375 -17.83 -21.64 -23.72
C PRO B 375 -17.88 -22.08 -22.27
N LYS B 376 -18.63 -23.14 -22.02
CA LYS B 376 -18.75 -23.74 -20.69
C LYS B 376 -17.38 -24.11 -20.15
N GLY B 377 -17.21 -23.99 -18.84
CA GLY B 377 -15.97 -24.39 -18.18
C GLY B 377 -14.97 -23.26 -17.98
N ASP B 378 -15.18 -22.15 -18.69
CA ASP B 378 -14.26 -21.01 -18.61
C ASP B 378 -14.44 -20.22 -17.31
N ILE B 379 -13.43 -19.43 -17.00
CA ILE B 379 -13.55 -18.36 -16.02
C ILE B 379 -13.79 -17.07 -16.81
N ILE B 380 -15.03 -16.60 -16.85
CA ILE B 380 -15.31 -15.31 -17.45
C ILE B 380 -15.22 -14.24 -16.38
N ALA B 381 -14.52 -13.16 -16.69
CA ALA B 381 -14.30 -12.09 -15.74
C ALA B 381 -14.49 -10.72 -16.38
N CYS B 382 -14.75 -9.73 -15.53
CA CYS B 382 -14.92 -8.35 -15.99
C CYS B 382 -14.20 -7.42 -15.02
N SER B 383 -13.30 -6.60 -15.57
CA SER B 383 -12.43 -5.77 -14.74
C SER B 383 -12.90 -4.33 -14.63
N PRO B 384 -13.32 -3.92 -13.42
CA PRO B 384 -13.51 -2.50 -13.17
C PRO B 384 -12.26 -1.70 -13.55
N LEU B 385 -11.08 -2.21 -13.20
CA LEU B 385 -9.83 -1.53 -13.52
C LEU B 385 -9.75 -1.26 -15.01
N LEU B 386 -9.88 -2.31 -15.82
CA LEU B 386 -9.77 -2.18 -17.26
C LEU B 386 -10.86 -1.26 -17.83
N SER B 387 -12.11 -1.57 -17.50
CA SER B 387 -13.24 -0.82 -18.04
C SER B 387 -13.22 0.66 -17.68
N HIS B 388 -12.80 0.98 -16.46
CA HIS B 388 -12.72 2.37 -16.02
C HIS B 388 -11.62 3.12 -16.75
N HIS B 389 -10.77 2.38 -17.47
CA HIS B 389 -9.68 3.00 -18.22
C HIS B 389 -9.87 2.85 -19.73
N ASP B 390 -11.07 2.43 -20.14
CA ASP B 390 -11.45 2.46 -21.54
C ASP B 390 -11.53 3.91 -21.99
N GLU B 391 -11.03 4.18 -23.19
CA GLU B 391 -10.87 5.55 -23.67
C GLU B 391 -12.21 6.19 -24.06
N GLU B 392 -13.08 5.41 -24.68
CA GLU B 392 -14.38 5.91 -25.13
C GLU B 392 -15.26 6.29 -23.94
N ALA B 393 -15.29 5.41 -22.94
CA ALA B 393 -16.11 5.62 -21.75
C ALA B 393 -15.54 6.73 -20.87
N PHE B 394 -14.24 6.67 -20.61
CA PHE B 394 -13.58 7.64 -19.75
C PHE B 394 -12.31 8.18 -20.41
N PRO B 395 -12.39 9.37 -21.01
CA PRO B 395 -11.25 9.97 -21.66
C PRO B 395 -10.22 10.52 -20.67
N ASN B 396 -8.94 10.35 -21.00
CA ASN B 396 -7.85 10.69 -20.09
C ASN B 396 -8.14 10.08 -18.71
N PRO B 397 -8.26 8.74 -18.67
CA PRO B 397 -8.79 8.03 -17.50
C PRO B 397 -7.98 8.21 -16.22
N ARG B 398 -6.72 8.59 -16.33
CA ARG B 398 -5.88 8.78 -15.15
C ARG B 398 -6.11 10.14 -14.48
N LEU B 399 -6.92 10.98 -15.13
CA LEU B 399 -7.25 12.28 -14.55
C LEU B 399 -8.42 12.16 -13.58
N TRP B 400 -8.17 12.47 -12.31
CA TRP B 400 -9.23 12.49 -11.30
C TRP B 400 -10.10 13.73 -11.48
N ASP B 401 -11.20 13.54 -12.20
CA ASP B 401 -12.14 14.63 -12.47
C ASP B 401 -13.50 14.26 -11.89
N PRO B 402 -13.84 14.79 -10.70
CA PRO B 402 -15.06 14.39 -10.01
C PRO B 402 -16.35 14.75 -10.73
N GLU B 403 -16.28 15.72 -11.63
CA GLU B 403 -17.48 16.18 -12.35
C GLU B 403 -17.59 15.55 -13.74
N ARG B 404 -16.75 14.55 -14.01
CA ARG B 404 -16.86 13.79 -15.25
C ARG B 404 -18.06 12.86 -15.16
N ASP B 405 -18.40 12.23 -16.28
CA ASP B 405 -19.50 11.26 -16.32
C ASP B 405 -19.19 10.15 -17.32
N GLU B 406 -19.74 8.97 -17.08
CA GLU B 406 -19.49 7.83 -17.95
C GLU B 406 -20.07 8.09 -19.34
N LYS B 407 -19.18 8.28 -20.32
CA LYS B 407 -19.58 8.57 -21.69
C LYS B 407 -20.18 7.35 -22.37
N VAL B 408 -19.95 6.18 -21.79
CA VAL B 408 -20.68 4.97 -22.17
C VAL B 408 -21.54 4.55 -20.99
N ASP B 409 -22.82 4.28 -21.24
CA ASP B 409 -23.73 3.89 -20.17
C ASP B 409 -23.37 2.53 -19.60
N GLY B 410 -23.29 2.46 -18.28
CA GLY B 410 -22.97 1.23 -17.58
C GLY B 410 -21.49 0.89 -17.58
N ALA B 411 -20.67 1.87 -17.93
CA ALA B 411 -19.22 1.67 -17.99
C ALA B 411 -18.65 1.50 -16.59
N PHE B 412 -18.95 2.45 -15.71
CA PHE B 412 -18.55 2.36 -14.32
C PHE B 412 -19.18 1.13 -13.68
N ILE B 413 -18.33 0.27 -13.13
CA ILE B 413 -18.79 -0.94 -12.44
C ILE B 413 -18.07 -1.10 -11.11
N GLY B 414 -17.64 0.02 -10.54
CA GLY B 414 -16.94 0.04 -9.26
C GLY B 414 -17.61 -0.80 -8.19
N PHE B 415 -18.94 -0.73 -8.12
CA PHE B 415 -19.70 -1.51 -7.16
C PHE B 415 -20.36 -2.71 -7.82
N GLY B 416 -19.88 -3.06 -9.00
CA GLY B 416 -20.47 -4.17 -9.75
C GLY B 416 -21.84 -3.80 -10.28
N ALA B 417 -22.65 -4.81 -10.57
CA ALA B 417 -23.97 -4.61 -11.14
C ALA B 417 -24.70 -5.93 -11.31
N GLY B 418 -25.93 -5.87 -11.79
CA GLY B 418 -26.71 -7.06 -12.11
C GLY B 418 -27.17 -7.81 -10.87
N VAL B 419 -27.15 -9.14 -10.97
CA VAL B 419 -27.65 -10.01 -9.91
C VAL B 419 -26.82 -9.93 -8.64
N HIS B 420 -25.54 -9.62 -8.78
CA HIS B 420 -24.63 -9.59 -7.63
C HIS B 420 -24.11 -8.19 -7.32
N LYS B 421 -24.95 -7.17 -7.53
CA LYS B 421 -24.53 -5.80 -7.23
C LYS B 421 -24.35 -5.61 -5.74
N CYS B 422 -23.35 -4.80 -5.39
CA CYS B 422 -23.03 -4.51 -4.00
C CYS B 422 -24.27 -4.01 -3.26
N ILE B 423 -24.56 -4.64 -2.12
CA ILE B 423 -25.73 -4.28 -1.33
C ILE B 423 -25.36 -3.32 -0.20
N GLY B 424 -24.08 -2.98 -0.12
CA GLY B 424 -23.59 -2.07 0.91
C GLY B 424 -23.20 -0.72 0.35
N GLN B 425 -23.58 -0.47 -0.90
CA GLN B 425 -23.20 0.75 -1.60
C GLN B 425 -23.65 2.01 -0.85
N LYS B 426 -24.88 2.00 -0.37
CA LYS B 426 -25.41 3.11 0.41
C LYS B 426 -24.52 3.40 1.62
N PHE B 427 -24.32 2.37 2.43
CA PHE B 427 -23.57 2.49 3.66
C PHE B 427 -22.13 2.94 3.40
N ALA B 428 -21.51 2.33 2.40
CA ALA B 428 -20.14 2.66 2.03
C ALA B 428 -20.01 4.15 1.73
N LEU B 429 -20.90 4.64 0.87
CA LEU B 429 -20.91 6.05 0.50
C LEU B 429 -21.27 6.94 1.67
N LEU B 430 -22.14 6.44 2.55
CA LEU B 430 -22.50 7.18 3.76
C LEU B 430 -21.30 7.32 4.69
N GLN B 431 -20.64 6.19 4.97
CA GLN B 431 -19.42 6.19 5.76
C GLN B 431 -18.43 7.24 5.26
N VAL B 432 -18.00 7.04 4.02
CA VAL B 432 -16.94 7.86 3.42
C VAL B 432 -17.29 9.34 3.42
N LYS B 433 -18.48 9.66 2.89
CA LYS B 433 -18.91 11.05 2.80
C LYS B 433 -18.98 11.71 4.17
N THR B 434 -19.48 10.98 5.16
CA THR B 434 -19.54 11.47 6.53
C THR B 434 -18.13 11.76 7.04
N ILE B 435 -17.24 10.79 6.88
CA ILE B 435 -15.85 10.94 7.29
C ILE B 435 -15.24 12.20 6.69
N LEU B 436 -15.30 12.29 5.37
CA LEU B 436 -14.78 13.46 4.64
C LEU B 436 -15.33 14.75 5.24
N ALA B 437 -16.63 14.76 5.51
CA ALA B 437 -17.28 15.95 6.05
C ALA B 437 -16.76 16.28 7.44
N THR B 438 -16.63 15.26 8.28
CA THR B 438 -16.20 15.45 9.66
C THR B 438 -14.74 15.88 9.74
N ALA B 439 -13.90 15.28 8.89
CA ALA B 439 -12.47 15.52 8.91
C ALA B 439 -12.09 16.88 8.32
N PHE B 440 -12.50 17.11 7.08
CA PHE B 440 -12.13 18.34 6.37
C PHE B 440 -12.72 19.59 7.01
N ARG B 441 -13.77 19.43 7.80
CA ARG B 441 -14.36 20.54 8.52
C ARG B 441 -13.41 21.03 9.61
N GLU B 442 -12.70 20.10 10.24
CA GLU B 442 -11.92 20.39 11.44
C GLU B 442 -10.43 20.15 11.25
N TYR B 443 -9.97 20.10 10.00
CA TYR B 443 -8.56 19.89 9.70
C TYR B 443 -8.17 20.33 8.30
N ASP B 444 -6.87 20.42 8.07
CA ASP B 444 -6.31 20.64 6.74
C ASP B 444 -5.16 19.65 6.54
N PHE B 445 -5.01 19.16 5.33
CA PHE B 445 -4.03 18.09 5.07
C PHE B 445 -3.04 18.47 3.98
N GLN B 446 -1.78 18.11 4.21
CA GLN B 446 -0.69 18.40 3.29
C GLN B 446 0.01 17.11 2.88
N LEU B 447 -0.16 16.72 1.63
CA LEU B 447 0.40 15.48 1.12
C LEU B 447 1.91 15.63 0.93
N LEU B 448 2.69 14.86 1.69
CA LEU B 448 4.15 14.95 1.66
C LEU B 448 4.73 14.29 0.42
N ARG B 449 4.39 14.83 -0.74
CA ARG B 449 4.85 14.31 -2.03
C ARG B 449 4.53 15.29 -3.14
N ASP B 450 5.20 15.13 -4.27
CA ASP B 450 4.92 15.95 -5.45
C ASP B 450 3.64 15.47 -6.12
N GLU B 451 3.52 14.16 -6.30
CA GLU B 451 2.38 13.57 -6.98
C GLU B 451 1.60 12.65 -6.04
N VAL B 452 0.44 12.20 -6.49
CA VAL B 452 -0.41 11.29 -5.73
C VAL B 452 0.15 9.87 -5.78
N PRO B 453 -0.04 9.10 -4.71
CA PRO B 453 0.47 7.73 -4.60
C PRO B 453 0.14 6.85 -5.79
N ASP B 454 1.01 5.87 -6.04
CA ASP B 454 0.77 4.87 -7.07
C ASP B 454 -0.17 3.80 -6.54
N PRO B 455 -0.94 3.16 -7.44
CA PRO B 455 -1.72 2.02 -6.99
C PRO B 455 -0.84 0.79 -6.77
N ASP B 456 -0.86 0.25 -5.56
CA ASP B 456 -0.08 -0.93 -5.21
C ASP B 456 -0.83 -2.19 -5.61
N TYR B 457 -0.54 -2.69 -6.82
CA TYR B 457 -1.26 -3.83 -7.37
C TYR B 457 -0.78 -5.18 -6.86
N HIS B 458 0.09 -5.19 -5.85
CA HIS B 458 0.51 -6.44 -5.23
C HIS B 458 -0.69 -7.14 -4.62
N THR B 459 -1.50 -6.39 -3.89
CA THR B 459 -2.76 -6.90 -3.37
C THR B 459 -3.81 -6.96 -4.48
N MET B 460 -4.64 -7.99 -4.47
CA MET B 460 -5.76 -8.06 -5.39
C MET B 460 -6.80 -7.01 -5.02
N VAL B 461 -6.95 -6.78 -3.72
CA VAL B 461 -7.76 -5.68 -3.22
C VAL B 461 -6.88 -4.44 -3.19
N VAL B 462 -6.98 -3.64 -4.24
CA VAL B 462 -6.01 -2.57 -4.52
C VAL B 462 -6.27 -1.28 -3.75
N GLY B 463 -5.18 -0.66 -3.31
CA GLY B 463 -5.22 0.64 -2.62
C GLY B 463 -3.92 1.39 -2.83
N PRO B 464 -3.86 2.64 -2.38
CA PRO B 464 -2.64 3.43 -2.57
C PRO B 464 -1.44 2.81 -1.87
N THR B 465 -0.26 3.01 -2.44
CA THR B 465 0.96 2.42 -1.91
C THR B 465 1.22 2.91 -0.48
N LEU B 466 1.34 1.95 0.43
CA LEU B 466 1.41 2.22 1.86
C LEU B 466 2.45 3.27 2.25
N ASN B 467 3.68 3.09 1.77
CA ASN B 467 4.81 3.93 2.18
C ASN B 467 4.78 5.32 1.55
N GLN B 468 3.87 5.53 0.59
CA GLN B 468 3.76 6.81 -0.09
C GLN B 468 2.68 7.70 0.54
N CYS B 469 2.02 7.17 1.56
CA CYS B 469 0.81 7.80 2.10
C CYS B 469 1.04 8.67 3.34
N LEU B 470 2.27 9.12 3.54
CA LEU B 470 2.59 9.98 4.68
C LEU B 470 2.05 11.39 4.44
N VAL B 471 1.41 11.94 5.48
CA VAL B 471 0.68 13.20 5.34
C VAL B 471 0.74 14.04 6.61
N LYS B 472 1.00 15.34 6.45
CA LYS B 472 0.95 16.26 7.58
C LYS B 472 -0.46 16.78 7.80
N TYR B 473 -0.98 16.55 9.00
CA TYR B 473 -2.29 17.09 9.37
C TYR B 473 -2.10 18.43 10.07
N THR B 474 -3.08 19.31 9.91
CA THR B 474 -3.02 20.65 10.48
C THR B 474 -4.39 21.06 11.02
N ARG B 475 -4.49 21.23 12.33
CA ARG B 475 -5.76 21.57 12.96
C ARG B 475 -6.27 22.92 12.51
N LYS B 476 -7.58 23.01 12.33
CA LYS B 476 -8.22 24.27 11.93
C LYS B 476 -8.63 25.10 13.14
N LYS B 477 -8.38 26.40 13.08
CA LYS B 477 -8.76 27.33 14.13
C LYS B 477 -9.15 28.67 13.52
N LYS B 478 -10.33 29.16 13.89
CA LYS B 478 -10.83 30.44 13.40
C LYS B 478 -9.99 31.60 13.93
N LEU C 31 4.59 -51.82 -12.19
CA LEU C 31 5.39 -52.61 -11.22
C LEU C 31 5.62 -51.85 -9.90
N PRO C 32 5.94 -50.55 -9.98
CA PRO C 32 6.14 -49.80 -8.74
C PRO C 32 4.83 -49.25 -8.18
N PRO C 33 4.70 -49.20 -6.85
CA PRO C 33 3.46 -48.77 -6.22
C PRO C 33 3.23 -47.26 -6.30
N VAL C 34 2.03 -46.83 -5.95
CA VAL C 34 1.66 -45.41 -5.95
C VAL C 34 0.65 -45.13 -4.84
N TYR C 35 0.78 -43.97 -4.21
CA TYR C 35 -0.14 -43.57 -3.14
C TYR C 35 -1.37 -42.89 -3.74
N PRO C 36 -2.53 -43.02 -3.06
CA PRO C 36 -3.76 -42.42 -3.59
C PRO C 36 -3.69 -40.90 -3.67
N VAL C 37 -4.18 -40.35 -4.78
CA VAL C 37 -4.15 -38.92 -5.02
C VAL C 37 -5.54 -38.30 -4.91
N THR C 38 -5.82 -37.69 -3.77
CA THR C 38 -7.10 -37.02 -3.55
C THR C 38 -7.19 -35.78 -4.44
N VAL C 39 -6.20 -34.89 -4.31
CA VAL C 39 -6.11 -33.71 -5.16
C VAL C 39 -5.10 -33.98 -6.27
N PRO C 40 -5.56 -33.93 -7.53
CA PRO C 40 -4.67 -34.30 -8.64
C PRO C 40 -3.51 -33.35 -8.88
N PHE C 41 -3.78 -32.05 -8.94
CA PHE C 41 -2.76 -31.07 -9.31
C PHE C 41 -1.76 -30.79 -8.19
N LEU C 42 -2.26 -30.59 -6.97
CA LEU C 42 -1.41 -30.31 -5.83
C LEU C 42 -0.57 -31.53 -5.47
N GLY C 43 -1.23 -32.68 -5.40
CA GLY C 43 -0.58 -33.93 -5.00
C GLY C 43 -0.50 -34.06 -3.49
N HIS C 44 0.59 -34.65 -3.02
CA HIS C 44 0.77 -34.90 -1.59
C HIS C 44 1.64 -33.82 -0.94
N ILE C 45 2.01 -32.82 -1.73
CA ILE C 45 2.89 -31.75 -1.25
C ILE C 45 2.33 -31.07 0.00
N VAL C 46 1.03 -31.23 0.24
CA VAL C 46 0.40 -30.69 1.44
C VAL C 46 0.89 -31.39 2.69
N GLN C 47 0.75 -32.72 2.70
CA GLN C 47 1.15 -33.55 3.83
C GLN C 47 2.67 -33.57 3.96
N PHE C 48 3.35 -33.84 2.84
CA PHE C 48 4.80 -33.92 2.82
C PHE C 48 5.41 -32.68 3.45
N GLY C 49 4.78 -31.53 3.21
CA GLY C 49 5.25 -30.26 3.76
C GLY C 49 5.01 -30.15 5.26
N LYS C 50 3.82 -30.55 5.70
CA LYS C 50 3.47 -30.46 7.11
C LYS C 50 4.30 -31.43 7.95
N ASN C 51 4.45 -32.65 7.45
CA ASN C 51 5.34 -33.64 8.07
C ASN C 51 5.78 -34.68 7.06
N PRO C 52 7.06 -34.64 6.65
CA PRO C 52 7.55 -35.61 5.67
C PRO C 52 7.92 -36.95 6.29
N LEU C 53 8.29 -36.93 7.57
CA LEU C 53 8.65 -38.16 8.28
C LEU C 53 7.44 -39.07 8.45
N GLU C 54 6.37 -38.50 8.98
CA GLU C 54 5.16 -39.27 9.27
C GLU C 54 4.36 -39.59 8.01
N PHE C 55 4.43 -38.72 7.00
CA PHE C 55 3.76 -38.98 5.74
C PHE C 55 4.41 -40.15 5.01
N MET C 56 5.74 -40.12 4.93
CA MET C 56 6.49 -41.15 4.22
C MET C 56 6.40 -42.49 4.96
N GLN C 57 6.44 -42.45 6.29
CA GLN C 57 6.28 -43.66 7.09
C GLN C 57 4.88 -44.22 6.92
N ARG C 58 3.90 -43.33 6.75
CA ARG C 58 2.52 -43.73 6.53
C ARG C 58 2.33 -44.27 5.12
N CYS C 59 3.08 -43.73 4.17
CA CYS C 59 3.07 -44.24 2.80
C CYS C 59 3.63 -45.66 2.77
N LYS C 60 4.76 -45.84 3.43
CA LYS C 60 5.46 -47.11 3.51
C LYS C 60 4.62 -48.15 4.25
N ARG C 61 4.02 -47.73 5.36
CA ARG C 61 3.28 -48.63 6.24
C ARG C 61 1.99 -49.13 5.59
N ASP C 62 1.22 -48.22 5.03
CA ASP C 62 -0.08 -48.56 4.43
C ASP C 62 0.07 -49.30 3.11
N LEU C 63 0.99 -48.86 2.26
CA LEU C 63 1.24 -49.51 0.98
C LEU C 63 1.86 -50.89 1.18
N LYS C 64 2.46 -51.10 2.35
CA LYS C 64 3.11 -52.36 2.68
C LYS C 64 4.25 -52.66 1.71
N SER C 65 5.15 -51.70 1.59
CA SER C 65 6.34 -51.83 0.74
C SER C 65 7.35 -50.73 1.07
N GLY C 66 8.63 -51.07 0.97
CA GLY C 66 9.69 -50.11 1.24
C GLY C 66 9.83 -49.09 0.12
N VAL C 67 9.65 -49.56 -1.12
CA VAL C 67 9.73 -48.70 -2.29
C VAL C 67 8.33 -48.31 -2.76
N PHE C 68 8.15 -47.03 -3.08
CA PHE C 68 6.86 -46.53 -3.54
C PHE C 68 7.01 -45.21 -4.32
N THR C 69 5.92 -44.77 -4.93
CA THR C 69 5.90 -43.54 -5.71
C THR C 69 4.82 -42.58 -5.22
N ILE C 70 5.13 -41.29 -5.29
CA ILE C 70 4.15 -40.25 -4.98
C ILE C 70 4.20 -39.16 -6.06
N SER C 71 3.06 -38.51 -6.27
CA SER C 71 2.95 -37.45 -7.27
C SER C 71 3.03 -36.06 -6.64
N ILE C 72 4.12 -35.35 -6.94
CA ILE C 72 4.28 -33.96 -6.50
C ILE C 72 4.24 -33.04 -7.72
N GLY C 73 3.09 -32.44 -7.97
CA GLY C 73 2.91 -31.53 -9.09
C GLY C 73 2.97 -32.25 -10.43
N GLY C 74 2.20 -33.33 -10.54
CA GLY C 74 2.12 -34.10 -11.78
C GLY C 74 3.44 -34.70 -12.18
N GLN C 75 4.30 -34.97 -11.21
CA GLN C 75 5.60 -35.57 -11.46
C GLN C 75 5.80 -36.77 -10.53
N ARG C 76 6.03 -37.94 -11.13
CA ARG C 76 6.22 -39.17 -10.37
C ARG C 76 7.53 -39.15 -9.59
N VAL C 77 7.42 -39.10 -8.26
CA VAL C 77 8.58 -39.16 -7.38
C VAL C 77 8.64 -40.52 -6.69
N THR C 78 9.58 -41.35 -7.12
CA THR C 78 9.74 -42.69 -6.55
C THR C 78 10.74 -42.69 -5.39
N ILE C 79 10.25 -42.96 -4.18
CA ILE C 79 11.07 -42.91 -2.99
C ILE C 79 11.54 -44.32 -2.59
N VAL C 80 12.84 -44.44 -2.30
CA VAL C 80 13.40 -45.69 -1.81
C VAL C 80 13.45 -45.67 -0.28
N GLY C 81 12.57 -46.45 0.34
CA GLY C 81 12.47 -46.48 1.80
C GLY C 81 12.97 -47.77 2.40
N ASP C 82 13.51 -48.65 1.55
CA ASP C 82 14.06 -49.92 2.00
C ASP C 82 15.58 -49.83 2.09
N PRO C 83 16.13 -49.88 3.31
CA PRO C 83 17.57 -49.71 3.50
C PRO C 83 18.40 -50.73 2.71
N HIS C 84 17.84 -51.91 2.50
CA HIS C 84 18.56 -52.97 1.79
C HIS C 84 18.77 -52.65 0.31
N GLU C 85 17.96 -51.74 -0.22
CA GLU C 85 18.03 -51.40 -1.64
C GLU C 85 18.83 -50.12 -1.89
N HIS C 86 19.42 -49.55 -0.84
CA HIS C 86 20.21 -48.33 -0.98
C HIS C 86 21.22 -48.46 -2.12
N SER C 87 21.84 -49.64 -2.21
CA SER C 87 22.87 -49.92 -3.21
C SER C 87 22.36 -49.65 -4.62
N ARG C 88 21.07 -49.87 -4.84
CA ARG C 88 20.46 -49.63 -6.14
C ARG C 88 20.44 -48.14 -6.48
N PHE C 89 20.13 -47.33 -5.46
CA PHE C 89 19.98 -45.90 -5.65
C PHE C 89 21.32 -45.20 -5.88
N PHE C 90 22.28 -45.45 -5.01
CA PHE C 90 23.53 -44.69 -4.99
C PHE C 90 24.60 -45.16 -5.97
N SER C 91 24.47 -46.40 -6.46
CA SER C 91 25.52 -47.01 -7.27
C SER C 91 25.59 -46.47 -8.69
N PRO C 92 24.48 -46.55 -9.44
CA PRO C 92 24.50 -46.24 -10.87
C PRO C 92 25.18 -44.92 -11.22
N ARG C 93 25.73 -44.85 -12.43
CA ARG C 93 26.48 -43.69 -12.90
C ARG C 93 25.57 -42.48 -13.14
N ASN C 94 26.17 -41.35 -13.49
CA ASN C 94 25.42 -40.13 -13.77
C ASN C 94 24.45 -40.29 -14.94
N GLU C 95 24.85 -41.08 -15.93
CA GLU C 95 24.07 -41.24 -17.15
C GLU C 95 22.76 -41.98 -16.88
N ILE C 96 22.80 -42.94 -15.97
CA ILE C 96 21.61 -43.73 -15.64
C ILE C 96 20.71 -42.97 -14.68
N LEU C 97 21.31 -42.42 -13.63
CA LEU C 97 20.59 -41.58 -12.67
C LEU C 97 21.33 -40.26 -12.48
N SER C 98 20.80 -39.19 -13.07
CA SER C 98 21.45 -37.88 -13.01
C SER C 98 20.92 -37.02 -11.87
N PRO C 99 21.82 -36.29 -11.19
CA PRO C 99 21.42 -35.39 -10.13
C PRO C 99 21.23 -33.96 -10.63
N ARG C 100 21.78 -33.68 -11.80
CA ARG C 100 21.83 -32.31 -12.31
C ARG C 100 20.43 -31.70 -12.46
N GLU C 101 19.64 -32.30 -13.34
CA GLU C 101 18.33 -31.73 -13.69
C GLU C 101 17.30 -31.85 -12.58
N VAL C 102 17.68 -32.44 -11.45
CA VAL C 102 16.82 -32.43 -10.27
C VAL C 102 17.29 -31.34 -9.29
N TYR C 103 18.58 -31.04 -9.33
CA TYR C 103 19.16 -30.02 -8.46
C TYR C 103 19.41 -28.70 -9.20
N THR C 104 18.54 -28.37 -10.16
CA THR C 104 18.63 -27.10 -10.86
C THR C 104 18.16 -25.95 -9.97
N PHE C 105 17.36 -26.29 -8.97
CA PHE C 105 16.83 -25.31 -8.03
C PHE C 105 17.94 -24.62 -7.24
N MET C 106 19.14 -25.18 -7.29
CA MET C 106 20.24 -24.69 -6.46
C MET C 106 21.03 -23.55 -7.11
N THR C 107 20.87 -23.37 -8.41
CA THR C 107 21.63 -22.36 -9.14
C THR C 107 21.30 -20.94 -8.71
N PRO C 108 20.03 -20.70 -8.31
CA PRO C 108 19.70 -19.39 -7.76
C PRO C 108 20.49 -19.04 -6.49
N VAL C 109 21.14 -20.03 -5.89
CA VAL C 109 21.85 -19.82 -4.63
C VAL C 109 23.34 -19.58 -4.84
N PHE C 110 23.94 -20.31 -5.78
CA PHE C 110 25.35 -20.15 -6.09
C PHE C 110 25.55 -19.26 -7.32
N GLY C 111 24.81 -19.58 -8.38
CA GLY C 111 24.88 -18.83 -9.63
C GLY C 111 25.08 -19.75 -10.82
N GLU C 112 25.68 -19.21 -11.88
CA GLU C 112 25.99 -19.98 -13.08
C GLU C 112 27.44 -20.44 -13.05
N GLY C 113 27.70 -21.63 -13.59
CA GLY C 113 29.05 -22.19 -13.63
C GLY C 113 29.47 -22.75 -12.29
N VAL C 114 28.51 -22.87 -11.38
CA VAL C 114 28.74 -23.42 -10.05
C VAL C 114 27.74 -24.52 -9.75
N ALA C 115 28.19 -25.49 -8.95
CA ALA C 115 27.37 -26.66 -8.62
C ALA C 115 26.91 -27.38 -9.88
N TYR C 116 25.60 -27.58 -10.01
CA TYR C 116 25.06 -28.46 -11.05
C TYR C 116 24.64 -27.72 -12.31
N ALA C 117 25.24 -26.56 -12.51
CA ALA C 117 25.01 -25.78 -13.74
C ALA C 117 25.77 -26.45 -14.89
N ALA C 118 27.05 -26.71 -14.65
CA ALA C 118 27.87 -27.44 -15.62
C ALA C 118 27.50 -28.92 -15.61
N PRO C 119 27.81 -29.62 -16.70
CA PRO C 119 27.43 -31.04 -16.79
C PRO C 119 28.33 -31.95 -15.97
N TYR C 120 29.63 -31.83 -16.22
CA TYR C 120 30.62 -32.70 -15.61
C TYR C 120 31.86 -31.89 -15.25
N PRO C 121 32.53 -31.37 -16.28
CA PRO C 121 33.81 -30.70 -16.10
C PRO C 121 33.83 -29.72 -14.95
N ARG C 122 32.86 -28.82 -14.85
CA ARG C 122 32.89 -27.83 -13.78
C ARG C 122 32.71 -28.46 -12.40
N MET C 123 31.82 -29.44 -12.29
CA MET C 123 31.65 -30.15 -11.03
C MET C 123 32.96 -30.87 -10.69
N ARG C 124 33.57 -31.49 -11.69
CA ARG C 124 34.86 -32.11 -11.51
C ARG C 124 35.91 -31.05 -11.20
N GLU C 125 35.97 -30.01 -12.03
CA GLU C 125 37.03 -29.01 -11.92
C GLU C 125 36.81 -28.15 -10.68
N GLN C 126 35.57 -27.72 -10.47
CA GLN C 126 35.21 -26.95 -9.29
C GLN C 126 35.48 -27.80 -8.04
N LEU C 127 35.07 -29.06 -8.10
CA LEU C 127 35.17 -29.97 -6.96
C LEU C 127 36.60 -30.27 -6.56
N ASN C 128 37.49 -30.46 -7.54
CA ASN C 128 38.89 -30.78 -7.22
C ASN C 128 39.67 -29.57 -6.72
N PHE C 129 39.17 -28.37 -6.99
CA PHE C 129 39.75 -27.17 -6.39
C PHE C 129 39.50 -27.20 -4.89
N LEU C 130 38.29 -27.62 -4.53
CA LEU C 130 37.91 -27.77 -3.13
C LEU C 130 38.70 -28.92 -2.50
N ALA C 131 38.76 -30.04 -3.20
CA ALA C 131 39.48 -31.22 -2.74
C ALA C 131 40.96 -30.92 -2.51
N GLU C 132 41.51 -30.06 -3.37
CA GLU C 132 42.91 -29.67 -3.27
C GLU C 132 43.19 -28.96 -1.94
N GLU C 133 42.19 -28.27 -1.41
CA GLU C 133 42.32 -27.56 -0.14
C GLU C 133 41.91 -28.41 1.06
N LEU C 134 41.57 -29.66 0.80
CA LEU C 134 40.98 -30.52 1.82
C LEU C 134 41.79 -31.82 1.92
N THR C 135 43.10 -31.70 1.73
CA THR C 135 43.98 -32.87 1.68
C THR C 135 44.50 -33.26 3.06
N ILE C 136 45.03 -34.48 3.15
CA ILE C 136 45.57 -35.02 4.39
C ILE C 136 46.67 -34.12 4.97
N ALA C 137 47.35 -33.40 4.09
CA ALA C 137 48.46 -32.52 4.48
C ALA C 137 47.95 -31.23 5.11
N LYS C 138 46.89 -30.67 4.53
CA LYS C 138 46.38 -29.38 4.97
C LYS C 138 45.56 -29.46 6.26
N PHE C 139 45.24 -30.67 6.71
CA PHE C 139 44.46 -30.87 7.93
C PHE C 139 45.27 -30.63 9.21
N GLN C 140 46.58 -30.47 9.05
CA GLN C 140 47.46 -30.26 10.21
C GLN C 140 47.20 -28.89 10.83
N ASN C 141 46.82 -27.93 9.99
CA ASN C 141 46.55 -26.56 10.45
C ASN C 141 45.14 -26.41 11.02
N PHE C 142 44.23 -27.24 10.53
CA PHE C 142 42.80 -27.08 10.81
C PHE C 142 42.42 -27.08 12.28
N VAL C 143 42.95 -28.01 13.06
CA VAL C 143 42.58 -28.11 14.46
C VAL C 143 43.04 -26.89 15.27
N PRO C 144 44.31 -26.50 15.11
CA PRO C 144 44.74 -25.28 15.79
C PRO C 144 43.97 -24.05 15.31
N ALA C 145 43.75 -23.97 14.00
CA ALA C 145 43.03 -22.85 13.41
C ALA C 145 41.59 -22.78 13.91
N ILE C 146 40.93 -23.93 13.89
CA ILE C 146 39.54 -24.02 14.36
C ILE C 146 39.44 -23.65 15.84
N GLN C 147 40.27 -24.29 16.66
CA GLN C 147 40.20 -24.15 18.11
C GLN C 147 40.47 -22.73 18.57
N HIS C 148 41.37 -22.03 17.88
CA HIS C 148 41.64 -20.63 18.16
C HIS C 148 40.40 -19.80 17.88
N GLU C 149 39.85 -19.96 16.69
CA GLU C 149 38.66 -19.23 16.27
C GLU C 149 37.49 -19.41 17.23
N VAL C 150 37.33 -20.63 17.74
CA VAL C 150 36.25 -20.92 18.68
C VAL C 150 36.45 -20.09 19.96
N ARG C 151 37.61 -20.28 20.59
CA ARG C 151 37.94 -19.58 21.82
C ARG C 151 37.83 -18.07 21.68
N LYS C 152 38.19 -17.55 20.51
CA LYS C 152 37.98 -16.14 20.20
C LYS C 152 36.51 -15.78 20.36
N PHE C 153 35.68 -16.41 19.54
CA PHE C 153 34.23 -16.18 19.56
C PHE C 153 33.65 -16.38 20.94
N MET C 154 34.20 -17.35 21.68
CA MET C 154 33.77 -17.68 23.03
C MET C 154 33.92 -16.47 23.96
N ALA C 155 35.11 -15.87 23.90
CA ALA C 155 35.44 -14.74 24.75
C ALA C 155 34.75 -13.47 24.28
N GLU C 156 34.36 -13.47 23.00
CA GLU C 156 33.75 -12.30 22.38
C GLU C 156 32.25 -12.20 22.66
N ASN C 157 31.54 -13.31 22.46
CA ASN C 157 30.09 -13.32 22.60
C ASN C 157 29.64 -13.83 23.97
N TRP C 158 30.31 -14.84 24.49
CA TRP C 158 30.01 -15.32 25.85
C TRP C 158 30.97 -14.66 26.83
N LYS C 159 30.61 -13.46 27.28
CA LYS C 159 31.53 -12.62 28.06
C LYS C 159 31.42 -12.85 29.56
N GLU C 160 30.20 -12.82 30.08
CA GLU C 160 29.98 -13.01 31.51
C GLU C 160 30.22 -14.45 31.95
N ASP C 161 30.26 -14.66 33.26
CA ASP C 161 30.45 -15.99 33.84
C ASP C 161 29.22 -16.86 33.57
N GLU C 162 28.05 -16.22 33.55
CA GLU C 162 26.82 -16.90 33.14
C GLU C 162 26.16 -16.05 32.06
N GLY C 163 25.07 -16.56 31.49
CA GLY C 163 24.36 -15.82 30.44
C GLY C 163 23.47 -16.69 29.59
N VAL C 164 22.62 -16.05 28.79
CA VAL C 164 21.65 -16.77 27.96
C VAL C 164 21.74 -16.37 26.49
N ILE C 165 21.78 -17.37 25.62
CA ILE C 165 21.91 -17.15 24.18
C ILE C 165 21.39 -18.35 23.41
N ASN C 166 20.74 -18.08 22.27
CA ASN C 166 20.25 -19.17 21.43
C ASN C 166 21.42 -19.76 20.65
N LEU C 167 21.46 -21.08 20.61
CA LEU C 167 22.66 -21.81 20.16
C LEU C 167 22.79 -21.84 18.64
N LEU C 168 21.68 -22.05 17.95
CA LEU C 168 21.70 -22.23 16.50
C LEU C 168 22.35 -21.05 15.78
N GLU C 169 22.06 -19.84 16.22
CA GLU C 169 22.61 -18.63 15.58
C GLU C 169 24.04 -18.36 16.02
N ASP C 170 24.33 -18.58 17.29
CA ASP C 170 25.69 -18.43 17.81
C ASP C 170 26.64 -19.45 17.16
N CYS C 171 26.16 -20.65 16.93
CA CYS C 171 26.95 -21.68 16.25
C CYS C 171 27.15 -21.32 14.78
N GLY C 172 26.08 -20.86 14.14
CA GLY C 172 26.14 -20.43 12.75
C GLY C 172 27.26 -19.44 12.51
N ALA C 173 27.52 -18.60 13.51
CA ALA C 173 28.65 -17.66 13.47
C ALA C 173 29.95 -18.41 13.73
N MET C 174 29.99 -19.12 14.85
CA MET C 174 31.13 -19.97 15.19
C MET C 174 31.69 -20.64 13.94
N ILE C 175 30.83 -21.40 13.27
CA ILE C 175 31.25 -22.25 12.16
C ILE C 175 31.66 -21.43 10.94
N ILE C 176 31.05 -20.25 10.75
CA ILE C 176 31.39 -19.41 9.61
C ILE C 176 32.85 -18.97 9.69
N ASN C 177 33.35 -18.82 10.92
CA ASN C 177 34.76 -18.50 11.13
C ASN C 177 35.64 -19.71 10.89
N THR C 178 35.34 -20.80 11.59
CA THR C 178 36.14 -22.01 11.52
C THR C 178 36.17 -22.60 10.11
N ALA C 179 35.05 -22.48 9.40
CA ALA C 179 34.96 -22.94 8.03
C ALA C 179 35.81 -22.06 7.12
N CYS C 180 35.64 -20.74 7.26
CA CYS C 180 36.39 -19.78 6.47
C CYS C 180 37.88 -19.85 6.76
N GLN C 181 38.23 -19.92 8.05
CA GLN C 181 39.61 -19.96 8.48
C GLN C 181 40.38 -21.12 7.83
N CYS C 182 39.70 -22.25 7.71
CA CYS C 182 40.34 -23.47 7.21
C CYS C 182 40.40 -23.53 5.69
N LEU C 183 39.33 -23.07 5.03
CA LEU C 183 39.23 -23.18 3.58
C LEU C 183 39.86 -21.98 2.86
N PHE C 184 39.46 -20.78 3.27
CA PHE C 184 39.87 -19.56 2.56
C PHE C 184 41.06 -18.87 3.22
N GLY C 185 41.30 -19.21 4.49
CA GLY C 185 42.49 -18.73 5.19
C GLY C 185 42.26 -17.46 5.98
N GLU C 186 43.36 -16.94 6.49
CA GLU C 186 43.34 -15.85 7.47
C GLU C 186 42.90 -14.50 6.88
N ASP C 187 43.12 -14.34 5.57
CA ASP C 187 42.84 -13.07 4.92
C ASP C 187 41.36 -12.74 4.87
N LEU C 188 40.53 -13.76 4.61
CA LEU C 188 39.09 -13.55 4.51
C LEU C 188 38.43 -13.45 5.88
N ARG C 189 38.61 -14.46 6.72
CA ARG C 189 38.10 -14.42 8.09
C ARG C 189 38.22 -13.00 8.67
N LYS C 190 39.27 -12.30 8.26
CA LYS C 190 39.53 -10.95 8.74
C LYS C 190 38.61 -9.92 8.09
N ARG C 191 38.50 -9.98 6.77
CA ARG C 191 37.67 -9.03 6.02
C ARG C 191 36.20 -9.16 6.41
N LEU C 192 35.70 -10.39 6.34
CA LEU C 192 34.29 -10.68 6.55
C LEU C 192 34.05 -10.92 8.04
N ASN C 193 33.48 -9.93 8.72
CA ASN C 193 33.31 -10.00 10.17
C ASN C 193 31.88 -9.68 10.59
N ALA C 194 31.31 -8.61 10.04
CA ALA C 194 29.89 -8.32 10.24
C ALA C 194 29.03 -9.42 9.62
N ARG C 195 29.53 -9.99 8.53
CA ARG C 195 28.89 -11.15 7.93
C ARG C 195 28.92 -12.33 8.88
N HIS C 196 30.12 -12.64 9.34
CA HIS C 196 30.36 -13.79 10.22
C HIS C 196 29.64 -13.61 11.56
N PHE C 197 29.70 -12.40 12.09
CA PHE C 197 29.01 -12.12 13.34
C PHE C 197 27.50 -12.27 13.14
N ALA C 198 27.02 -11.79 11.99
CA ALA C 198 25.58 -11.78 11.72
C ALA C 198 25.16 -12.09 10.29
N GLN C 199 25.69 -11.33 9.33
CA GLN C 199 25.10 -11.26 8.00
C GLN C 199 25.28 -12.50 7.13
N LEU C 200 26.51 -12.93 6.87
CA LEU C 200 26.72 -14.06 5.96
C LEU C 200 25.97 -15.27 6.50
N LEU C 201 26.02 -15.43 7.82
CA LEU C 201 25.22 -16.46 8.50
C LEU C 201 23.76 -16.28 8.14
N SER C 202 23.25 -15.07 8.35
CA SER C 202 21.85 -14.75 8.10
C SER C 202 21.55 -14.75 6.60
N LYS C 203 22.49 -14.24 5.81
CA LYS C 203 22.34 -14.22 4.35
C LYS C 203 22.21 -15.64 3.81
N MET C 204 22.80 -16.60 4.53
CA MET C 204 22.69 -18.00 4.16
C MET C 204 21.45 -18.63 4.78
N GLU C 205 21.27 -18.42 6.08
CA GLU C 205 20.06 -18.89 6.75
C GLU C 205 18.83 -18.43 5.98
N SER C 206 18.93 -17.23 5.41
CA SER C 206 17.85 -16.64 4.61
C SER C 206 17.59 -17.45 3.35
N SER C 207 18.68 -17.83 2.68
CA SER C 207 18.62 -18.48 1.37
C SER C 207 17.74 -19.73 1.32
N LEU C 208 17.59 -20.41 2.46
CA LEU C 208 16.77 -21.61 2.53
C LEU C 208 15.35 -21.38 2.03
N ILE C 209 14.81 -22.41 1.39
CA ILE C 209 13.45 -22.38 0.84
C ILE C 209 12.67 -23.65 1.17
N PRO C 210 11.34 -23.61 1.01
CA PRO C 210 10.50 -24.74 1.33
C PRO C 210 10.64 -25.90 0.34
N ALA C 211 9.78 -26.90 0.48
CA ALA C 211 9.75 -28.04 -0.44
C ALA C 211 9.22 -27.62 -1.81
N ALA C 212 9.77 -26.52 -2.31
CA ALA C 212 9.48 -26.04 -3.66
C ALA C 212 10.47 -26.64 -4.66
N VAL C 213 11.50 -27.30 -4.14
CA VAL C 213 12.49 -27.97 -4.97
C VAL C 213 11.84 -29.00 -5.90
N PHE C 214 10.87 -29.74 -5.38
CA PHE C 214 10.12 -30.70 -6.19
C PHE C 214 9.43 -30.02 -7.36
N MET C 215 9.06 -28.76 -7.17
CA MET C 215 8.55 -27.91 -8.24
C MET C 215 9.55 -26.79 -8.52
N PRO C 216 10.61 -27.09 -9.28
CA PRO C 216 11.75 -26.18 -9.40
C PRO C 216 11.47 -24.91 -10.18
N TRP C 217 10.56 -24.98 -11.14
CA TRP C 217 10.31 -23.86 -12.04
C TRP C 217 9.61 -22.69 -11.38
N LEU C 218 8.92 -22.95 -10.27
CA LEU C 218 8.15 -21.90 -9.60
C LEU C 218 9.04 -20.82 -8.97
N LEU C 219 10.15 -21.22 -8.36
CA LEU C 219 11.00 -20.25 -7.65
C LEU C 219 11.71 -19.27 -8.57
N ARG C 220 11.36 -19.32 -9.85
CA ARG C 220 11.76 -18.28 -10.80
C ARG C 220 11.31 -16.93 -10.25
N LEU C 221 11.69 -15.86 -10.94
CA LEU C 221 11.42 -14.50 -10.46
C LEU C 221 10.11 -14.36 -9.67
N PRO C 222 8.96 -14.70 -10.29
CA PRO C 222 7.69 -14.53 -9.61
C PRO C 222 7.42 -15.57 -8.52
N LEU C 223 8.08 -15.40 -7.38
CA LEU C 223 7.89 -16.29 -6.23
C LEU C 223 8.30 -15.55 -4.96
N PRO C 224 7.61 -15.82 -3.84
CA PRO C 224 7.91 -15.14 -2.58
C PRO C 224 9.17 -15.67 -1.89
N GLN C 225 10.31 -15.48 -2.55
CA GLN C 225 11.61 -15.74 -1.97
C GLN C 225 12.52 -14.61 -2.43
N SER C 226 13.33 -14.09 -1.52
CA SER C 226 14.23 -12.99 -1.85
C SER C 226 15.60 -13.50 -2.28
N ALA C 227 15.68 -13.95 -3.54
CA ALA C 227 16.93 -14.44 -4.09
C ALA C 227 17.91 -13.31 -4.34
N ARG C 228 17.38 -12.14 -4.72
CA ARG C 228 18.20 -10.99 -5.05
C ARG C 228 18.69 -10.25 -3.80
N CYS C 229 17.84 -10.23 -2.76
CA CYS C 229 18.23 -9.61 -1.51
C CYS C 229 19.39 -10.37 -0.85
N ARG C 230 19.29 -11.69 -0.89
CA ARG C 230 20.33 -12.54 -0.33
C ARG C 230 21.63 -12.44 -1.13
N GLU C 231 21.52 -12.10 -2.41
CA GLU C 231 22.69 -11.89 -3.27
C GLU C 231 23.40 -10.57 -2.99
N ALA C 232 23.16 -10.00 -1.81
CA ALA C 232 24.03 -8.95 -1.28
C ALA C 232 25.36 -9.59 -0.90
N ARG C 233 25.34 -10.91 -0.71
CA ARG C 233 26.55 -11.70 -0.57
C ARG C 233 27.43 -11.47 -1.80
N ALA C 234 26.81 -11.49 -2.98
CA ALA C 234 27.50 -11.29 -4.24
C ALA C 234 28.23 -9.95 -4.25
N GLU C 235 27.64 -8.96 -3.60
CA GLU C 235 28.24 -7.62 -3.53
C GLU C 235 29.38 -7.58 -2.53
N LEU C 236 29.08 -7.92 -1.28
CA LEU C 236 30.02 -7.71 -0.18
C LEU C 236 31.39 -8.36 -0.40
N GLN C 237 31.39 -9.52 -1.07
CA GLN C 237 32.65 -10.23 -1.29
C GLN C 237 33.27 -9.93 -2.66
N LYS C 238 32.48 -9.36 -3.56
CA LYS C 238 33.02 -8.84 -4.81
C LYS C 238 33.84 -7.59 -4.52
N ILE C 239 33.43 -6.86 -3.48
CA ILE C 239 34.11 -5.64 -3.07
C ILE C 239 35.45 -5.97 -2.41
N LEU C 240 35.46 -6.98 -1.56
CA LEU C 240 36.70 -7.38 -0.88
C LEU C 240 37.56 -8.24 -1.78
N GLY C 241 36.97 -8.72 -2.88
CA GLY C 241 37.73 -9.43 -3.90
C GLY C 241 38.53 -8.47 -4.76
N GLU C 242 38.16 -7.20 -4.72
CA GLU C 242 38.82 -6.17 -5.51
C GLU C 242 39.91 -5.44 -4.73
N ILE C 243 39.80 -5.39 -3.40
CA ILE C 243 40.84 -4.78 -2.59
C ILE C 243 42.04 -5.70 -2.42
N ILE C 244 41.81 -7.01 -2.46
CA ILE C 244 42.85 -7.99 -2.15
C ILE C 244 44.09 -7.85 -3.03
N VAL C 245 43.93 -7.24 -4.19
CA VAL C 245 45.07 -7.01 -5.09
C VAL C 245 45.97 -5.91 -4.57
N ALA C 246 45.38 -4.91 -3.92
CA ALA C 246 46.11 -3.76 -3.42
C ALA C 246 46.73 -4.00 -2.04
N ARG C 247 46.22 -5.00 -1.34
CA ARG C 247 46.62 -5.24 0.04
C ARG C 247 48.00 -5.88 0.15
N GLU C 248 48.11 -7.14 -0.26
CA GLU C 248 49.35 -7.90 -0.11
C GLU C 248 50.34 -7.64 -1.24
N LYS C 249 51.62 -7.85 -0.95
CA LYS C 249 52.66 -7.89 -1.99
C LYS C 249 52.53 -9.23 -2.71
N GLU C 250 52.62 -10.31 -1.93
CA GLU C 250 52.40 -11.67 -2.42
C GLU C 250 52.86 -11.91 -3.86
N GLU C 251 54.07 -11.43 -4.16
CA GLU C 251 54.65 -11.63 -5.48
C GLU C 251 56.16 -11.39 -5.47
N ALA C 252 56.92 -12.48 -5.60
CA ALA C 252 58.37 -12.43 -5.81
C ALA C 252 59.16 -12.05 -4.57
N SER C 253 58.46 -11.77 -3.47
CA SER C 253 59.11 -11.49 -2.19
C SER C 253 59.24 -12.79 -1.41
N LYS C 254 58.34 -13.73 -1.68
CA LYS C 254 58.30 -15.01 -0.99
C LYS C 254 58.16 -14.80 0.51
N ASP C 255 57.31 -13.86 0.91
CA ASP C 255 57.10 -13.55 2.32
C ASP C 255 55.98 -14.37 2.94
N ASN C 256 55.11 -14.93 2.10
CA ASN C 256 54.11 -15.89 2.56
C ASN C 256 53.69 -16.85 1.45
N ASN C 257 53.95 -18.13 1.68
CA ASN C 257 53.54 -19.18 0.74
C ASN C 257 52.05 -19.49 0.93
N THR C 258 51.23 -18.73 0.20
CA THR C 258 49.78 -18.82 0.32
C THR C 258 49.19 -19.77 -0.71
N SER C 259 48.74 -20.94 -0.24
CA SER C 259 48.09 -21.92 -1.11
C SER C 259 46.60 -22.03 -0.75
N ASP C 260 46.04 -20.92 -0.31
CA ASP C 260 44.63 -20.85 0.08
C ASP C 260 43.72 -21.15 -1.11
N LEU C 261 42.42 -21.18 -0.85
CA LEU C 261 41.44 -21.47 -1.89
C LEU C 261 41.27 -20.26 -2.81
N LEU C 262 40.94 -19.12 -2.22
CA LEU C 262 40.59 -17.93 -2.99
C LEU C 262 41.68 -17.50 -3.96
N GLY C 263 42.87 -17.26 -3.42
CA GLY C 263 44.00 -16.82 -4.24
C GLY C 263 44.17 -17.68 -5.48
N GLY C 264 44.19 -18.99 -5.26
CA GLY C 264 44.30 -19.96 -6.34
C GLY C 264 43.04 -20.06 -7.18
N LEU C 265 41.92 -19.62 -6.62
CA LEU C 265 40.63 -19.73 -7.28
C LEU C 265 40.40 -18.65 -8.34
N LEU C 266 41.02 -17.49 -8.14
CA LEU C 266 40.92 -16.40 -9.12
C LEU C 266 42.10 -16.45 -10.09
N LYS C 267 43.18 -17.13 -9.68
CA LYS C 267 44.31 -17.38 -10.55
C LYS C 267 44.01 -18.54 -11.51
N ALA C 268 43.03 -19.36 -11.14
CA ALA C 268 42.75 -20.60 -11.84
C ALA C 268 42.23 -20.41 -13.27
N VAL C 269 42.63 -21.34 -14.12
CA VAL C 269 42.14 -21.42 -15.49
C VAL C 269 41.53 -22.80 -15.73
N TYR C 270 40.38 -22.83 -16.40
CA TYR C 270 39.70 -24.09 -16.68
C TYR C 270 40.47 -24.92 -17.69
N ARG C 271 39.98 -26.13 -17.95
CA ARG C 271 40.62 -27.05 -18.88
C ARG C 271 40.44 -26.60 -20.32
N ASP C 272 39.36 -25.87 -20.59
CA ASP C 272 39.03 -25.43 -21.94
C ASP C 272 39.64 -24.07 -22.26
N GLY C 273 40.39 -23.49 -21.32
CA GLY C 273 41.10 -22.26 -21.57
C GLY C 273 40.51 -21.02 -20.92
N THR C 274 39.21 -21.02 -20.68
CA THR C 274 38.54 -19.87 -20.07
C THR C 274 38.86 -19.77 -18.58
N ARG C 275 38.89 -18.54 -18.08
CA ARG C 275 39.19 -18.29 -16.67
C ARG C 275 37.93 -18.05 -15.86
N MET C 276 38.09 -17.97 -14.55
CA MET C 276 36.96 -17.75 -13.65
C MET C 276 36.45 -16.31 -13.74
N SER C 277 35.14 -16.16 -13.88
CA SER C 277 34.52 -14.83 -13.90
C SER C 277 34.47 -14.26 -12.49
N LEU C 278 34.33 -12.94 -12.40
CA LEU C 278 34.16 -12.27 -11.10
C LEU C 278 32.83 -12.69 -10.48
N HIS C 279 31.83 -12.84 -11.34
CA HIS C 279 30.50 -13.28 -10.90
C HIS C 279 30.54 -14.75 -10.48
N GLU C 280 31.47 -15.51 -11.07
CA GLU C 280 31.60 -16.93 -10.79
C GLU C 280 32.39 -17.21 -9.50
N VAL C 281 33.58 -16.64 -9.39
CA VAL C 281 34.41 -16.86 -8.21
C VAL C 281 33.64 -16.47 -6.95
N CYS C 282 32.85 -15.40 -7.06
CA CYS C 282 31.95 -14.98 -6.00
C CYS C 282 31.00 -16.12 -5.64
N GLY C 283 30.36 -16.69 -6.66
CA GLY C 283 29.41 -17.78 -6.49
C GLY C 283 30.01 -19.02 -5.85
N MET C 284 31.30 -19.25 -6.11
CA MET C 284 32.00 -20.40 -5.53
C MET C 284 32.26 -20.18 -4.05
N ILE C 285 32.84 -19.03 -3.71
CA ILE C 285 33.14 -18.68 -2.33
C ILE C 285 31.90 -18.83 -1.46
N VAL C 286 30.74 -18.52 -2.06
CA VAL C 286 29.46 -18.69 -1.38
C VAL C 286 29.19 -20.18 -1.12
N ALA C 287 29.33 -20.99 -2.16
CA ALA C 287 29.07 -22.42 -2.07
C ALA C 287 29.98 -23.12 -1.07
N ALA C 288 31.28 -22.87 -1.15
CA ALA C 288 32.25 -23.47 -0.25
C ALA C 288 31.86 -23.20 1.21
N MET C 289 31.43 -21.97 1.47
CA MET C 289 31.01 -21.57 2.81
C MET C 289 29.70 -22.21 3.21
N PHE C 290 28.79 -22.37 2.25
CA PHE C 290 27.50 -23.00 2.50
C PHE C 290 27.69 -24.43 3.00
N ALA C 291 28.37 -25.23 2.21
CA ALA C 291 28.66 -26.62 2.57
C ALA C 291 29.45 -26.69 3.88
N GLY C 292 30.42 -25.79 4.02
CA GLY C 292 31.28 -25.75 5.19
C GLY C 292 30.61 -25.28 6.46
N GLN C 293 29.43 -24.67 6.34
CA GLN C 293 28.81 -24.04 7.50
C GLN C 293 27.39 -24.51 7.81
N HIS C 294 26.51 -24.58 6.81
CA HIS C 294 25.09 -24.74 7.10
C HIS C 294 24.73 -26.11 7.65
N THR C 295 25.14 -27.17 6.95
CA THR C 295 24.90 -28.53 7.44
C THR C 295 25.71 -28.82 8.70
N SER C 296 26.91 -28.25 8.77
CA SER C 296 27.80 -28.48 9.90
C SER C 296 27.31 -27.79 11.18
N THR C 297 26.76 -26.59 11.04
CA THR C 297 26.28 -25.84 12.19
C THR C 297 25.03 -26.51 12.75
N ILE C 298 24.13 -26.93 11.88
CA ILE C 298 22.97 -27.73 12.28
C ILE C 298 23.44 -28.92 13.11
N THR C 299 24.41 -29.65 12.55
CA THR C 299 24.95 -30.84 13.20
C THR C 299 25.66 -30.52 14.51
N THR C 300 26.38 -29.40 14.53
CA THR C 300 27.06 -28.97 15.75
C THR C 300 26.04 -28.69 16.85
N SER C 301 24.93 -28.06 16.46
CA SER C 301 23.88 -27.69 17.42
C SER C 301 23.21 -28.94 17.97
N TRP C 302 22.61 -29.73 17.10
CA TRP C 302 21.98 -30.99 17.49
C TRP C 302 22.85 -31.73 18.50
N SER C 303 24.13 -31.87 18.18
CA SER C 303 25.07 -32.61 19.01
C SER C 303 25.10 -32.04 20.43
N MET C 304 25.30 -30.73 20.52
CA MET C 304 25.40 -30.05 21.80
C MET C 304 24.08 -30.14 22.57
N LEU C 305 22.99 -29.89 21.88
CA LEU C 305 21.65 -30.00 22.48
C LEU C 305 21.48 -31.35 23.16
N HIS C 306 21.87 -32.41 22.45
CA HIS C 306 21.75 -33.77 22.95
C HIS C 306 22.65 -34.03 24.16
N LEU C 307 23.84 -33.44 24.13
CA LEU C 307 24.83 -33.68 25.18
C LEU C 307 24.53 -32.92 26.47
N MET C 308 23.83 -31.80 26.35
CA MET C 308 23.57 -30.93 27.49
C MET C 308 22.24 -31.28 28.17
N HIS C 309 21.51 -32.22 27.60
CA HIS C 309 20.24 -32.67 28.17
C HIS C 309 20.54 -33.51 29.42
N PRO C 310 19.60 -33.54 30.37
CA PRO C 310 19.85 -34.27 31.62
C PRO C 310 19.77 -35.78 31.44
N LYS C 311 18.91 -36.24 30.54
CA LYS C 311 18.75 -37.66 30.27
C LYS C 311 20.02 -38.26 29.68
N ASN C 312 20.87 -37.40 29.13
CA ASN C 312 22.10 -37.83 28.48
C ASN C 312 23.33 -37.41 29.28
N LYS C 313 23.18 -37.29 30.60
CA LYS C 313 24.31 -36.95 31.46
C LYS C 313 25.33 -38.08 31.44
N LYS C 314 24.84 -39.31 31.40
CA LYS C 314 25.71 -40.49 31.33
C LYS C 314 26.60 -40.42 30.10
N TRP C 315 26.09 -39.83 29.03
CA TRP C 315 26.88 -39.63 27.82
C TRP C 315 27.83 -38.44 27.99
N LEU C 316 27.31 -37.34 28.51
CA LEU C 316 28.14 -36.17 28.76
C LEU C 316 29.32 -36.52 29.65
N ASP C 317 29.05 -37.25 30.73
CA ASP C 317 30.11 -37.74 31.60
C ASP C 317 31.15 -38.48 30.78
N LYS C 318 30.69 -39.34 29.89
CA LYS C 318 31.56 -40.13 29.03
C LYS C 318 32.39 -39.25 28.10
N LEU C 319 31.78 -38.17 27.61
CA LEU C 319 32.47 -37.25 26.71
C LEU C 319 33.62 -36.55 27.41
N HIS C 320 33.46 -36.29 28.70
CA HIS C 320 34.51 -35.65 29.49
C HIS C 320 35.67 -36.61 29.75
N LYS C 321 35.36 -37.87 30.03
CA LYS C 321 36.41 -38.87 30.23
C LYS C 321 37.32 -38.90 29.00
N GLU C 322 36.74 -38.58 27.84
CA GLU C 322 37.47 -38.63 26.58
C GLU C 322 38.37 -37.43 26.37
N ILE C 323 37.89 -36.24 26.75
CA ILE C 323 38.60 -35.01 26.42
C ILE C 323 39.35 -34.37 27.59
N ASP C 324 39.03 -34.77 28.82
CA ASP C 324 39.57 -34.10 30.00
C ASP C 324 41.08 -34.26 30.19
N GLU C 325 41.68 -35.25 29.53
CA GLU C 325 43.12 -35.45 29.61
C GLU C 325 43.88 -34.81 28.46
N PHE C 326 43.17 -34.19 27.53
CA PHE C 326 43.83 -33.48 26.43
C PHE C 326 44.52 -32.22 26.95
N PRO C 327 45.45 -31.67 26.16
CA PRO C 327 46.05 -30.38 26.47
C PRO C 327 45.18 -29.24 25.95
N ALA C 328 45.53 -28.02 26.33
CA ALA C 328 44.81 -26.84 25.86
C ALA C 328 44.88 -26.75 24.34
N GLN C 329 46.08 -26.93 23.80
CA GLN C 329 46.29 -26.93 22.36
C GLN C 329 46.10 -28.32 21.78
N LEU C 330 44.93 -28.57 21.21
CA LEU C 330 44.65 -29.83 20.52
C LEU C 330 45.40 -29.88 19.21
N ASN C 331 45.54 -31.09 18.67
CA ASN C 331 46.18 -31.30 17.38
C ASN C 331 45.38 -32.28 16.52
N TYR C 332 45.82 -32.45 15.28
CA TYR C 332 45.16 -33.33 14.33
C TYR C 332 44.96 -34.74 14.90
N ASP C 333 46.01 -35.29 15.50
CA ASP C 333 45.98 -36.66 16.01
C ASP C 333 45.01 -36.83 17.18
N ASN C 334 44.82 -35.78 17.96
CA ASN C 334 43.89 -35.84 19.08
C ASN C 334 42.45 -36.00 18.62
N VAL C 335 42.07 -35.21 17.62
CA VAL C 335 40.69 -35.20 17.13
C VAL C 335 40.38 -36.45 16.30
N MET C 336 41.32 -36.86 15.46
CA MET C 336 41.13 -38.04 14.61
C MET C 336 41.27 -39.33 15.40
N ASP C 337 42.45 -39.55 15.95
CA ASP C 337 42.80 -40.83 16.57
C ASP C 337 42.25 -41.02 17.99
N GLU C 338 42.06 -39.92 18.71
CA GLU C 338 41.75 -40.01 20.14
C GLU C 338 40.38 -39.49 20.56
N MET C 339 39.48 -39.31 19.60
CA MET C 339 38.11 -38.91 19.91
C MET C 339 37.10 -39.80 19.20
N PRO C 340 36.97 -41.07 19.67
CA PRO C 340 36.04 -42.13 19.25
C PRO C 340 34.54 -41.95 19.60
N PHE C 341 34.25 -41.51 20.82
CA PHE C 341 32.90 -41.30 21.34
C PHE C 341 32.31 -40.00 20.83
N ALA C 342 33.13 -38.96 20.78
CA ALA C 342 32.69 -37.66 20.27
C ALA C 342 32.15 -37.79 18.85
N GLU C 343 32.88 -38.56 18.04
CA GLU C 343 32.44 -38.83 16.66
C GLU C 343 31.13 -39.61 16.68
N ARG C 344 31.02 -40.56 17.59
CA ARG C 344 29.79 -41.33 17.74
C ARG C 344 28.60 -40.41 18.01
N CYS C 345 28.81 -39.43 18.88
CA CYS C 345 27.77 -38.47 19.22
C CYS C 345 27.39 -37.64 17.99
N VAL C 346 28.40 -37.21 17.26
CA VAL C 346 28.20 -36.39 16.06
C VAL C 346 27.44 -37.16 14.98
N ARG C 347 27.84 -38.41 14.75
CA ARG C 347 27.22 -39.23 13.72
C ARG C 347 25.78 -39.57 14.08
N GLU C 348 25.56 -39.97 15.33
CA GLU C 348 24.23 -40.35 15.79
C GLU C 348 23.27 -39.16 15.73
N SER C 349 23.81 -37.96 15.91
CA SER C 349 23.02 -36.74 15.81
C SER C 349 22.62 -36.51 14.35
N ILE C 350 23.53 -36.82 13.43
CA ILE C 350 23.24 -36.74 12.01
C ILE C 350 22.33 -37.91 11.61
N ARG C 351 22.36 -38.96 12.41
CA ARG C 351 21.55 -40.14 12.15
C ARG C 351 20.09 -39.87 12.46
N ARG C 352 19.86 -39.30 13.64
CA ARG C 352 18.51 -39.03 14.13
C ARG C 352 17.79 -37.97 13.29
N ASP C 353 18.49 -36.86 13.03
CA ASP C 353 17.92 -35.73 12.31
C ASP C 353 18.83 -35.30 11.17
N PRO C 354 18.83 -36.08 10.07
CA PRO C 354 19.70 -35.81 8.93
C PRO C 354 19.40 -34.46 8.27
N PRO C 355 20.43 -33.60 8.16
CA PRO C 355 20.25 -32.27 7.60
C PRO C 355 19.62 -32.26 6.21
N LEU C 356 20.01 -33.20 5.35
CA LEU C 356 19.43 -33.27 4.02
C LEU C 356 18.43 -34.43 3.96
N LEU C 357 17.14 -34.09 3.85
CA LEU C 357 16.08 -35.07 3.89
C LEU C 357 16.08 -36.02 2.70
N MET C 358 16.09 -35.42 1.51
CA MET C 358 15.88 -36.16 0.27
C MET C 358 17.05 -35.99 -0.70
N VAL C 359 17.73 -37.10 -0.98
CA VAL C 359 18.68 -37.15 -2.08
C VAL C 359 17.89 -37.61 -3.30
N MET C 360 18.13 -36.95 -4.44
CA MET C 360 17.29 -37.15 -5.62
C MET C 360 18.11 -37.31 -6.89
N ARG C 361 17.51 -37.98 -7.87
CA ARG C 361 18.14 -38.20 -9.17
C ARG C 361 17.09 -38.21 -10.28
N MET C 362 17.45 -37.64 -11.43
CA MET C 362 16.63 -37.77 -12.62
C MET C 362 16.84 -39.14 -13.25
N VAL C 363 15.75 -39.91 -13.34
CA VAL C 363 15.82 -41.25 -13.92
C VAL C 363 15.93 -41.15 -15.44
N LYS C 364 17.16 -41.11 -15.94
CA LYS C 364 17.41 -41.04 -17.37
C LYS C 364 17.55 -42.43 -17.99
N ALA C 365 17.22 -43.46 -17.22
CA ALA C 365 17.16 -44.83 -17.71
C ALA C 365 16.54 -45.76 -16.68
N GLU C 366 15.84 -46.79 -17.15
CA GLU C 366 15.21 -47.78 -16.27
C GLU C 366 16.20 -48.36 -15.27
N VAL C 367 15.70 -48.68 -14.08
CA VAL C 367 16.50 -49.34 -13.04
C VAL C 367 15.64 -50.25 -12.17
N LYS C 368 16.14 -51.45 -11.92
CA LYS C 368 15.47 -52.37 -11.00
C LYS C 368 15.74 -51.97 -9.56
N VAL C 369 14.71 -52.02 -8.74
CA VAL C 369 14.81 -51.68 -7.33
C VAL C 369 13.99 -52.68 -6.53
N GLY C 370 14.62 -53.82 -6.21
CA GLY C 370 13.91 -54.93 -5.60
C GLY C 370 13.09 -55.66 -6.64
N SER C 371 11.83 -55.94 -6.30
CA SER C 371 10.93 -56.64 -7.22
C SER C 371 10.39 -55.72 -8.31
N TYR C 372 10.42 -54.41 -8.06
CA TYR C 372 9.85 -53.44 -8.99
C TYR C 372 10.85 -52.91 -9.99
N VAL C 373 10.35 -52.09 -10.91
CA VAL C 373 11.18 -51.34 -11.85
C VAL C 373 10.78 -49.87 -11.81
N VAL C 374 11.77 -48.99 -11.83
CA VAL C 374 11.51 -47.55 -11.93
C VAL C 374 11.85 -47.08 -13.34
N PRO C 375 10.89 -46.42 -14.01
CA PRO C 375 11.00 -46.11 -15.42
C PRO C 375 11.69 -44.78 -15.72
N LYS C 376 12.14 -44.64 -16.96
CA LYS C 376 12.78 -43.41 -17.44
C LYS C 376 11.85 -42.22 -17.24
N GLY C 377 12.44 -41.06 -16.92
CA GLY C 377 11.67 -39.83 -16.78
C GLY C 377 11.27 -39.51 -15.36
N ASP C 378 11.36 -40.50 -14.47
CA ASP C 378 10.97 -40.32 -13.08
C ASP C 378 12.00 -39.52 -12.29
N ILE C 379 11.55 -38.98 -11.15
CA ILE C 379 12.45 -38.50 -10.12
C ILE C 379 12.56 -39.61 -9.08
N ILE C 380 13.67 -40.34 -9.10
CA ILE C 380 13.91 -41.33 -8.05
C ILE C 380 14.68 -40.65 -6.93
N ALA C 381 14.22 -40.90 -5.70
CA ALA C 381 14.82 -40.27 -4.53
C ALA C 381 15.00 -41.27 -3.39
N CYS C 382 15.92 -40.94 -2.49
CA CYS C 382 16.18 -41.76 -1.32
C CYS C 382 16.34 -40.86 -0.10
N SER C 383 15.55 -41.13 0.93
CA SER C 383 15.50 -40.23 2.08
C SER C 383 16.32 -40.73 3.27
N PRO C 384 17.39 -40.00 3.60
CA PRO C 384 18.05 -40.24 4.87
C PRO C 384 17.08 -40.20 6.04
N LEU C 385 16.16 -39.23 6.02
CA LEU C 385 15.16 -39.10 7.07
C LEU C 385 14.39 -40.41 7.22
N LEU C 386 13.80 -40.87 6.12
CA LEU C 386 13.00 -42.09 6.15
C LEU C 386 13.83 -43.30 6.57
N SER C 387 14.94 -43.52 5.86
CA SER C 387 15.78 -44.69 6.10
C SER C 387 16.34 -44.77 7.51
N HIS C 388 16.71 -43.61 8.06
CA HIS C 388 17.24 -43.56 9.43
C HIS C 388 16.17 -43.88 10.46
N HIS C 389 14.92 -43.92 10.02
CA HIS C 389 13.79 -44.20 10.91
C HIS C 389 13.13 -45.54 10.58
N ASP C 390 13.78 -46.31 9.72
CA ASP C 390 13.37 -47.70 9.48
C ASP C 390 13.59 -48.49 10.76
N GLU C 391 12.63 -49.35 11.09
CA GLU C 391 12.63 -50.04 12.38
C GLU C 391 13.68 -51.14 12.46
N GLU C 392 13.86 -51.87 11.37
CA GLU C 392 14.82 -52.97 11.33
C GLU C 392 16.25 -52.46 11.47
N ALA C 393 16.56 -51.41 10.73
CA ALA C 393 17.90 -50.83 10.72
C ALA C 393 18.20 -50.11 12.03
N PHE C 394 17.25 -49.27 12.46
CA PHE C 394 17.42 -48.48 13.68
C PHE C 394 16.19 -48.60 14.57
N PRO C 395 16.26 -49.46 15.61
CA PRO C 395 15.15 -49.64 16.52
C PRO C 395 14.97 -48.46 17.48
N ASN C 396 13.72 -48.11 17.74
CA ASN C 396 13.40 -46.92 18.54
C ASN C 396 14.18 -45.73 17.99
N PRO C 397 13.95 -45.40 16.71
CA PRO C 397 14.78 -44.47 15.97
C PRO C 397 14.84 -43.05 16.52
N ARG C 398 13.85 -42.65 17.31
CA ARG C 398 13.84 -41.31 17.88
C ARG C 398 14.72 -41.20 19.12
N LEU C 399 15.27 -42.33 19.57
CA LEU C 399 16.18 -42.32 20.71
C LEU C 399 17.60 -42.01 20.25
N TRP C 400 18.14 -40.90 20.75
CA TRP C 400 19.53 -40.53 20.49
C TRP C 400 20.45 -41.40 21.32
N ASP C 401 20.93 -42.48 20.70
CA ASP C 401 21.83 -43.42 21.36
C ASP C 401 23.15 -43.46 20.59
N PRO C 402 24.17 -42.76 21.08
CA PRO C 402 25.43 -42.62 20.35
C PRO C 402 26.21 -43.92 20.19
N GLU C 403 25.92 -44.91 21.03
CA GLU C 403 26.62 -46.19 20.95
C GLU C 403 25.84 -47.25 20.18
N ARG C 404 24.77 -46.83 19.53
CA ARG C 404 24.02 -47.74 18.65
C ARG C 404 24.81 -47.96 17.37
N ASP C 405 24.35 -48.91 16.55
CA ASP C 405 24.98 -49.19 15.26
C ASP C 405 23.93 -49.63 14.25
N GLU C 406 24.18 -49.37 12.97
CA GLU C 406 23.23 -49.72 11.93
C GLU C 406 23.05 -51.23 11.84
N LYS C 407 21.87 -51.70 12.25
CA LYS C 407 21.57 -53.13 12.26
C LYS C 407 21.39 -53.69 10.84
N VAL C 408 21.16 -52.79 9.89
CA VAL C 408 21.25 -53.14 8.47
C VAL C 408 22.44 -52.40 7.87
N ASP C 409 23.27 -53.13 7.14
CA ASP C 409 24.46 -52.52 6.54
C ASP C 409 24.08 -51.53 5.45
N GLY C 410 24.68 -50.35 5.52
CA GLY C 410 24.45 -49.29 4.55
C GLY C 410 23.14 -48.55 4.76
N ALA C 411 22.56 -48.72 5.94
CA ALA C 411 21.30 -48.05 6.28
C ALA C 411 21.51 -46.56 6.43
N PHE C 412 22.47 -46.19 7.29
CA PHE C 412 22.85 -44.80 7.48
C PHE C 412 23.35 -44.23 6.15
N ILE C 413 22.72 -43.14 5.71
CA ILE C 413 23.12 -42.46 4.49
C ILE C 413 23.19 -40.95 4.72
N GLY C 414 23.45 -40.57 5.97
CA GLY C 414 23.51 -39.16 6.36
C GLY C 414 24.36 -38.31 5.41
N PHE C 415 25.50 -38.86 5.01
CA PHE C 415 26.40 -38.17 4.09
C PHE C 415 26.28 -38.74 2.68
N GLY C 416 25.18 -39.43 2.41
CA GLY C 416 24.96 -40.05 1.11
C GLY C 416 25.90 -41.23 0.93
N ALA C 417 26.15 -41.58 -0.33
CA ALA C 417 26.99 -42.71 -0.66
C ALA C 417 27.14 -42.85 -2.18
N GLY C 418 27.91 -43.84 -2.61
CA GLY C 418 28.05 -44.13 -4.03
C GLY C 418 28.84 -43.08 -4.79
N VAL C 419 28.39 -42.80 -6.01
CA VAL C 419 29.10 -41.88 -6.90
C VAL C 419 29.16 -40.45 -6.39
N HIS C 420 28.15 -40.04 -5.63
CA HIS C 420 28.07 -38.66 -5.13
C HIS C 420 28.18 -38.58 -3.62
N LYS C 421 29.01 -39.42 -3.02
CA LYS C 421 29.21 -39.37 -1.57
C LYS C 421 29.91 -38.08 -1.17
N CYS C 422 29.49 -37.54 -0.03
CA CYS C 422 30.01 -36.25 0.46
C CYS C 422 31.52 -36.30 0.58
N ILE C 423 32.19 -35.32 0.00
CA ILE C 423 33.66 -35.25 0.01
C ILE C 423 34.17 -34.38 1.14
N GLY C 424 33.26 -33.80 1.91
CA GLY C 424 33.61 -32.93 3.02
C GLY C 424 33.37 -33.57 4.38
N GLN C 425 33.05 -34.86 4.35
CA GLN C 425 32.73 -35.60 5.57
C GLN C 425 33.83 -35.52 6.63
N LYS C 426 35.08 -35.68 6.22
CA LYS C 426 36.20 -35.60 7.15
C LYS C 426 36.23 -34.25 7.84
N PHE C 427 36.23 -33.19 7.04
CA PHE C 427 36.32 -31.83 7.56
C PHE C 427 35.14 -31.49 8.46
N ALA C 428 33.94 -31.88 8.03
CA ALA C 428 32.73 -31.65 8.80
C ALA C 428 32.86 -32.25 10.20
N LEU C 429 33.25 -33.52 10.24
CA LEU C 429 33.43 -34.23 11.50
C LEU C 429 34.58 -33.64 12.32
N LEU C 430 35.61 -33.17 11.63
CA LEU C 430 36.74 -32.52 12.29
C LEU C 430 36.30 -31.21 12.95
N GLN C 431 35.63 -30.36 12.17
CA GLN C 431 35.06 -29.12 12.68
C GLN C 431 34.27 -29.36 13.96
N VAL C 432 33.22 -30.16 13.83
CA VAL C 432 32.26 -30.38 14.90
C VAL C 432 32.92 -30.95 16.16
N LYS C 433 33.69 -32.02 15.98
CA LYS C 433 34.35 -32.68 17.11
C LYS C 433 35.30 -31.72 17.83
N THR C 434 36.03 -30.92 17.06
CA THR C 434 36.93 -29.93 17.63
C THR C 434 36.15 -28.91 18.45
N ILE C 435 35.08 -28.38 17.84
CA ILE C 435 34.21 -27.42 18.52
C ILE C 435 33.73 -27.98 19.85
N LEU C 436 33.10 -29.15 19.79
CA LEU C 436 32.60 -29.82 20.98
C LEU C 436 33.68 -29.91 22.04
N ALA C 437 34.89 -30.30 21.63
CA ALA C 437 36.01 -30.46 22.55
C ALA C 437 36.40 -29.12 23.18
N THR C 438 36.48 -28.09 22.36
CA THR C 438 36.91 -26.76 22.82
C THR C 438 35.87 -26.12 23.73
N ALA C 439 34.60 -26.30 23.39
CA ALA C 439 33.51 -25.67 24.12
C ALA C 439 33.23 -26.34 25.46
N PHE C 440 32.96 -27.65 25.42
CA PHE C 440 32.59 -28.39 26.62
C PHE C 440 33.72 -28.46 27.64
N ARG C 441 34.95 -28.25 27.19
CA ARG C 441 36.09 -28.21 28.09
C ARG C 441 36.02 -26.97 28.99
N GLU C 442 35.55 -25.87 28.43
CA GLU C 442 35.61 -24.57 29.09
C GLU C 442 34.24 -23.97 29.39
N TYR C 443 33.20 -24.79 29.38
CA TYR C 443 31.85 -24.33 29.66
C TYR C 443 30.90 -25.46 30.06
N ASP C 444 29.75 -25.06 30.59
CA ASP C 444 28.65 -25.99 30.86
C ASP C 444 27.36 -25.36 30.32
N PHE C 445 26.47 -26.19 29.79
CA PHE C 445 25.29 -25.68 29.10
C PHE C 445 24.00 -26.23 29.69
N GLN C 446 23.01 -25.36 29.81
CA GLN C 446 21.71 -25.71 30.38
C GLN C 446 20.61 -25.39 29.38
N LEU C 447 19.99 -26.45 28.84
CA LEU C 447 18.96 -26.29 27.82
C LEU C 447 17.65 -25.79 28.44
N LEU C 448 17.25 -24.59 28.02
CA LEU C 448 16.06 -23.92 28.52
C LEU C 448 14.76 -24.57 28.03
N ARG C 449 14.59 -25.85 28.34
CA ARG C 449 13.41 -26.60 27.90
C ARG C 449 13.32 -27.94 28.61
N ASP C 450 12.15 -28.53 28.59
CA ASP C 450 11.93 -29.86 29.17
C ASP C 450 12.53 -30.92 28.24
N GLU C 451 12.19 -30.80 26.96
CA GLU C 451 12.63 -31.77 25.95
C GLU C 451 13.53 -31.10 24.91
N VAL C 452 14.11 -31.92 24.06
CA VAL C 452 14.97 -31.45 22.98
C VAL C 452 14.12 -30.86 21.84
N PRO C 453 14.67 -29.85 21.14
CA PRO C 453 13.95 -29.16 20.09
C PRO C 453 13.34 -30.08 19.03
N ASP C 454 12.25 -29.61 18.43
CA ASP C 454 11.63 -30.33 17.31
C ASP C 454 12.41 -30.06 16.03
N PRO C 455 12.38 -31.01 15.09
CA PRO C 455 12.92 -30.73 13.77
C PRO C 455 11.99 -29.80 12.98
N ASP C 456 12.54 -28.66 12.56
CA ASP C 456 11.78 -27.68 11.79
C ASP C 456 11.82 -28.05 10.32
N TYR C 457 10.81 -28.78 9.86
CA TYR C 457 10.79 -29.30 8.50
C TYR C 457 10.31 -28.28 7.46
N HIS C 458 10.15 -27.03 7.86
CA HIS C 458 9.78 -25.98 6.91
C HIS C 458 10.88 -25.84 5.86
N THR C 459 12.13 -25.80 6.34
CA THR C 459 13.28 -25.79 5.46
C THR C 459 13.54 -27.20 4.93
N MET C 460 13.96 -27.29 3.67
CA MET C 460 14.37 -28.59 3.13
C MET C 460 15.69 -29.03 3.78
N VAL C 461 16.55 -28.06 4.06
CA VAL C 461 17.74 -28.28 4.85
C VAL C 461 17.36 -28.17 6.33
N VAL C 462 17.12 -29.32 6.93
CA VAL C 462 16.48 -29.40 8.24
C VAL C 462 17.44 -29.20 9.41
N GLY C 463 16.95 -28.51 10.43
CA GLY C 463 17.70 -28.30 11.67
C GLY C 463 16.75 -28.07 12.83
N PRO C 464 17.31 -27.96 14.05
CA PRO C 464 16.43 -27.76 15.19
C PRO C 464 15.67 -26.44 15.09
N THR C 465 14.46 -26.42 15.65
CA THR C 465 13.61 -25.23 15.56
C THR C 465 14.29 -24.04 16.23
N LEU C 466 14.44 -22.97 15.47
CA LEU C 466 15.22 -21.79 15.87
C LEU C 466 14.83 -21.24 17.24
N ASN C 467 13.53 -21.02 17.45
CA ASN C 467 13.04 -20.37 18.66
C ASN C 467 13.08 -21.26 19.90
N GLN C 468 13.35 -22.55 19.69
CA GLN C 468 13.40 -23.52 20.78
C GLN C 468 14.82 -23.70 21.30
N CYS C 469 15.78 -23.01 20.69
CA CYS C 469 17.19 -23.28 20.93
C CYS C 469 17.86 -22.34 21.93
N LEU C 470 17.07 -21.73 22.81
CA LEU C 470 17.62 -20.85 23.84
C LEU C 470 18.31 -21.65 24.93
N VAL C 471 19.51 -21.21 25.31
CA VAL C 471 20.37 -21.98 26.22
C VAL C 471 21.18 -21.10 27.15
N LYS C 472 21.22 -21.45 28.44
CA LYS C 472 22.09 -20.75 29.38
C LYS C 472 23.49 -21.36 29.39
N TYR C 473 24.48 -20.53 29.12
CA TYR C 473 25.87 -20.95 29.21
C TYR C 473 26.41 -20.63 30.61
N THR C 474 27.34 -21.46 31.07
CA THR C 474 27.92 -21.29 32.40
C THR C 474 29.42 -21.58 32.36
N ARG C 475 30.23 -20.57 32.63
CA ARG C 475 31.68 -20.71 32.57
C ARG C 475 32.19 -21.70 33.61
N LYS C 476 33.19 -22.49 33.20
CA LYS C 476 33.81 -23.46 34.09
C LYS C 476 35.01 -22.85 34.81
N LYS C 477 35.10 -23.15 36.11
CA LYS C 477 36.29 -22.86 36.89
C LYS C 477 36.51 -23.99 37.88
N LYS C 478 37.62 -24.70 37.72
CA LYS C 478 37.88 -25.91 38.49
C LYS C 478 38.05 -25.61 39.98
N LEU D 31 36.03 46.21 40.41
CA LEU D 31 36.08 46.72 39.01
C LEU D 31 35.13 45.98 38.08
N PRO D 32 35.07 44.64 38.18
CA PRO D 32 34.16 43.90 37.31
C PRO D 32 32.74 43.84 37.86
N PRO D 33 31.74 43.87 36.98
CA PRO D 33 30.34 43.89 37.42
C PRO D 33 29.85 42.53 37.93
N VAL D 34 28.68 42.55 38.56
CA VAL D 34 28.05 41.33 39.07
C VAL D 34 26.54 41.44 38.99
N TYR D 35 25.88 40.33 38.67
CA TYR D 35 24.42 40.29 38.57
C TYR D 35 23.81 40.05 39.94
N PRO D 36 22.59 40.56 40.17
CA PRO D 36 21.95 40.38 41.47
C PRO D 36 21.63 38.92 41.78
N VAL D 37 21.89 38.50 43.01
CA VAL D 37 21.69 37.13 43.43
C VAL D 37 20.49 36.99 44.36
N THR D 38 19.37 36.53 43.80
CA THR D 38 18.15 36.30 44.58
C THR D 38 18.36 35.17 45.58
N VAL D 39 18.75 34.01 45.07
CA VAL D 39 19.15 32.88 45.90
C VAL D 39 20.67 32.85 45.96
N PRO D 40 21.24 32.99 47.17
CA PRO D 40 22.70 33.11 47.27
C PRO D 40 23.47 31.85 46.90
N PHE D 41 23.08 30.70 47.44
CA PHE D 41 23.85 29.48 47.26
C PHE D 41 23.65 28.85 45.88
N LEU D 42 22.40 28.75 45.45
CA LEU D 42 22.09 28.16 44.15
C LEU D 42 22.59 29.02 43.00
N GLY D 43 22.35 30.33 43.12
CA GLY D 43 22.84 31.28 42.13
C GLY D 43 21.90 31.41 40.95
N HIS D 44 22.47 31.64 39.77
CA HIS D 44 21.69 31.87 38.57
C HIS D 44 21.56 30.60 37.74
N ILE D 45 22.10 29.50 38.27
CA ILE D 45 22.07 28.21 37.58
C ILE D 45 20.66 27.82 37.15
N VAL D 46 19.66 28.40 37.78
CA VAL D 46 18.26 28.14 37.43
C VAL D 46 17.93 28.71 36.05
N GLN D 47 18.18 29.99 35.89
CA GLN D 47 17.91 30.69 34.63
C GLN D 47 18.86 30.23 33.53
N PHE D 48 20.15 30.21 33.85
CA PHE D 48 21.18 29.80 32.91
C PHE D 48 20.83 28.44 32.30
N GLY D 49 20.24 27.57 33.11
CA GLY D 49 19.83 26.25 32.65
C GLY D 49 18.62 26.29 31.75
N LYS D 50 17.62 27.09 32.13
CA LYS D 50 16.40 27.21 31.34
C LYS D 50 16.69 27.81 29.97
N ASN D 51 17.47 28.89 29.95
CA ASN D 51 17.97 29.46 28.71
C ASN D 51 19.21 30.33 29.00
N PRO D 52 20.38 29.88 28.52
CA PRO D 52 21.61 30.62 28.71
C PRO D 52 21.76 31.78 27.73
N LEU D 53 21.13 31.68 26.56
CA LEU D 53 21.20 32.75 25.56
C LEU D 53 20.49 34.01 26.05
N GLU D 54 19.23 33.84 26.49
CA GLU D 54 18.42 34.96 26.93
C GLU D 54 18.84 35.49 28.30
N PHE D 55 19.34 34.60 29.15
CA PHE D 55 19.81 35.02 30.46
C PHE D 55 21.07 35.88 30.34
N MET D 56 22.03 35.41 29.54
CA MET D 56 23.29 36.12 29.35
C MET D 56 23.07 37.44 28.61
N GLN D 57 22.18 37.43 27.62
CA GLN D 57 21.85 38.65 26.90
C GLN D 57 21.16 39.64 27.82
N ARG D 58 20.38 39.12 28.77
CA ARG D 58 19.69 39.94 29.75
C ARG D 58 20.66 40.46 30.80
N CYS D 59 21.68 39.67 31.11
CA CYS D 59 22.75 40.10 32.01
C CYS D 59 23.52 41.25 31.38
N LYS D 60 23.89 41.06 30.13
CA LYS D 60 24.64 42.04 29.35
C LYS D 60 23.85 43.32 29.15
N ARG D 61 22.56 43.17 28.83
CA ARG D 61 21.70 44.30 28.49
C ARG D 61 21.40 45.17 29.71
N ASP D 62 21.02 44.55 30.81
CA ASP D 62 20.63 45.27 32.01
C ASP D 62 21.83 45.88 32.74
N LEU D 63 22.92 45.11 32.84
CA LEU D 63 24.14 45.60 33.49
C LEU D 63 24.80 46.69 32.66
N LYS D 64 24.46 46.74 31.38
CA LYS D 64 25.02 47.73 30.45
C LYS D 64 26.54 47.60 30.35
N SER D 65 26.97 46.38 30.03
CA SER D 65 28.38 46.08 29.85
C SER D 65 28.55 44.72 29.17
N GLY D 66 29.58 44.61 28.34
CA GLY D 66 29.88 43.37 27.64
C GLY D 66 30.46 42.31 28.57
N VAL D 67 31.31 42.77 29.49
CA VAL D 67 31.92 41.89 30.47
C VAL D 67 31.20 41.96 31.81
N PHE D 68 30.95 40.81 32.41
CA PHE D 68 30.25 40.74 33.69
C PHE D 68 30.53 39.42 34.42
N THR D 69 30.09 39.36 35.67
CA THR D 69 30.29 38.17 36.50
C THR D 69 28.97 37.63 37.03
N ILE D 70 28.88 36.31 37.14
CA ILE D 70 27.73 35.66 37.77
C ILE D 70 28.20 34.57 38.71
N SER D 71 27.40 34.31 39.76
CA SER D 71 27.74 33.29 40.74
C SER D 71 26.99 31.98 40.50
N ILE D 72 27.75 30.96 40.12
CA ILE D 72 27.21 29.60 39.94
C ILE D 72 27.79 28.70 41.01
N GLY D 73 27.01 28.45 42.06
CA GLY D 73 27.43 27.58 43.15
C GLY D 73 28.55 28.19 43.97
N GLY D 74 28.36 29.45 44.37
CA GLY D 74 29.35 30.15 45.20
C GLY D 74 30.69 30.30 44.53
N GLN D 75 30.68 30.34 43.20
CA GLN D 75 31.91 30.50 42.42
C GLN D 75 31.73 31.61 41.40
N ARG D 76 32.60 32.62 41.47
CA ARG D 76 32.53 33.76 40.56
C ARG D 76 32.89 33.36 39.12
N VAL D 77 31.90 33.39 38.24
CA VAL D 77 32.10 33.09 36.83
C VAL D 77 32.02 34.38 36.01
N THR D 78 33.18 34.84 35.55
CA THR D 78 33.26 36.07 34.76
C THR D 78 33.16 35.77 33.26
N ILE D 79 32.07 36.24 32.65
CA ILE D 79 31.81 35.98 31.24
C ILE D 79 32.24 37.15 30.37
N VAL D 80 32.96 36.85 29.30
CA VAL D 80 33.34 37.87 28.32
C VAL D 80 32.33 37.89 27.18
N GLY D 81 31.51 38.93 27.14
CA GLY D 81 30.46 39.06 26.13
C GLY D 81 30.74 40.14 25.11
N ASP D 82 31.92 40.75 25.22
CA ASP D 82 32.34 41.80 24.28
C ASP D 82 33.29 41.21 23.25
N PRO D 83 32.84 41.13 21.99
CA PRO D 83 33.65 40.50 20.94
C PRO D 83 35.02 41.14 20.76
N HIS D 84 35.11 42.44 21.06
CA HIS D 84 36.37 43.16 20.89
C HIS D 84 37.43 42.71 21.88
N GLU D 85 37.00 42.11 22.98
CA GLU D 85 37.93 41.69 24.03
C GLU D 85 38.29 40.22 23.94
N HIS D 86 37.82 39.54 22.89
CA HIS D 86 38.12 38.13 22.71
C HIS D 86 39.62 37.86 22.85
N SER D 87 40.41 38.77 22.27
CA SER D 87 41.86 38.65 22.28
C SER D 87 42.43 38.52 23.69
N ARG D 88 41.75 39.13 24.65
CA ARG D 88 42.16 39.05 26.05
C ARG D 88 41.97 37.64 26.59
N PHE D 89 40.86 37.02 26.22
CA PHE D 89 40.51 35.69 26.73
C PHE D 89 41.39 34.58 26.18
N PHE D 90 41.52 34.55 24.85
CA PHE D 90 42.14 33.42 24.16
C PHE D 90 43.66 33.49 24.07
N SER D 91 44.22 34.68 24.25
CA SER D 91 45.65 34.87 24.02
C SER D 91 46.54 34.30 25.13
N PRO D 92 46.31 34.74 26.38
CA PRO D 92 47.23 34.42 27.48
C PRO D 92 47.61 32.95 27.59
N ARG D 93 48.79 32.73 28.14
CA ARG D 93 49.36 31.40 28.31
C ARG D 93 48.56 30.57 29.32
N ASN D 94 48.93 29.29 29.42
CA ASN D 94 48.26 28.38 30.33
C ASN D 94 48.44 28.79 31.79
N GLU D 95 49.59 29.37 32.10
CA GLU D 95 49.92 29.75 33.47
C GLU D 95 49.04 30.88 33.98
N ILE D 96 48.69 31.81 33.10
CA ILE D 96 47.85 32.95 33.48
C ILE D 96 46.38 32.54 33.50
N LEU D 97 45.94 31.86 32.45
CA LEU D 97 44.58 31.33 32.39
C LEU D 97 44.62 29.84 32.03
N SER D 98 44.37 29.00 33.02
CA SER D 98 44.46 27.55 32.84
C SER D 98 43.10 26.93 32.51
N PRO D 99 43.08 25.98 31.57
CA PRO D 99 41.86 25.26 31.24
C PRO D 99 41.72 23.97 32.01
N ARG D 100 42.84 23.49 32.56
CA ARG D 100 42.91 22.21 33.22
C ARG D 100 41.90 22.09 34.35
N GLU D 101 42.08 22.91 35.40
CA GLU D 101 41.27 22.76 36.61
C GLU D 101 39.83 23.21 36.45
N VAL D 102 39.46 23.66 35.25
CA VAL D 102 38.06 23.92 34.95
C VAL D 102 37.47 22.74 34.17
N TYR D 103 38.31 22.05 33.42
CA TYR D 103 37.87 20.90 32.62
C TYR D 103 38.30 19.57 33.26
N THR D 104 38.27 19.52 34.59
CA THR D 104 38.70 18.32 35.32
C THR D 104 37.68 17.20 35.23
N PHE D 105 36.43 17.56 34.92
CA PHE D 105 35.37 16.58 34.78
C PHE D 105 35.63 15.58 33.66
N MET D 106 36.62 15.89 32.82
CA MET D 106 36.88 15.08 31.63
C MET D 106 37.84 13.92 31.89
N THR D 107 38.55 13.96 33.01
CA THR D 107 39.56 12.95 33.32
C THR D 107 38.97 11.57 33.52
N PRO D 108 37.73 11.49 34.04
CA PRO D 108 37.11 10.17 34.12
C PRO D 108 36.90 9.50 32.77
N VAL D 109 37.05 10.27 31.69
CA VAL D 109 36.79 9.77 30.34
C VAL D 109 38.08 9.37 29.62
N PHE D 110 39.15 10.13 29.83
CA PHE D 110 40.44 9.81 29.26
C PHE D 110 41.31 9.04 30.25
N GLY D 111 41.40 9.57 31.47
CA GLY D 111 42.21 8.96 32.52
C GLY D 111 43.10 9.96 33.22
N GLU D 112 44.01 9.47 34.05
CA GLU D 112 44.96 10.33 34.74
C GLU D 112 46.28 10.35 33.99
N GLY D 113 46.90 11.52 33.92
CA GLY D 113 48.13 11.73 33.16
C GLY D 113 47.92 11.70 31.65
N VAL D 114 46.65 11.81 31.25
CA VAL D 114 46.27 11.61 29.85
C VAL D 114 46.21 12.92 29.09
N ALA D 115 45.46 13.88 29.62
CA ALA D 115 45.31 15.18 28.99
C ALA D 115 44.70 16.15 29.98
N TYR D 116 45.50 17.11 30.43
CA TYR D 116 45.13 18.03 31.51
C TYR D 116 45.33 17.43 32.92
N ALA D 117 45.57 16.13 32.99
CA ALA D 117 46.17 15.56 34.19
C ALA D 117 47.68 15.67 34.03
N ALA D 118 48.17 15.39 32.83
CA ALA D 118 49.57 15.65 32.48
C ALA D 118 49.78 17.15 32.32
N PRO D 119 51.02 17.62 32.51
CA PRO D 119 51.21 19.07 32.57
C PRO D 119 51.32 19.71 31.19
N TYR D 120 51.20 21.02 31.17
CA TYR D 120 51.05 21.79 29.95
C TYR D 120 51.97 21.30 28.83
N PRO D 121 53.27 21.19 29.11
CA PRO D 121 54.19 20.69 28.10
C PRO D 121 53.77 19.33 27.52
N ARG D 122 53.56 18.35 28.39
CA ARG D 122 53.25 17.02 27.89
C ARG D 122 51.84 16.94 27.31
N MET D 123 50.89 17.72 27.82
CA MET D 123 49.58 17.76 27.19
C MET D 123 49.69 18.39 25.80
N ARG D 124 50.53 19.41 25.68
CA ARG D 124 50.77 20.00 24.37
C ARG D 124 51.46 18.97 23.47
N GLU D 125 52.44 18.26 24.02
CA GLU D 125 53.09 17.16 23.31
C GLU D 125 52.06 16.11 22.88
N GLN D 126 51.14 15.77 23.77
CA GLN D 126 50.06 14.84 23.44
C GLN D 126 49.23 15.41 22.31
N LEU D 127 48.90 16.69 22.42
CA LEU D 127 48.01 17.37 21.46
C LEU D 127 48.58 17.42 20.06
N ASN D 128 49.88 17.72 19.95
CA ASN D 128 50.50 17.85 18.63
C ASN D 128 50.75 16.49 17.97
N PHE D 129 50.74 15.42 18.75
CA PHE D 129 50.78 14.07 18.18
C PHE D 129 49.47 13.82 17.44
N LEU D 130 48.37 14.28 18.04
CA LEU D 130 47.05 14.18 17.43
C LEU D 130 46.98 15.08 16.21
N ALA D 131 47.46 16.31 16.37
CA ALA D 131 47.47 17.28 15.28
C ALA D 131 48.28 16.78 14.09
N GLU D 132 49.36 16.06 14.39
CA GLU D 132 50.23 15.49 13.36
C GLU D 132 49.48 14.49 12.48
N GLU D 133 48.47 13.84 13.05
CA GLU D 133 47.67 12.85 12.34
C GLU D 133 46.44 13.47 11.68
N LEU D 134 46.32 14.78 11.79
CA LEU D 134 45.22 15.50 11.15
C LEU D 134 45.77 16.53 10.17
N THR D 135 46.91 16.21 9.56
CA THR D 135 47.49 17.02 8.51
C THR D 135 46.97 16.57 7.15
N ILE D 136 47.14 17.43 6.15
CA ILE D 136 46.57 17.15 4.83
C ILE D 136 47.41 16.12 4.06
N ALA D 137 48.30 15.41 4.75
CA ALA D 137 48.91 14.21 4.18
C ALA D 137 47.94 13.04 4.27
N LYS D 138 47.23 12.93 5.39
CA LYS D 138 46.28 11.83 5.59
C LYS D 138 44.98 12.04 4.81
N PHE D 139 44.78 13.26 4.34
CA PHE D 139 43.46 13.72 3.90
C PHE D 139 43.10 13.25 2.49
N GLN D 140 44.06 12.63 1.80
CA GLN D 140 43.79 12.16 0.44
C GLN D 140 42.81 11.00 0.43
N ASN D 141 42.85 10.20 1.50
CA ASN D 141 41.98 9.04 1.63
C ASN D 141 40.60 9.41 2.15
N PHE D 142 40.57 10.48 2.94
CA PHE D 142 39.38 10.85 3.72
C PHE D 142 38.11 11.04 2.90
N VAL D 143 38.20 11.78 1.79
CA VAL D 143 37.00 12.08 1.00
C VAL D 143 36.41 10.82 0.36
N PRO D 144 37.25 10.00 -0.29
CA PRO D 144 36.72 8.73 -0.80
C PRO D 144 36.18 7.84 0.30
N ALA D 145 36.91 7.77 1.42
CA ALA D 145 36.51 6.93 2.55
C ALA D 145 35.19 7.41 3.14
N ILE D 146 35.08 8.71 3.36
CA ILE D 146 33.87 9.31 3.91
C ILE D 146 32.68 9.09 2.98
N GLN D 147 32.86 9.43 1.72
CA GLN D 147 31.77 9.40 0.75
C GLN D 147 31.21 8.01 0.53
N HIS D 148 32.08 7.00 0.58
CA HIS D 148 31.65 5.61 0.49
C HIS D 148 30.77 5.27 1.68
N GLU D 149 31.29 5.54 2.88
CA GLU D 149 30.57 5.27 4.12
C GLU D 149 29.18 5.90 4.16
N VAL D 150 29.08 7.11 3.64
CA VAL D 150 27.80 7.82 3.61
C VAL D 150 26.80 7.06 2.74
N ARG D 151 27.18 6.86 1.47
CA ARG D 151 26.35 6.15 0.51
C ARG D 151 25.93 4.77 1.03
N LYS D 152 26.84 4.09 1.72
CA LYS D 152 26.52 2.84 2.39
C LYS D 152 25.33 3.03 3.33
N PHE D 153 25.54 3.86 4.35
CA PHE D 153 24.51 4.13 5.34
C PHE D 153 23.20 4.59 4.69
N MET D 154 23.33 5.36 3.61
CA MET D 154 22.14 5.88 2.93
C MET D 154 21.32 4.76 2.32
N ALA D 155 21.97 3.78 1.71
CA ALA D 155 21.29 2.64 1.10
C ALA D 155 20.80 1.67 2.17
N GLU D 156 21.42 1.73 3.34
CA GLU D 156 21.13 0.81 4.43
C GLU D 156 19.92 1.24 5.24
N ASN D 157 19.89 2.51 5.64
CA ASN D 157 18.82 3.03 6.49
C ASN D 157 17.71 3.71 5.71
N TRP D 158 18.08 4.48 4.68
CA TRP D 158 17.10 5.10 3.81
C TRP D 158 16.91 4.22 2.58
N LYS D 159 16.03 3.24 2.72
CA LYS D 159 15.89 2.16 1.74
C LYS D 159 14.88 2.47 0.64
N GLU D 160 13.69 2.91 1.03
CA GLU D 160 12.62 3.21 0.07
C GLU D 160 12.92 4.47 -0.72
N ASP D 161 12.14 4.70 -1.77
CA ASP D 161 12.30 5.90 -2.60
C ASP D 161 11.88 7.14 -1.81
N GLU D 162 10.91 6.98 -0.93
CA GLU D 162 10.53 8.03 0.01
C GLU D 162 10.54 7.44 1.41
N GLY D 163 10.33 8.29 2.42
CA GLY D 163 10.32 7.81 3.80
C GLY D 163 10.57 8.90 4.82
N VAL D 164 10.46 8.52 6.10
CA VAL D 164 10.67 9.45 7.20
C VAL D 164 11.75 8.98 8.18
N ILE D 165 12.65 9.89 8.52
CA ILE D 165 13.62 9.64 9.58
C ILE D 165 13.98 10.94 10.30
N ASN D 166 14.21 10.86 11.60
CA ASN D 166 14.74 12.01 12.34
C ASN D 166 16.22 12.12 12.04
N LEU D 167 16.68 13.35 11.78
CA LEU D 167 17.99 13.58 11.21
C LEU D 167 19.13 13.47 12.22
N LEU D 168 18.92 14.01 13.41
CA LEU D 168 19.96 14.09 14.42
C LEU D 168 20.55 12.72 14.76
N GLU D 169 19.70 11.71 14.87
CA GLU D 169 20.15 10.37 15.24
C GLU D 169 20.75 9.63 14.05
N ASP D 170 20.13 9.79 12.89
CA ASP D 170 20.65 9.19 11.66
C ASP D 170 22.03 9.76 11.30
N CYS D 171 22.21 11.06 11.53
CA CYS D 171 23.50 11.70 11.29
C CYS D 171 24.54 11.22 12.31
N GLY D 172 24.13 11.14 13.57
CA GLY D 172 25.00 10.65 14.63
C GLY D 172 25.64 9.32 14.28
N ALA D 173 24.89 8.50 13.55
CA ALA D 173 25.40 7.22 13.06
C ALA D 173 26.29 7.47 11.85
N MET D 174 25.76 8.17 10.86
CA MET D 174 26.54 8.59 9.69
C MET D 174 27.96 8.95 10.09
N ILE D 175 28.07 9.93 10.98
CA ILE D 175 29.37 10.51 11.35
C ILE D 175 30.26 9.52 12.11
N ILE D 176 29.64 8.63 12.88
CA ILE D 176 30.41 7.66 13.65
C ILE D 176 31.17 6.73 12.72
N ASN D 177 30.60 6.48 11.54
CA ASN D 177 31.27 5.68 10.51
C ASN D 177 32.38 6.50 9.85
N THR D 178 32.03 7.66 9.33
CA THR D 178 32.97 8.50 8.60
C THR D 178 34.14 8.93 9.47
N ALA D 179 33.88 9.17 10.75
CA ALA D 179 34.92 9.53 11.71
C ALA D 179 35.83 8.32 11.96
N CYS D 180 35.21 7.17 12.21
CA CYS D 180 35.94 5.94 12.48
C CYS D 180 36.73 5.49 11.25
N GLN D 181 36.10 5.55 10.09
CA GLN D 181 36.74 5.13 8.84
C GLN D 181 38.03 5.90 8.58
N CYS D 182 38.02 7.19 8.90
CA CYS D 182 39.16 8.06 8.62
C CYS D 182 40.28 7.94 9.65
N LEU D 183 39.91 7.77 10.92
CA LEU D 183 40.88 7.68 12.00
C LEU D 183 41.42 6.26 12.20
N PHE D 184 40.52 5.28 12.30
CA PHE D 184 40.95 3.90 12.49
C PHE D 184 41.03 3.13 11.17
N GLY D 185 42.07 2.31 11.05
CA GLY D 185 42.22 1.37 9.94
C GLY D 185 41.44 0.09 10.12
N GLU D 186 41.53 -0.81 9.16
CA GLU D 186 40.52 -1.85 8.96
C GLU D 186 40.42 -2.94 10.02
N ASP D 187 41.54 -3.28 10.66
CA ASP D 187 41.55 -4.40 11.59
C ASP D 187 40.77 -4.10 12.88
N LEU D 188 40.87 -2.87 13.34
CA LEU D 188 40.17 -2.42 14.55
C LEU D 188 38.68 -2.18 14.29
N ARG D 189 38.38 -1.29 13.34
CA ARG D 189 37.00 -1.01 12.96
C ARG D 189 36.18 -2.29 12.94
N LYS D 190 36.84 -3.41 12.62
CA LYS D 190 36.18 -4.71 12.56
C LYS D 190 35.90 -5.27 13.95
N ARG D 191 36.92 -5.27 14.80
CA ARG D 191 36.80 -5.81 16.15
C ARG D 191 35.79 -5.00 16.97
N LEU D 192 35.99 -3.69 17.01
CA LEU D 192 35.00 -2.79 17.63
C LEU D 192 34.15 -2.13 16.55
N ASN D 193 33.06 -2.81 16.18
CA ASN D 193 32.13 -2.27 15.20
C ASN D 193 31.76 -0.82 15.51
N ALA D 194 31.41 -0.07 14.47
CA ALA D 194 31.05 1.34 14.62
C ALA D 194 29.84 1.51 15.51
N ARG D 195 28.93 0.54 15.45
CA ARG D 195 27.75 0.53 16.32
C ARG D 195 28.20 0.38 17.76
N HIS D 196 28.95 -0.68 18.02
CA HIS D 196 29.44 -1.02 19.37
C HIS D 196 30.36 0.07 19.91
N PHE D 197 31.23 0.57 19.05
CA PHE D 197 32.12 1.66 19.42
C PHE D 197 31.34 2.82 20.02
N ALA D 198 30.15 3.07 19.47
CA ALA D 198 29.32 4.20 19.89
C ALA D 198 28.66 3.99 21.25
N GLN D 199 28.64 2.75 21.73
CA GLN D 199 28.06 2.45 23.04
C GLN D 199 28.99 2.80 24.19
N LEU D 200 30.20 2.25 24.18
CA LEU D 200 31.18 2.59 25.21
C LEU D 200 31.39 4.10 25.21
N LEU D 201 31.39 4.69 24.02
CA LEU D 201 31.40 6.15 23.89
C LEU D 201 30.23 6.73 24.68
N SER D 202 29.03 6.26 24.38
CA SER D 202 27.81 6.73 25.04
C SER D 202 27.76 6.33 26.50
N LYS D 203 28.22 5.12 26.80
CA LYS D 203 28.27 4.65 28.18
C LYS D 203 29.17 5.54 29.02
N MET D 204 30.16 6.15 28.37
CA MET D 204 31.06 7.09 29.04
C MET D 204 30.48 8.50 29.01
N GLU D 205 30.07 8.95 27.83
CA GLU D 205 29.41 10.24 27.70
C GLU D 205 28.27 10.35 28.71
N SER D 206 27.62 9.21 28.98
CA SER D 206 26.55 9.15 29.96
C SER D 206 27.05 9.47 31.36
N SER D 207 28.17 8.82 31.72
CA SER D 207 28.72 8.95 33.07
C SER D 207 29.12 10.38 33.44
N LEU D 208 29.52 11.16 32.44
CA LEU D 208 30.11 12.47 32.69
C LEU D 208 29.19 13.39 33.49
N ILE D 209 29.80 14.17 34.39
CA ILE D 209 29.10 15.24 35.08
C ILE D 209 29.58 16.57 34.49
N PRO D 210 28.76 17.19 33.64
CA PRO D 210 29.19 18.39 32.91
C PRO D 210 29.43 19.60 33.82
N ALA D 211 28.42 19.97 34.60
CA ALA D 211 28.48 21.18 35.42
C ALA D 211 29.30 20.99 36.69
N ALA D 212 30.17 19.99 36.72
CA ALA D 212 30.92 19.65 37.93
C ALA D 212 32.04 20.64 38.20
N VAL D 213 32.54 21.25 37.12
CA VAL D 213 33.66 22.18 37.21
C VAL D 213 33.39 23.31 38.18
N PHE D 214 32.20 23.89 38.08
CA PHE D 214 31.82 25.02 38.92
C PHE D 214 31.81 24.59 40.39
N MET D 215 31.41 23.34 40.61
CA MET D 215 31.36 22.76 41.94
C MET D 215 32.37 21.61 41.99
N PRO D 216 33.64 21.94 42.29
CA PRO D 216 34.74 21.01 42.11
C PRO D 216 34.74 19.81 43.07
N TRP D 217 34.20 20.00 44.27
CA TRP D 217 34.25 18.95 45.29
C TRP D 217 33.37 17.72 44.98
N LEU D 218 32.35 17.91 44.17
CA LEU D 218 31.42 16.81 43.88
C LEU D 218 32.05 15.73 43.00
N LEU D 219 32.86 16.15 42.04
CA LEU D 219 33.35 15.34 40.93
C LEU D 219 34.05 14.05 41.30
N ARG D 220 34.43 13.90 42.56
CA ARG D 220 35.24 12.77 42.99
C ARG D 220 34.44 11.46 43.01
N LEU D 221 35.00 10.41 42.43
CA LEU D 221 34.45 9.06 42.56
C LEU D 221 32.92 9.01 42.49
N PRO D 222 32.39 9.27 41.29
CA PRO D 222 30.95 9.37 41.06
C PRO D 222 30.16 8.19 41.61
N LEU D 223 29.59 8.39 42.80
CA LEU D 223 28.71 7.41 43.45
C LEU D 223 27.66 6.84 42.51
N PRO D 224 27.21 7.68 41.55
CA PRO D 224 26.37 7.35 40.41
C PRO D 224 26.94 6.24 39.54
N GLN D 225 26.40 6.15 38.33
CA GLN D 225 26.78 5.15 37.34
C GLN D 225 28.04 5.47 36.54
N SER D 226 28.61 6.66 36.70
CA SER D 226 29.90 6.94 36.08
C SER D 226 30.91 5.91 36.58
N ALA D 227 30.64 5.34 37.74
CA ALA D 227 31.47 4.29 38.31
C ALA D 227 31.36 2.99 37.52
N ARG D 228 30.16 2.68 37.04
CA ARG D 228 29.97 1.51 36.16
C ARG D 228 30.49 1.80 34.75
N CYS D 229 30.42 3.06 34.36
CA CYS D 229 30.91 3.49 33.05
C CYS D 229 32.41 3.31 32.86
N ARG D 230 33.19 3.32 33.94
CA ARG D 230 34.63 3.08 33.86
C ARG D 230 34.93 1.72 33.24
N GLU D 231 34.10 0.74 33.56
CA GLU D 231 34.23 -0.61 33.00
C GLU D 231 34.30 -0.59 31.48
N ALA D 232 33.64 0.40 30.89
CA ALA D 232 33.62 0.55 29.44
C ALA D 232 35.00 0.96 28.97
N ARG D 233 35.65 1.79 29.78
CA ARG D 233 37.02 2.17 29.50
C ARG D 233 37.92 0.94 29.55
N ALA D 234 37.66 0.07 30.53
CA ALA D 234 38.41 -1.17 30.67
C ALA D 234 38.28 -2.02 29.40
N GLU D 235 37.12 -1.95 28.76
CA GLU D 235 36.88 -2.70 27.54
C GLU D 235 37.59 -2.07 26.34
N LEU D 236 37.28 -0.81 26.07
CA LEU D 236 37.77 -0.14 24.86
C LEU D 236 39.28 -0.23 24.68
N GLN D 237 40.03 -0.21 25.78
CA GLN D 237 41.49 -0.25 25.70
C GLN D 237 42.05 -1.67 25.79
N LYS D 238 41.27 -2.58 26.33
CA LYS D 238 41.63 -4.00 26.32
C LYS D 238 41.52 -4.53 24.89
N ILE D 239 40.62 -3.92 24.12
CA ILE D 239 40.42 -4.30 22.72
C ILE D 239 41.58 -3.82 21.86
N LEU D 240 42.03 -2.59 22.10
CA LEU D 240 43.16 -2.02 21.38
C LEU D 240 44.48 -2.58 21.89
N GLY D 241 44.45 -3.16 23.08
CA GLY D 241 45.61 -3.83 23.65
C GLY D 241 45.86 -5.18 22.99
N GLU D 242 44.82 -5.69 22.33
CA GLU D 242 44.89 -7.00 21.67
C GLU D 242 45.22 -6.88 20.19
N ILE D 243 44.85 -5.76 19.58
CA ILE D 243 45.11 -5.50 18.16
C ILE D 243 46.59 -5.19 17.92
N ILE D 244 47.15 -4.44 18.86
CA ILE D 244 48.58 -4.09 18.79
C ILE D 244 49.47 -5.33 18.86
N VAL D 245 48.92 -6.44 19.33
CA VAL D 245 49.65 -7.70 19.38
C VAL D 245 49.77 -8.32 18.00
N ALA D 246 48.75 -8.13 17.16
CA ALA D 246 48.72 -8.69 15.81
C ALA D 246 49.47 -7.84 14.81
N ARG D 247 49.65 -6.56 15.13
CA ARG D 247 50.41 -5.65 14.28
C ARG D 247 51.91 -5.88 14.40
N GLU D 248 52.46 -5.67 15.58
CA GLU D 248 53.88 -5.86 15.86
C GLU D 248 54.47 -7.19 15.41
N LYS D 249 53.66 -8.24 15.52
CA LYS D 249 54.09 -9.57 15.08
C LYS D 249 54.07 -9.64 13.55
N GLU D 250 52.94 -9.31 12.96
CA GLU D 250 52.83 -9.23 11.51
C GLU D 250 53.47 -7.98 10.92
N GLU D 251 54.44 -7.38 11.61
CA GLU D 251 55.08 -6.16 11.12
C GLU D 251 56.31 -6.50 10.29
N ALA D 252 56.89 -7.65 10.59
CA ALA D 252 57.98 -8.23 9.80
C ALA D 252 57.47 -8.89 8.52
N SER D 253 56.16 -8.87 8.33
CA SER D 253 55.53 -9.43 7.14
C SER D 253 55.37 -8.35 6.09
N LYS D 254 55.28 -7.11 6.54
CA LYS D 254 55.09 -5.96 5.66
C LYS D 254 53.86 -6.15 4.78
N ASP D 255 52.77 -6.62 5.38
CA ASP D 255 51.56 -6.93 4.63
C ASP D 255 50.58 -5.76 4.55
N ASN D 256 50.72 -4.80 5.46
CA ASN D 256 49.94 -3.57 5.37
C ASN D 256 50.64 -2.36 5.99
N ASN D 257 50.90 -1.36 5.15
CA ASN D 257 51.47 -0.10 5.61
C ASN D 257 50.40 0.75 6.28
N THR D 258 50.21 0.55 7.58
CA THR D 258 49.16 1.23 8.33
C THR D 258 49.69 2.49 9.00
N SER D 259 49.26 3.64 8.48
CA SER D 259 49.64 4.94 9.04
C SER D 259 48.45 5.66 9.65
N ASP D 260 47.61 4.83 10.28
CA ASP D 260 46.39 5.19 11.00
C ASP D 260 46.70 5.82 12.35
N LEU D 261 45.67 6.43 12.95
CA LEU D 261 45.83 7.14 14.22
C LEU D 261 46.58 6.35 15.29
N LEU D 262 46.10 5.13 15.57
CA LEU D 262 46.78 4.24 16.50
C LEU D 262 48.23 3.98 16.09
N GLY D 263 48.42 3.54 14.85
CA GLY D 263 49.77 3.27 14.33
C GLY D 263 50.72 4.40 14.62
N GLY D 264 50.30 5.62 14.26
CA GLY D 264 51.10 6.81 14.51
C GLY D 264 51.15 7.19 15.98
N LEU D 265 50.20 6.69 16.75
CA LEU D 265 50.10 7.04 18.18
C LEU D 265 51.09 6.26 19.04
N LEU D 266 51.44 5.05 18.61
CA LEU D 266 52.43 4.25 19.33
C LEU D 266 53.83 4.50 18.78
N LYS D 267 53.89 4.97 17.54
CA LYS D 267 55.15 5.37 16.91
C LYS D 267 55.60 6.74 17.44
N ALA D 268 54.64 7.50 17.95
CA ALA D 268 54.90 8.83 18.50
C ALA D 268 55.72 8.77 19.79
N VAL D 269 56.66 9.69 19.94
CA VAL D 269 57.61 9.65 21.05
C VAL D 269 57.68 11.03 21.70
N TYR D 270 57.75 11.09 23.02
CA TYR D 270 57.90 12.37 23.72
C TYR D 270 59.29 12.95 23.48
N ARG D 271 59.52 14.17 23.98
CA ARG D 271 60.82 14.81 23.77
C ARG D 271 61.89 14.22 24.67
N ASP D 272 61.47 13.62 25.78
CA ASP D 272 62.40 13.04 26.75
C ASP D 272 62.73 11.58 26.44
N GLY D 273 62.17 11.06 25.35
CA GLY D 273 62.52 9.72 24.88
C GLY D 273 61.46 8.66 25.12
N THR D 274 60.64 8.85 26.14
CA THR D 274 59.61 7.88 26.47
C THR D 274 58.44 7.94 25.49
N ARG D 275 57.81 6.79 25.26
CA ARG D 275 56.75 6.67 24.26
C ARG D 275 55.37 6.69 24.91
N MET D 276 54.33 6.68 24.07
CA MET D 276 52.96 6.75 24.53
C MET D 276 52.52 5.46 25.20
N SER D 277 51.90 5.58 26.36
CA SER D 277 51.42 4.44 27.13
C SER D 277 50.18 3.84 26.50
N LEU D 278 49.89 2.59 26.84
CA LEU D 278 48.69 1.91 26.37
C LEU D 278 47.47 2.61 26.98
N HIS D 279 47.61 3.02 28.24
CA HIS D 279 46.56 3.73 28.95
C HIS D 279 46.36 5.13 28.38
N GLU D 280 47.44 5.68 27.82
CA GLU D 280 47.40 7.02 27.25
C GLU D 280 46.82 7.07 25.84
N VAL D 281 47.37 6.25 24.94
CA VAL D 281 46.90 6.22 23.56
C VAL D 281 45.41 5.95 23.53
N CYS D 282 44.95 5.08 24.43
CA CYS D 282 43.53 4.80 24.61
C CYS D 282 42.79 6.10 24.89
N GLY D 283 43.27 6.85 25.87
CA GLY D 283 42.65 8.09 26.29
C GLY D 283 42.56 9.14 25.19
N MET D 284 43.54 9.12 24.29
CA MET D 284 43.57 10.06 23.18
C MET D 284 42.53 9.69 22.12
N ILE D 285 42.55 8.43 21.71
CA ILE D 285 41.61 7.92 20.71
C ILE D 285 40.18 8.23 21.12
N VAL D 286 39.93 8.21 22.42
CA VAL D 286 38.61 8.55 22.96
C VAL D 286 38.29 10.02 22.69
N ALA D 287 39.25 10.88 23.04
CA ALA D 287 39.06 12.33 22.91
C ALA D 287 38.86 12.76 21.46
N ALA D 288 39.73 12.28 20.59
CA ALA D 288 39.67 12.62 19.17
C ALA D 288 38.28 12.30 18.61
N MET D 289 37.75 11.15 19.00
CA MET D 289 36.44 10.70 18.56
C MET D 289 35.32 11.53 19.16
N PHE D 290 35.50 11.92 20.42
CA PHE D 290 34.50 12.73 21.13
C PHE D 290 34.22 14.02 20.38
N ALA D 291 35.25 14.82 20.20
CA ALA D 291 35.11 16.15 19.61
C ALA D 291 34.53 16.07 18.20
N GLY D 292 35.00 15.09 17.44
CA GLY D 292 34.69 15.03 16.01
C GLY D 292 33.27 14.60 15.70
N GLN D 293 32.82 13.52 16.33
CA GLN D 293 31.51 12.97 16.02
C GLN D 293 30.35 13.77 16.61
N HIS D 294 30.46 14.15 17.88
CA HIS D 294 29.37 14.84 18.56
C HIS D 294 29.14 16.25 18.04
N THR D 295 30.19 17.06 18.04
CA THR D 295 30.08 18.44 17.54
C THR D 295 29.86 18.46 16.03
N SER D 296 30.45 17.49 15.33
CA SER D 296 30.34 17.44 13.87
C SER D 296 28.95 17.03 13.42
N THR D 297 28.34 16.08 14.14
CA THR D 297 27.01 15.61 13.77
C THR D 297 25.97 16.70 14.01
N ILE D 298 26.07 17.37 15.14
CA ILE D 298 25.23 18.52 15.42
C ILE D 298 25.32 19.51 14.28
N THR D 299 26.56 19.84 13.90
CA THR D 299 26.83 20.79 12.84
C THR D 299 26.30 20.31 11.50
N THR D 300 26.45 19.02 11.24
CA THR D 300 25.97 18.43 10.00
C THR D 300 24.44 18.56 9.91
N SER D 301 23.78 18.35 11.04
CA SER D 301 22.32 18.41 11.10
C SER D 301 21.83 19.82 10.86
N TRP D 302 22.24 20.74 11.74
CA TRP D 302 21.89 22.15 11.60
C TRP D 302 22.01 22.60 10.15
N SER D 303 23.14 22.27 9.53
CA SER D 303 23.41 22.68 8.16
C SER D 303 22.32 22.21 7.20
N MET D 304 22.02 20.92 7.28
CA MET D 304 21.02 20.31 6.40
C MET D 304 19.64 20.88 6.68
N LEU D 305 19.30 21.00 7.95
CA LEU D 305 18.02 21.58 8.36
C LEU D 305 17.82 22.95 7.70
N HIS D 306 18.87 23.77 7.74
CA HIS D 306 18.81 25.11 7.18
C HIS D 306 18.69 25.10 5.66
N LEU D 307 19.35 24.14 5.03
CA LEU D 307 19.38 24.07 3.56
C LEU D 307 18.08 23.52 2.97
N MET D 308 17.36 22.71 3.75
CA MET D 308 16.15 22.05 3.25
C MET D 308 14.90 22.88 3.55
N HIS D 309 15.07 23.99 4.25
CA HIS D 309 13.95 24.87 4.57
C HIS D 309 13.54 25.62 3.30
N PRO D 310 12.26 26.02 3.21
CA PRO D 310 11.79 26.67 1.99
C PRO D 310 12.28 28.10 1.86
N LYS D 311 12.44 28.79 2.99
CA LYS D 311 12.92 30.17 2.99
C LYS D 311 14.35 30.26 2.45
N ASN D 312 15.05 29.14 2.49
CA ASN D 312 16.44 29.08 2.08
C ASN D 312 16.61 28.30 0.78
N LYS D 313 15.59 28.31 -0.07
CA LYS D 313 15.66 27.64 -1.35
C LYS D 313 16.68 28.34 -2.25
N LYS D 314 16.72 29.66 -2.15
CA LYS D 314 17.69 30.46 -2.90
C LYS D 314 19.11 30.02 -2.57
N TRP D 315 19.33 29.59 -1.33
CA TRP D 315 20.63 29.07 -0.92
C TRP D 315 20.82 27.64 -1.42
N LEU D 316 19.79 26.81 -1.25
CA LEU D 316 19.84 25.44 -1.73
C LEU D 316 20.15 25.40 -3.22
N ASP D 317 19.44 26.24 -3.98
CA ASP D 317 19.69 26.38 -5.41
C ASP D 317 21.18 26.66 -5.64
N LYS D 318 21.71 27.59 -4.86
CA LYS D 318 23.11 27.97 -4.96
C LYS D 318 24.05 26.81 -4.64
N LEU D 319 23.67 25.99 -3.66
CA LEU D 319 24.46 24.84 -3.25
C LEU D 319 24.57 23.82 -4.38
N HIS D 320 23.50 23.71 -5.17
CA HIS D 320 23.49 22.77 -6.30
C HIS D 320 24.37 23.28 -7.43
N LYS D 321 24.35 24.57 -7.69
CA LYS D 321 25.21 25.16 -8.72
C LYS D 321 26.67 24.81 -8.42
N GLU D 322 26.97 24.65 -7.13
CA GLU D 322 28.33 24.39 -6.68
C GLU D 322 28.74 22.92 -6.87
N ILE D 323 27.82 22.00 -6.61
CA ILE D 323 28.15 20.58 -6.57
C ILE D 323 27.68 19.78 -7.78
N ASP D 324 26.75 20.33 -8.55
CA ASP D 324 26.12 19.59 -9.65
C ASP D 324 27.07 19.23 -10.79
N GLU D 325 28.21 19.89 -10.87
CA GLU D 325 29.20 19.59 -11.91
C GLU D 325 30.28 18.63 -11.45
N PHE D 326 30.25 18.24 -10.17
CA PHE D 326 31.22 17.29 -9.65
C PHE D 326 30.95 15.89 -10.22
N PRO D 327 31.95 15.01 -10.13
CA PRO D 327 31.75 13.61 -10.49
C PRO D 327 31.19 12.83 -9.31
N ALA D 328 30.82 11.57 -9.55
CA ALA D 328 30.31 10.71 -8.49
C ALA D 328 31.38 10.51 -7.41
N GLN D 329 32.60 10.24 -7.85
CA GLN D 329 33.74 10.09 -6.95
C GLN D 329 34.39 11.43 -6.67
N LEU D 330 34.07 12.03 -5.52
CA LEU D 330 34.70 13.27 -5.11
C LEU D 330 36.13 13.01 -4.65
N ASN D 331 36.93 14.06 -4.61
CA ASN D 331 38.30 13.97 -4.15
C ASN D 331 38.64 15.12 -3.20
N TYR D 332 39.84 15.07 -2.63
CA TYR D 332 40.31 16.09 -1.70
C TYR D 332 40.18 17.50 -2.26
N ASP D 333 40.63 17.67 -3.51
CA ASP D 333 40.65 18.99 -4.13
C ASP D 333 39.24 19.55 -4.36
N ASN D 334 38.27 18.68 -4.59
CA ASN D 334 36.90 19.11 -4.80
C ASN D 334 36.30 19.74 -3.55
N VAL D 335 36.51 19.09 -2.41
CA VAL D 335 35.92 19.53 -1.15
C VAL D 335 36.63 20.76 -0.60
N MET D 336 37.95 20.77 -0.69
CA MET D 336 38.75 21.89 -0.18
C MET D 336 38.67 23.10 -1.11
N ASP D 337 39.16 22.92 -2.33
CA ASP D 337 39.33 24.03 -3.26
C ASP D 337 38.06 24.47 -3.97
N GLU D 338 37.11 23.55 -4.15
CA GLU D 338 35.96 23.82 -5.03
C GLU D 338 34.61 23.84 -4.33
N MET D 339 34.60 23.93 -3.00
CA MET D 339 33.35 24.06 -2.26
C MET D 339 33.41 25.18 -1.23
N PRO D 340 33.39 26.44 -1.71
CA PRO D 340 33.37 27.73 -0.99
C PRO D 340 32.05 28.12 -0.27
N PHE D 341 30.91 27.88 -0.92
CA PHE D 341 29.58 28.23 -0.42
C PHE D 341 29.13 27.19 0.60
N ALA D 342 29.43 25.92 0.32
CA ALA D 342 29.09 24.84 1.24
C ALA D 342 29.74 25.08 2.59
N GLU D 343 31.01 25.50 2.57
CA GLU D 343 31.72 25.85 3.80
C GLU D 343 31.05 27.03 4.48
N ARG D 344 30.63 28.01 3.69
CA ARG D 344 29.91 29.17 4.21
C ARG D 344 28.66 28.74 4.98
N CYS D 345 27.93 27.79 4.41
CA CYS D 345 26.73 27.26 5.04
C CYS D 345 27.07 26.55 6.35
N VAL D 346 28.14 25.77 6.32
CA VAL D 346 28.59 25.02 7.49
C VAL D 346 29.02 25.96 8.61
N ARG D 347 29.81 26.97 8.25
CA ARG D 347 30.32 27.92 9.24
C ARG D 347 29.19 28.74 9.85
N GLU D 348 28.30 29.25 9.01
CA GLU D 348 27.19 30.08 9.47
C GLU D 348 26.25 29.30 10.37
N SER D 349 26.16 27.99 10.13
CA SER D 349 25.36 27.11 10.97
C SER D 349 26.00 26.95 12.34
N ILE D 350 27.33 26.88 12.35
CA ILE D 350 28.10 26.85 13.60
C ILE D 350 28.09 28.22 14.26
N ARG D 351 27.86 29.25 13.43
CA ARG D 351 27.81 30.62 13.91
C ARG D 351 26.53 30.87 14.70
N ARG D 352 25.41 30.46 14.11
CA ARG D 352 24.09 30.68 14.70
C ARG D 352 23.89 29.88 15.98
N ASP D 353 24.21 28.61 15.94
CA ASP D 353 24.00 27.71 17.08
C ASP D 353 25.27 26.93 17.39
N PRO D 354 26.25 27.59 18.03
CA PRO D 354 27.53 26.97 18.35
C PRO D 354 27.41 25.78 19.29
N PRO D 355 27.91 24.61 18.87
CA PRO D 355 27.79 23.39 19.67
C PRO D 355 28.34 23.50 21.08
N LEU D 356 29.46 24.19 21.25
CA LEU D 356 30.03 24.42 22.57
C LEU D 356 29.73 25.84 23.02
N LEU D 357 28.87 25.97 24.03
CA LEU D 357 28.41 27.26 24.51
C LEU D 357 29.51 28.07 25.18
N MET D 358 30.16 27.45 26.15
CA MET D 358 31.06 28.15 27.06
C MET D 358 32.47 27.54 27.06
N VAL D 359 33.43 28.33 26.60
CA VAL D 359 34.85 28.02 26.78
C VAL D 359 35.27 28.66 28.10
N MET D 360 36.04 27.93 28.90
CA MET D 360 36.33 28.36 30.26
C MET D 360 37.81 28.21 30.64
N ARG D 361 38.23 29.01 31.61
CA ARG D 361 39.61 28.97 32.11
C ARG D 361 39.67 29.30 33.59
N MET D 362 40.56 28.63 34.31
CA MET D 362 40.83 28.99 35.69
C MET D 362 41.74 30.21 35.73
N VAL D 363 41.27 31.28 36.36
CA VAL D 363 42.05 32.51 36.48
C VAL D 363 43.14 32.32 37.53
N LYS D 364 44.32 31.89 37.10
CA LYS D 364 45.44 31.70 38.01
C LYS D 364 46.32 32.95 38.11
N ALA D 365 45.83 34.05 37.55
CA ALA D 365 46.50 35.34 37.67
C ALA D 365 45.61 36.46 37.14
N GLU D 366 45.73 37.64 37.73
CA GLU D 366 44.95 38.80 37.31
C GLU D 366 45.09 39.07 35.81
N VAL D 367 44.02 39.56 35.20
CA VAL D 367 44.04 39.94 33.79
C VAL D 367 43.09 41.10 33.52
N LYS D 368 43.57 42.07 32.74
CA LYS D 368 42.73 43.18 32.31
C LYS D 368 41.82 42.73 31.18
N VAL D 369 40.56 43.15 31.25
CA VAL D 369 39.58 42.84 30.21
C VAL D 369 38.73 44.08 29.96
N GLY D 370 39.24 44.96 29.10
CA GLY D 370 38.62 46.25 28.87
C GLY D 370 38.97 47.19 30.01
N SER D 371 37.96 47.88 30.53
CA SER D 371 38.16 48.81 31.64
C SER D 371 38.32 48.09 32.98
N TYR D 372 37.83 46.86 33.05
CA TYR D 372 37.81 46.11 34.31
C TYR D 372 39.05 45.23 34.49
N VAL D 373 39.12 44.60 35.66
CA VAL D 373 40.13 43.59 35.96
C VAL D 373 39.44 42.35 36.50
N VAL D 374 39.89 41.18 36.07
CA VAL D 374 39.40 39.91 36.58
C VAL D 374 40.47 39.31 37.49
N PRO D 375 40.08 38.98 38.74
CA PRO D 375 41.04 38.60 39.77
C PRO D 375 41.36 37.10 39.79
N LYS D 376 42.48 36.78 40.45
CA LYS D 376 42.92 35.40 40.61
C LYS D 376 41.83 34.58 41.31
N GLY D 377 41.73 33.31 40.92
CA GLY D 377 40.78 32.39 41.55
C GLY D 377 39.45 32.27 40.84
N ASP D 378 39.18 33.21 39.94
CA ASP D 378 37.91 33.22 39.20
C ASP D 378 37.87 32.16 38.11
N ILE D 379 36.66 31.83 37.69
CA ILE D 379 36.44 31.11 36.43
C ILE D 379 36.10 32.15 35.38
N ILE D 380 37.06 32.47 34.53
CA ILE D 380 36.78 33.35 33.40
C ILE D 380 36.36 32.50 32.21
N ALA D 381 35.28 32.92 31.57
CA ALA D 381 34.73 32.16 30.44
C ALA D 381 34.35 33.09 29.30
N CYS D 382 34.27 32.51 28.10
CA CYS D 382 33.87 33.25 26.91
C CYS D 382 32.91 32.39 26.09
N SER D 383 31.74 32.94 25.81
CA SER D 383 30.67 32.19 25.18
C SER D 383 30.55 32.45 23.68
N PRO D 384 30.85 31.42 22.86
CA PRO D 384 30.49 31.49 21.45
C PRO D 384 29.02 31.83 21.27
N LEU D 385 28.15 31.23 22.07
CA LEU D 385 26.72 31.48 21.99
C LEU D 385 26.44 32.97 22.13
N LEU D 386 26.92 33.56 23.23
CA LEU D 386 26.69 34.97 23.51
C LEU D 386 27.30 35.86 22.42
N SER D 387 28.58 35.66 22.15
CA SER D 387 29.32 36.51 21.21
C SER D 387 28.73 36.46 19.80
N HIS D 388 28.29 35.28 19.37
CA HIS D 388 27.71 35.12 18.04
C HIS D 388 26.36 35.83 17.94
N HIS D 389 25.82 36.25 19.08
CA HIS D 389 24.53 36.94 19.11
C HIS D 389 24.68 38.39 19.53
N ASP D 390 25.91 38.88 19.57
CA ASP D 390 26.17 40.30 19.74
C ASP D 390 25.65 41.04 18.52
N GLU D 391 25.01 42.18 18.74
CA GLU D 391 24.31 42.89 17.68
C GLU D 391 25.27 43.60 16.71
N GLU D 392 26.34 44.16 17.25
CA GLU D 392 27.31 44.90 16.44
C GLU D 392 28.04 43.94 15.50
N ALA D 393 28.47 42.81 16.03
CA ALA D 393 29.22 41.82 15.26
C ALA D 393 28.33 41.11 14.25
N PHE D 394 27.17 40.66 14.72
CA PHE D 394 26.24 39.91 13.87
C PHE D 394 24.82 40.48 14.01
N PRO D 395 24.40 41.31 13.05
CA PRO D 395 23.07 41.90 13.08
C PRO D 395 21.98 40.90 12.73
N ASN D 396 20.85 40.99 13.42
CA ASN D 396 19.77 40.02 13.30
C ASN D 396 20.35 38.62 13.42
N PRO D 397 20.98 38.32 14.56
CA PRO D 397 21.80 37.12 14.73
C PRO D 397 21.07 35.79 14.55
N ARG D 398 19.75 35.80 14.70
CA ARG D 398 18.98 34.57 14.55
C ARG D 398 18.69 34.25 13.08
N LEU D 399 19.08 35.15 12.18
CA LEU D 399 18.92 34.90 10.75
C LEU D 399 20.10 34.10 10.21
N TRP D 400 19.82 32.91 9.72
CA TRP D 400 20.84 32.08 9.08
C TRP D 400 21.16 32.63 7.69
N ASP D 401 22.20 33.44 7.61
CA ASP D 401 22.63 34.04 6.35
C ASP D 401 24.07 33.60 6.06
N PRO D 402 24.23 32.61 5.17
CA PRO D 402 25.54 32.02 4.91
C PRO D 402 26.54 32.98 4.26
N GLU D 403 26.05 34.05 3.64
CA GLU D 403 26.93 35.00 2.97
C GLU D 403 27.21 36.23 3.82
N ARG D 404 26.81 36.19 5.09
CA ARG D 404 27.13 37.24 6.03
C ARG D 404 28.60 37.14 6.42
N ASP D 405 29.10 38.17 7.11
CA ASP D 405 30.48 38.17 7.60
C ASP D 405 30.57 38.91 8.93
N GLU D 406 31.52 38.51 9.76
CA GLU D 406 31.68 39.10 11.08
C GLU D 406 32.04 40.59 10.98
N LYS D 407 31.09 41.44 11.37
CA LYS D 407 31.26 42.88 11.29
C LYS D 407 32.27 43.38 12.33
N VAL D 408 32.53 42.57 13.34
CA VAL D 408 33.64 42.78 14.25
C VAL D 408 34.66 41.67 14.04
N ASP D 409 35.93 42.05 13.86
CA ASP D 409 36.97 41.05 13.63
C ASP D 409 37.21 40.19 14.86
N GLY D 410 37.24 38.88 14.64
CA GLY D 410 37.47 37.90 15.70
C GLY D 410 36.24 37.63 16.55
N ALA D 411 35.08 38.05 16.06
CA ALA D 411 33.83 37.86 16.78
C ALA D 411 33.45 36.38 16.81
N PHE D 412 33.41 35.77 15.62
CA PHE D 412 33.18 34.34 15.50
C PHE D 412 34.27 33.56 16.24
N ILE D 413 33.86 32.73 17.19
CA ILE D 413 34.77 31.89 17.95
C ILE D 413 34.23 30.46 18.03
N GLY D 414 33.45 30.08 17.03
CA GLY D 414 32.85 28.75 16.97
C GLY D 414 33.84 27.63 17.25
N PHE D 415 35.03 27.77 16.69
CA PHE D 415 36.10 26.78 16.90
C PHE D 415 37.13 27.28 17.91
N GLY D 416 36.74 28.28 18.70
CA GLY D 416 37.65 28.88 19.67
C GLY D 416 38.73 29.67 18.97
N ALA D 417 39.85 29.87 19.66
CA ALA D 417 40.96 30.64 19.12
C ALA D 417 42.13 30.65 20.08
N GLY D 418 43.21 31.31 19.68
CA GLY D 418 44.37 31.49 20.55
C GLY D 418 45.15 30.21 20.78
N VAL D 419 45.65 30.05 22.00
CA VAL D 419 46.51 28.94 22.35
C VAL D 419 45.81 27.58 22.27
N HIS D 420 44.50 27.54 22.47
CA HIS D 420 43.79 26.25 22.44
C HIS D 420 42.86 26.04 21.28
N LYS D 421 43.07 26.76 20.21
CA LYS D 421 42.16 26.69 19.06
C LYS D 421 41.98 25.25 18.56
N CYS D 422 40.77 24.94 18.13
CA CYS D 422 40.43 23.59 17.70
C CYS D 422 41.38 23.09 16.62
N ILE D 423 41.94 21.91 16.84
CA ILE D 423 42.90 21.33 15.91
C ILE D 423 42.24 20.34 14.95
N GLY D 424 40.92 20.18 15.09
CA GLY D 424 40.16 19.27 14.23
C GLY D 424 39.30 19.98 13.23
N GLN D 425 39.46 21.31 13.16
CA GLN D 425 38.63 22.16 12.32
C GLN D 425 38.61 21.73 10.86
N LYS D 426 39.79 21.44 10.30
CA LYS D 426 39.87 21.00 8.91
C LYS D 426 39.04 19.75 8.68
N PHE D 427 39.30 18.72 9.49
CA PHE D 427 38.64 17.43 9.35
C PHE D 427 37.13 17.56 9.53
N ALA D 428 36.73 18.32 10.53
CA ALA D 428 35.32 18.57 10.82
C ALA D 428 34.61 19.14 9.60
N LEU D 429 35.19 20.19 9.03
CA LEU D 429 34.65 20.85 7.85
C LEU D 429 34.70 19.93 6.63
N LEU D 430 35.73 19.08 6.56
CA LEU D 430 35.85 18.11 5.48
C LEU D 430 34.73 17.08 5.57
N GLN D 431 34.57 16.49 6.75
CA GLN D 431 33.49 15.55 7.02
C GLN D 431 32.14 16.12 6.55
N VAL D 432 31.76 17.23 7.17
CA VAL D 432 30.45 17.84 6.96
C VAL D 432 30.21 18.19 5.50
N LYS D 433 31.15 18.92 4.90
CA LYS D 433 31.01 19.36 3.52
C LYS D 433 30.87 18.17 2.58
N THR D 434 31.66 17.13 2.82
CA THR D 434 31.58 15.91 2.02
C THR D 434 30.20 15.29 2.15
N ILE D 435 29.75 15.13 3.39
CA ILE D 435 28.42 14.57 3.67
C ILE D 435 27.35 15.33 2.90
N LEU D 436 27.31 16.65 3.11
CA LEU D 436 26.35 17.52 2.43
C LEU D 436 26.38 17.27 0.92
N ALA D 437 27.58 17.19 0.36
CA ALA D 437 27.75 17.00 -1.07
C ALA D 437 27.19 15.64 -1.51
N THR D 438 27.51 14.60 -0.75
CA THR D 438 27.10 13.25 -1.10
C THR D 438 25.60 13.06 -0.95
N ALA D 439 25.02 13.65 0.10
CA ALA D 439 23.61 13.50 0.40
C ALA D 439 22.72 14.29 -0.54
N PHE D 440 22.95 15.60 -0.62
CA PHE D 440 22.09 16.48 -1.43
C PHE D 440 22.18 16.18 -2.92
N ARG D 441 23.25 15.51 -3.33
CA ARG D 441 23.38 15.10 -4.73
C ARG D 441 22.37 14.02 -5.07
N GLU D 442 22.12 13.14 -4.11
CA GLU D 442 21.34 11.93 -4.36
C GLU D 442 20.06 11.85 -3.53
N TYR D 443 19.60 13.00 -3.04
CA TYR D 443 18.37 13.06 -2.27
C TYR D 443 17.78 14.46 -2.21
N ASP D 444 16.53 14.52 -1.77
CA ASP D 444 15.87 15.78 -1.45
C ASP D 444 15.19 15.63 -0.09
N PHE D 445 15.20 16.70 0.70
CA PHE D 445 14.72 16.61 2.07
C PHE D 445 13.61 17.62 2.36
N GLN D 446 12.60 17.16 3.09
CA GLN D 446 11.44 17.98 3.44
C GLN D 446 11.27 18.01 4.95
N LEU D 447 11.54 19.19 5.54
CA LEU D 447 11.46 19.36 6.98
C LEU D 447 10.00 19.41 7.41
N LEU D 448 9.57 18.41 8.19
CA LEU D 448 8.15 18.35 8.58
C LEU D 448 7.86 19.30 9.74
N ARG D 449 7.95 20.58 9.42
CA ARG D 449 7.67 21.66 10.36
C ARG D 449 7.58 22.99 9.62
N ASP D 450 6.94 23.96 10.26
CA ASP D 450 6.85 25.30 9.70
C ASP D 450 8.19 26.03 9.84
N GLU D 451 8.76 25.95 11.04
CA GLU D 451 10.02 26.61 11.34
C GLU D 451 11.13 25.60 11.66
N VAL D 452 12.36 26.09 11.74
CA VAL D 452 13.51 25.27 12.09
C VAL D 452 13.53 24.96 13.58
N PRO D 453 14.06 23.78 13.95
CA PRO D 453 14.11 23.34 15.33
C PRO D 453 14.70 24.36 16.31
N ASP D 454 14.25 24.28 17.56
CA ASP D 454 14.81 25.11 18.62
C ASP D 454 16.12 24.51 19.12
N PRO D 455 17.02 25.34 19.65
CA PRO D 455 18.20 24.76 20.28
C PRO D 455 17.87 24.17 21.66
N ASP D 456 18.16 22.88 21.82
CA ASP D 456 17.91 22.19 23.08
C ASP D 456 19.10 22.39 24.02
N TYR D 457 19.00 23.40 24.88
CA TYR D 457 20.11 23.75 25.76
C TYR D 457 20.20 22.88 27.02
N HIS D 458 19.41 21.82 27.08
CA HIS D 458 19.49 20.89 28.19
C HIS D 458 20.87 20.24 28.21
N THR D 459 21.24 19.71 27.05
CA THR D 459 22.46 18.95 26.83
C THR D 459 23.74 19.73 26.99
N MET D 460 24.80 19.01 27.33
CA MET D 460 26.11 19.60 27.52
C MET D 460 26.59 20.17 26.20
N VAL D 461 26.38 19.43 25.13
CA VAL D 461 26.76 19.86 23.80
C VAL D 461 25.45 20.30 23.22
N VAL D 462 25.34 21.54 22.75
CA VAL D 462 24.02 21.95 22.23
C VAL D 462 23.78 21.58 20.77
N GLY D 463 22.56 21.15 20.50
CA GLY D 463 22.14 20.77 19.15
C GLY D 463 20.64 20.94 18.99
N PRO D 464 20.13 20.74 17.77
CA PRO D 464 18.70 20.92 17.56
C PRO D 464 17.86 19.95 18.39
N THR D 465 16.67 20.38 18.79
CA THR D 465 15.81 19.58 19.65
C THR D 465 15.45 18.27 18.98
N LEU D 466 15.75 17.17 19.66
CA LEU D 466 15.64 15.82 19.12
C LEU D 466 14.30 15.51 18.45
N ASN D 467 13.21 15.78 19.18
CA ASN D 467 11.87 15.41 18.73
C ASN D 467 11.34 16.30 17.62
N GLN D 468 12.04 17.39 17.33
CA GLN D 468 11.61 18.33 16.30
C GLN D 468 12.29 18.05 14.96
N CYS D 469 13.16 17.05 14.94
CA CYS D 469 14.06 16.83 13.82
C CYS D 469 13.58 15.79 12.81
N LEU D 470 12.29 15.51 12.82
CA LEU D 470 11.72 14.53 11.89
C LEU D 470 11.66 15.10 10.48
N VAL D 471 12.10 14.30 9.51
CA VAL D 471 12.29 14.78 8.15
C VAL D 471 11.96 13.69 7.13
N LYS D 472 11.22 14.07 6.09
CA LYS D 472 10.94 13.17 4.98
C LYS D 472 12.06 13.24 3.94
N TYR D 473 12.67 12.08 3.66
CA TYR D 473 13.67 11.99 2.62
C TYR D 473 13.01 11.56 1.31
N THR D 474 13.57 12.01 0.20
CA THR D 474 13.01 11.70 -1.11
C THR D 474 14.15 11.46 -2.11
N ARG D 475 14.24 10.22 -2.59
CA ARG D 475 15.32 9.84 -3.49
C ARG D 475 15.25 10.59 -4.82
N LYS D 476 16.42 10.97 -5.32
CA LYS D 476 16.51 11.66 -6.60
C LYS D 476 16.72 10.65 -7.74
N LYS D 477 16.03 10.89 -8.85
CA LYS D 477 16.28 10.13 -10.08
C LYS D 477 16.17 11.05 -11.29
N LYS D 478 17.27 11.18 -12.01
CA LYS D 478 17.37 12.13 -13.12
C LYS D 478 16.46 11.72 -14.28
#